data_6IW3
# 
_entry.id   6IW3 
# 
_audit_conform.dict_name       mmcif_pdbx.dic 
_audit_conform.dict_version    5.380 
_audit_conform.dict_location   http://mmcif.pdb.org/dictionaries/ascii/mmcif_pdbx.dic 
# 
loop_
_database_2.database_id 
_database_2.database_code 
_database_2.pdbx_database_accession 
_database_2.pdbx_DOI 
PDB   6IW3         pdb_00006iw3 10.2210/pdb6iw3/pdb 
WWPDB D_1300010047 ?            ?                   
# 
_pdbx_database_status.status_code                     REL 
_pdbx_database_status.status_code_sf                  REL 
_pdbx_database_status.status_code_mr                  ? 
_pdbx_database_status.entry_id                        6IW3 
_pdbx_database_status.recvd_initial_deposition_date   2018-12-04 
_pdbx_database_status.SG_entry                        N 
_pdbx_database_status.deposit_site                    PDBJ 
_pdbx_database_status.process_site                    PDBJ 
_pdbx_database_status.status_code_cs                  ? 
_pdbx_database_status.methods_development_category    ? 
_pdbx_database_status.pdb_format_compatible           Y 
_pdbx_database_status.status_code_nmr_data            ? 
# 
loop_
_audit_author.name 
_audit_author.pdbx_ordinal 
_audit_author.identifier_ORCID 
'Yamanishi, K.' 1 ? 
'Shibata, N.'   2 ? 
# 
_citation.abstract                  ? 
_citation.abstract_id_CAS           ? 
_citation.book_id_ISBN              ? 
_citation.book_publisher            ? 
_citation.book_publisher_city       ? 
_citation.book_title                ? 
_citation.coordinate_linkage        ? 
_citation.country                   US 
_citation.database_id_Medline       ? 
_citation.details                   ? 
_citation.id                        primary 
_citation.journal_abbrev            'Acta Crystallogr F Struct Biol Commun' 
_citation.journal_id_ASTM           ACSFEN 
_citation.journal_id_CSD            ? 
_citation.journal_id_ISSN           2053-230X 
_citation.journal_full              ? 
_citation.journal_issue             ? 
_citation.journal_volume            75 
_citation.language                  ? 
_citation.page_first                116 
_citation.page_last                 122 
_citation.title                     'High-resolution structure of a Y27W mutant of the Dishevelled2 DIX domain.' 
_citation.year                      2019 
_citation.database_id_CSD           ? 
_citation.pdbx_database_id_DOI      10.1107/S2053230X18018290 
_citation.pdbx_database_id_PubMed   30713163 
_citation.unpublished_flag          ? 
# 
loop_
_citation_author.citation_id 
_citation_author.name 
_citation_author.ordinal 
_citation_author.identifier_ORCID 
primary 'Yamanishi, K.'  1 ?                   
primary 'Sin, Y.'        2 ?                   
primary 'Terawaki, S.I.' 3 0000-0002-2859-0589 
primary 'Higuchi, Y.'    4 ?                   
primary 'Shibata, N.'    5 ?                   
# 
_cell.angle_alpha                  90.000 
_cell.angle_alpha_esd              ? 
_cell.angle_beta                   90.000 
_cell.angle_beta_esd               ? 
_cell.angle_gamma                  120.000 
_cell.angle_gamma_esd              ? 
_cell.entry_id                     6IW3 
_cell.details                      ? 
_cell.formula_units_Z              ? 
_cell.length_a                     44.470 
_cell.length_a_esd                 ? 
_cell.length_b                     44.470 
_cell.length_b_esd                 ? 
_cell.length_c                     87.650 
_cell.length_c_esd                 ? 
_cell.volume                       150112.484 
_cell.volume_esd                   ? 
_cell.Z_PDB                        6 
_cell.reciprocal_angle_alpha       ? 
_cell.reciprocal_angle_beta        ? 
_cell.reciprocal_angle_gamma       ? 
_cell.reciprocal_angle_alpha_esd   ? 
_cell.reciprocal_angle_beta_esd    ? 
_cell.reciprocal_angle_gamma_esd   ? 
_cell.reciprocal_length_a          ? 
_cell.reciprocal_length_b          ? 
_cell.reciprocal_length_c          ? 
_cell.reciprocal_length_a_esd      ? 
_cell.reciprocal_length_b_esd      ? 
_cell.reciprocal_length_c_esd      ? 
_cell.pdbx_unique_axis             ? 
# 
_symmetry.entry_id                         6IW3 
_symmetry.cell_setting                     ? 
_symmetry.Int_Tables_number                169 
_symmetry.space_group_name_Hall            'P 61' 
_symmetry.space_group_name_H-M             'P 61' 
_symmetry.pdbx_full_space_group_name_H-M   ? 
# 
loop_
_entity.id 
_entity.type 
_entity.src_method 
_entity.pdbx_description 
_entity.formula_weight 
_entity.pdbx_number_of_molecules 
_entity.pdbx_ec 
_entity.pdbx_mutation 
_entity.pdbx_fragment 
_entity.details 
1 polymer man 'Segment polarity protein dishevelled homolog DVL-2' 9311.475 1  ? 'Y27W, C80S' DIX-domain ? 
2 water   nat water                                                18.015   59 ? ?            ?          ? 
# 
_entity_name_com.entity_id   1 
_entity_name_com.name        'Dishevelled-2,DSH homolog 2' 
# 
_entity_poly.entity_id                      1 
_entity_poly.type                           'polypeptide(L)' 
_entity_poly.nstd_linkage                   no 
_entity_poly.nstd_monomer                   no 
_entity_poly.pdbx_seq_one_letter_code       
;GETKVIYHLDEEETPWLVKIPVPAERITLGDFKSVLQRPAGAKYFFKSMDQDFGVVKEEISDDNARLPSFNGRVVSWLVS
SD
;
_entity_poly.pdbx_seq_one_letter_code_can   
;GETKVIYHLDEEETPWLVKIPVPAERITLGDFKSVLQRPAGAKYFFKSMDQDFGVVKEEISDDNARLPSFNGRVVSWLVS
SD
;
_entity_poly.pdbx_strand_id                 A 
_entity_poly.pdbx_target_identifier         ? 
# 
loop_
_entity_poly_seq.entity_id 
_entity_poly_seq.num 
_entity_poly_seq.mon_id 
_entity_poly_seq.hetero 
1 1  GLY n 
1 2  GLU n 
1 3  THR n 
1 4  LYS n 
1 5  VAL n 
1 6  ILE n 
1 7  TYR n 
1 8  HIS n 
1 9  LEU n 
1 10 ASP n 
1 11 GLU n 
1 12 GLU n 
1 13 GLU n 
1 14 THR n 
1 15 PRO n 
1 16 TRP n 
1 17 LEU n 
1 18 VAL n 
1 19 LYS n 
1 20 ILE n 
1 21 PRO n 
1 22 VAL n 
1 23 PRO n 
1 24 ALA n 
1 25 GLU n 
1 26 ARG n 
1 27 ILE n 
1 28 THR n 
1 29 LEU n 
1 30 GLY n 
1 31 ASP n 
1 32 PHE n 
1 33 LYS n 
1 34 SER n 
1 35 VAL n 
1 36 LEU n 
1 37 GLN n 
1 38 ARG n 
1 39 PRO n 
1 40 ALA n 
1 41 GLY n 
1 42 ALA n 
1 43 LYS n 
1 44 TYR n 
1 45 PHE n 
1 46 PHE n 
1 47 LYS n 
1 48 SER n 
1 49 MET n 
1 50 ASP n 
1 51 GLN n 
1 52 ASP n 
1 53 PHE n 
1 54 GLY n 
1 55 VAL n 
1 56 VAL n 
1 57 LYS n 
1 58 GLU n 
1 59 GLU n 
1 60 ILE n 
1 61 SER n 
1 62 ASP n 
1 63 ASP n 
1 64 ASN n 
1 65 ALA n 
1 66 ARG n 
1 67 LEU n 
1 68 PRO n 
1 69 SER n 
1 70 PHE n 
1 71 ASN n 
1 72 GLY n 
1 73 ARG n 
1 74 VAL n 
1 75 VAL n 
1 76 SER n 
1 77 TRP n 
1 78 LEU n 
1 79 VAL n 
1 80 SER n 
1 81 SER n 
1 82 ASP n 
# 
_entity_src_gen.entity_id                          1 
_entity_src_gen.pdbx_src_id                        1 
_entity_src_gen.pdbx_alt_source_flag               sample 
_entity_src_gen.pdbx_seq_type                      'Biological sequence' 
_entity_src_gen.pdbx_beg_seq_num                   1 
_entity_src_gen.pdbx_end_seq_num                   82 
_entity_src_gen.gene_src_common_name               Human 
_entity_src_gen.gene_src_genus                     ? 
_entity_src_gen.pdbx_gene_src_gene                 DVL2 
_entity_src_gen.gene_src_species                   ? 
_entity_src_gen.gene_src_strain                    ? 
_entity_src_gen.gene_src_tissue                    ? 
_entity_src_gen.gene_src_tissue_fraction           ? 
_entity_src_gen.gene_src_details                   ? 
_entity_src_gen.pdbx_gene_src_fragment             ? 
_entity_src_gen.pdbx_gene_src_scientific_name      'Homo sapiens' 
_entity_src_gen.pdbx_gene_src_ncbi_taxonomy_id     9606 
_entity_src_gen.pdbx_gene_src_variant              ? 
_entity_src_gen.pdbx_gene_src_cell_line            ? 
_entity_src_gen.pdbx_gene_src_atcc                 ? 
_entity_src_gen.pdbx_gene_src_organ                ? 
_entity_src_gen.pdbx_gene_src_organelle            ? 
_entity_src_gen.pdbx_gene_src_cell                 ? 
_entity_src_gen.pdbx_gene_src_cellular_location    ? 
_entity_src_gen.host_org_common_name               ? 
_entity_src_gen.pdbx_host_org_scientific_name      'Escherichia coli' 
_entity_src_gen.pdbx_host_org_ncbi_taxonomy_id     562 
_entity_src_gen.host_org_genus                     ? 
_entity_src_gen.pdbx_host_org_gene                 ? 
_entity_src_gen.pdbx_host_org_organ                ? 
_entity_src_gen.host_org_species                   ? 
_entity_src_gen.pdbx_host_org_tissue               ? 
_entity_src_gen.pdbx_host_org_tissue_fraction      ? 
_entity_src_gen.pdbx_host_org_strain               ? 
_entity_src_gen.pdbx_host_org_variant              ? 
_entity_src_gen.pdbx_host_org_cell_line            ? 
_entity_src_gen.pdbx_host_org_atcc                 ? 
_entity_src_gen.pdbx_host_org_culture_collection   ? 
_entity_src_gen.pdbx_host_org_cell                 ? 
_entity_src_gen.pdbx_host_org_organelle            ? 
_entity_src_gen.pdbx_host_org_cellular_location    ? 
_entity_src_gen.pdbx_host_org_vector_type          ? 
_entity_src_gen.pdbx_host_org_vector               ? 
_entity_src_gen.host_org_details                   ? 
_entity_src_gen.expression_system_id               ? 
_entity_src_gen.plasmid_name                       ? 
_entity_src_gen.plasmid_details                    ? 
_entity_src_gen.pdbx_description                   ? 
# 
_struct_ref.id                         1 
_struct_ref.db_name                    UNP 
_struct_ref.db_code                    DVL2_HUMAN 
_struct_ref.pdbx_db_accession          O14641 
_struct_ref.pdbx_db_isoform            ? 
_struct_ref.entity_id                  1 
_struct_ref.pdbx_seq_one_letter_code   
;GETKVIYHLDEEETPYLVKIPVPAERITLGDFKSVLQRPAGAKYFFKSMDQDFGVVKEEISDDNARLPCFNGRVVSWLVS
SD
;
_struct_ref.pdbx_align_begin           12 
# 
_struct_ref_seq.align_id                      1 
_struct_ref_seq.ref_id                        1 
_struct_ref_seq.pdbx_PDB_id_code              6IW3 
_struct_ref_seq.pdbx_strand_id                A 
_struct_ref_seq.seq_align_beg                 1 
_struct_ref_seq.pdbx_seq_align_beg_ins_code   ? 
_struct_ref_seq.seq_align_end                 82 
_struct_ref_seq.pdbx_seq_align_end_ins_code   ? 
_struct_ref_seq.pdbx_db_accession             O14641 
_struct_ref_seq.db_align_beg                  12 
_struct_ref_seq.pdbx_db_align_beg_ins_code    ? 
_struct_ref_seq.db_align_end                  93 
_struct_ref_seq.pdbx_db_align_end_ins_code    ? 
_struct_ref_seq.pdbx_auth_seq_align_beg       12 
_struct_ref_seq.pdbx_auth_seq_align_end       93 
# 
loop_
_struct_ref_seq_dif.align_id 
_struct_ref_seq_dif.pdbx_pdb_id_code 
_struct_ref_seq_dif.mon_id 
_struct_ref_seq_dif.pdbx_pdb_strand_id 
_struct_ref_seq_dif.seq_num 
_struct_ref_seq_dif.pdbx_pdb_ins_code 
_struct_ref_seq_dif.pdbx_seq_db_name 
_struct_ref_seq_dif.pdbx_seq_db_accession_code 
_struct_ref_seq_dif.db_mon_id 
_struct_ref_seq_dif.pdbx_seq_db_seq_num 
_struct_ref_seq_dif.details 
_struct_ref_seq_dif.pdbx_auth_seq_num 
_struct_ref_seq_dif.pdbx_ordinal 
1 6IW3 TRP A 16 ? UNP O14641 TYR 27 'engineered mutation' 27 1 
1 6IW3 SER A 69 ? UNP O14641 CYS 80 'engineered mutation' 80 2 
# 
loop_
_chem_comp.id 
_chem_comp.type 
_chem_comp.mon_nstd_flag 
_chem_comp.name 
_chem_comp.pdbx_synonyms 
_chem_comp.formula 
_chem_comp.formula_weight 
ALA 'L-peptide linking' y ALANINE         ? 'C3 H7 N O2'     89.093  
ARG 'L-peptide linking' y ARGININE        ? 'C6 H15 N4 O2 1' 175.209 
ASN 'L-peptide linking' y ASPARAGINE      ? 'C4 H8 N2 O3'    132.118 
ASP 'L-peptide linking' y 'ASPARTIC ACID' ? 'C4 H7 N O4'     133.103 
CYS 'L-peptide linking' y CYSTEINE        ? 'C3 H7 N O2 S'   121.158 
GLN 'L-peptide linking' y GLUTAMINE       ? 'C5 H10 N2 O3'   146.144 
GLU 'L-peptide linking' y 'GLUTAMIC ACID' ? 'C5 H9 N O4'     147.129 
GLY 'peptide linking'   y GLYCINE         ? 'C2 H5 N O2'     75.067  
HIS 'L-peptide linking' y HISTIDINE       ? 'C6 H10 N3 O2 1' 156.162 
HOH non-polymer         . WATER           ? 'H2 O'           18.015  
ILE 'L-peptide linking' y ISOLEUCINE      ? 'C6 H13 N O2'    131.173 
LEU 'L-peptide linking' y LEUCINE         ? 'C6 H13 N O2'    131.173 
LYS 'L-peptide linking' y LYSINE          ? 'C6 H15 N2 O2 1' 147.195 
MET 'L-peptide linking' y METHIONINE      ? 'C5 H11 N O2 S'  149.211 
PHE 'L-peptide linking' y PHENYLALANINE   ? 'C9 H11 N O2'    165.189 
PRO 'L-peptide linking' y PROLINE         ? 'C5 H9 N O2'     115.130 
SER 'L-peptide linking' y SERINE          ? 'C3 H7 N O3'     105.093 
THR 'L-peptide linking' y THREONINE       ? 'C4 H9 N O3'     119.119 
TRP 'L-peptide linking' y TRYPTOPHAN      ? 'C11 H12 N2 O2'  204.225 
TYR 'L-peptide linking' y TYROSINE        ? 'C9 H11 N O3'    181.189 
VAL 'L-peptide linking' y VALINE          ? 'C5 H11 N O2'    117.146 
# 
_exptl.absorpt_coefficient_mu     ? 
_exptl.absorpt_correction_T_max   ? 
_exptl.absorpt_correction_T_min   ? 
_exptl.absorpt_correction_type    ? 
_exptl.absorpt_process_details    ? 
_exptl.entry_id                   6IW3 
_exptl.crystals_number            1 
_exptl.details                    ? 
_exptl.method                     'X-RAY DIFFRACTION' 
_exptl.method_details             ? 
# 
_exptl_crystal.colour                      ? 
_exptl_crystal.density_diffrn              ? 
_exptl_crystal.density_Matthews            2.72 
_exptl_crystal.density_method              ? 
_exptl_crystal.density_percent_sol         54.79 
_exptl_crystal.description                 ? 
_exptl_crystal.F_000                       ? 
_exptl_crystal.id                          1 
_exptl_crystal.preparation                 ? 
_exptl_crystal.size_max                    ? 
_exptl_crystal.size_mid                    ? 
_exptl_crystal.size_min                    ? 
_exptl_crystal.size_rad                    ? 
_exptl_crystal.colour_lustre               ? 
_exptl_crystal.colour_modifier             ? 
_exptl_crystal.colour_primary              ? 
_exptl_crystal.density_meas                ? 
_exptl_crystal.density_meas_esd            ? 
_exptl_crystal.density_meas_gt             ? 
_exptl_crystal.density_meas_lt             ? 
_exptl_crystal.density_meas_temp           ? 
_exptl_crystal.density_meas_temp_esd       ? 
_exptl_crystal.density_meas_temp_gt        ? 
_exptl_crystal.density_meas_temp_lt        ? 
_exptl_crystal.pdbx_crystal_image_url      ? 
_exptl_crystal.pdbx_crystal_image_format   ? 
_exptl_crystal.pdbx_mosaicity              ? 
_exptl_crystal.pdbx_mosaicity_esd          ? 
# 
_exptl_crystal_grow.apparatus       ? 
_exptl_crystal_grow.atmosphere      ? 
_exptl_crystal_grow.crystal_id      1 
_exptl_crystal_grow.details         ? 
_exptl_crystal_grow.method          'VAPOR DIFFUSION, SITTING DROP' 
_exptl_crystal_grow.method_ref      ? 
_exptl_crystal_grow.pH              8.0 
_exptl_crystal_grow.pressure        ? 
_exptl_crystal_grow.pressure_esd    ? 
_exptl_crystal_grow.seeding         ? 
_exptl_crystal_grow.seeding_ref     ? 
_exptl_crystal_grow.temp            277 
_exptl_crystal_grow.temp_details    ? 
_exptl_crystal_grow.temp_esd        ? 
_exptl_crystal_grow.time            ? 
_exptl_crystal_grow.pdbx_details    '20% (w/v) PEG 6000, Tris-HCl pH 8.0, 200 mM lithium chloride' 
_exptl_crystal_grow.pdbx_pH_range   ? 
# 
_diffrn.ambient_environment              ? 
_diffrn.ambient_temp                     100 
_diffrn.ambient_temp_details             ? 
_diffrn.ambient_temp_esd                 ? 
_diffrn.crystal_id                       1 
_diffrn.crystal_support                  ? 
_diffrn.crystal_treatment                ? 
_diffrn.details                          ? 
_diffrn.id                               1 
_diffrn.ambient_pressure                 ? 
_diffrn.ambient_pressure_esd             ? 
_diffrn.ambient_pressure_gt              ? 
_diffrn.ambient_pressure_lt              ? 
_diffrn.ambient_temp_gt                  ? 
_diffrn.ambient_temp_lt                  ? 
_diffrn.pdbx_serial_crystal_experiment   N 
# 
_diffrn_detector.details                      ? 
_diffrn_detector.detector                     CCD 
_diffrn_detector.diffrn_id                    1 
_diffrn_detector.type                         'RAYONIX MX225HE' 
_diffrn_detector.area_resol_mean              ? 
_diffrn_detector.dtime                        ? 
_diffrn_detector.pdbx_frames_total            ? 
_diffrn_detector.pdbx_collection_time_total   ? 
_diffrn_detector.pdbx_collection_date         2010-05-18 
_diffrn_detector.pdbx_frequency               ? 
# 
_diffrn_radiation.collimation                      ? 
_diffrn_radiation.diffrn_id                        1 
_diffrn_radiation.filter_edge                      ? 
_diffrn_radiation.inhomogeneity                    ? 
_diffrn_radiation.monochromator                    ? 
_diffrn_radiation.polarisn_norm                    ? 
_diffrn_radiation.polarisn_ratio                   ? 
_diffrn_radiation.probe                            ? 
_diffrn_radiation.type                             ? 
_diffrn_radiation.xray_symbol                      ? 
_diffrn_radiation.wavelength_id                    1 
_diffrn_radiation.pdbx_monochromatic_or_laue_m_l   M 
_diffrn_radiation.pdbx_wavelength_list             ? 
_diffrn_radiation.pdbx_wavelength                  ? 
_diffrn_radiation.pdbx_diffrn_protocol             'SINGLE WAVELENGTH' 
_diffrn_radiation.pdbx_analyzer                    ? 
_diffrn_radiation.pdbx_scattering_type             x-ray 
# 
_diffrn_radiation_wavelength.id           1 
_diffrn_radiation_wavelength.wavelength   0.9000 
_diffrn_radiation_wavelength.wt           1.0 
# 
_diffrn_source.current                     ? 
_diffrn_source.details                     ? 
_diffrn_source.diffrn_id                   1 
_diffrn_source.power                       ? 
_diffrn_source.size                        ? 
_diffrn_source.source                      SYNCHROTRON 
_diffrn_source.target                      ? 
_diffrn_source.type                        'SPRING-8 BEAMLINE BL44XU' 
_diffrn_source.voltage                     ? 
_diffrn_source.take-off_angle              ? 
_diffrn_source.pdbx_wavelength_list        0.9000 
_diffrn_source.pdbx_wavelength             ? 
_diffrn_source.pdbx_synchrotron_beamline   BL44XU 
_diffrn_source.pdbx_synchrotron_site       SPring-8 
# 
_reflns.B_iso_Wilson_estimate            36.0 
_reflns.entry_id                         6IW3 
_reflns.data_reduction_details           ? 
_reflns.data_reduction_method            ? 
_reflns.d_resolution_high                1.64 
_reflns.d_resolution_low                 50 
_reflns.details                          ? 
_reflns.limit_h_max                      ? 
_reflns.limit_h_min                      ? 
_reflns.limit_k_max                      ? 
_reflns.limit_k_min                      ? 
_reflns.limit_l_max                      ? 
_reflns.limit_l_min                      ? 
_reflns.number_all                       ? 
_reflns.number_obs                       12127 
_reflns.observed_criterion               ? 
_reflns.observed_criterion_F_max         ? 
_reflns.observed_criterion_F_min         ? 
_reflns.observed_criterion_I_max         ? 
_reflns.observed_criterion_I_min         ? 
_reflns.observed_criterion_sigma_F       ? 
_reflns.observed_criterion_sigma_I       ? 
_reflns.percent_possible_obs             100 
_reflns.R_free_details                   ? 
_reflns.Rmerge_F_all                     ? 
_reflns.Rmerge_F_obs                     ? 
_reflns.Friedel_coverage                 ? 
_reflns.number_gt                        ? 
_reflns.threshold_expression             ? 
_reflns.pdbx_redundancy                  19.7 
_reflns.pdbx_Rmerge_I_obs                0.133 
_reflns.pdbx_Rmerge_I_all                ? 
_reflns.pdbx_Rsym_value                  ? 
_reflns.pdbx_netI_over_av_sigmaI         ? 
_reflns.pdbx_netI_over_sigmaI            20.3 
_reflns.pdbx_res_netI_over_av_sigmaI_2   ? 
_reflns.pdbx_res_netI_over_sigmaI_2      ? 
_reflns.pdbx_chi_squared                 ? 
_reflns.pdbx_scaling_rejects             ? 
_reflns.pdbx_d_res_high_opt              ? 
_reflns.pdbx_d_res_low_opt               ? 
_reflns.pdbx_d_res_opt_method            ? 
_reflns.phase_calculation_details        ? 
_reflns.pdbx_Rrim_I_all                  0.136 
_reflns.pdbx_Rpim_I_all                  ? 
_reflns.pdbx_d_opt                       ? 
_reflns.pdbx_number_measured_all         ? 
_reflns.pdbx_diffrn_id                   1 
_reflns.pdbx_ordinal                     1 
_reflns.pdbx_CC_half                     0.999 
_reflns.pdbx_R_split                     ? 
# 
_reflns_shell.d_res_high                  1.64 
_reflns_shell.d_res_low                   1.68 
_reflns_shell.meanI_over_sigI_all         ? 
_reflns_shell.meanI_over_sigI_obs         ? 
_reflns_shell.number_measured_all         ? 
_reflns_shell.number_measured_obs         ? 
_reflns_shell.number_possible             ? 
_reflns_shell.number_unique_all           ? 
_reflns_shell.number_unique_obs           873 
_reflns_shell.percent_possible_all        100 
_reflns_shell.percent_possible_obs        ? 
_reflns_shell.Rmerge_F_all                ? 
_reflns_shell.Rmerge_F_obs                ? 
_reflns_shell.Rmerge_I_all                ? 
_reflns_shell.Rmerge_I_obs                2.30 
_reflns_shell.meanI_over_sigI_gt          ? 
_reflns_shell.meanI_over_uI_all           ? 
_reflns_shell.meanI_over_uI_gt            ? 
_reflns_shell.number_measured_gt          ? 
_reflns_shell.number_unique_gt            ? 
_reflns_shell.percent_possible_gt         ? 
_reflns_shell.Rmerge_F_gt                 ? 
_reflns_shell.Rmerge_I_gt                 ? 
_reflns_shell.pdbx_redundancy             13.9 
_reflns_shell.pdbx_Rsym_value             ? 
_reflns_shell.pdbx_chi_squared            ? 
_reflns_shell.pdbx_netI_over_sigmaI_all   ? 
_reflns_shell.pdbx_netI_over_sigmaI_obs   ? 
_reflns_shell.pdbx_Rrim_I_all             2.37 
_reflns_shell.pdbx_Rpim_I_all             ? 
_reflns_shell.pdbx_rejects                ? 
_reflns_shell.pdbx_ordinal                1 
_reflns_shell.pdbx_diffrn_id              1 
_reflns_shell.pdbx_CC_half                0.511 
_reflns_shell.pdbx_R_split                ? 
# 
_refine.aniso_B[1][1]                            ? 
_refine.aniso_B[1][2]                            ? 
_refine.aniso_B[1][3]                            ? 
_refine.aniso_B[2][2]                            ? 
_refine.aniso_B[2][3]                            ? 
_refine.aniso_B[3][3]                            ? 
_refine.B_iso_max                                ? 
_refine.B_iso_mean                               ? 
_refine.B_iso_min                                ? 
_refine.correlation_coeff_Fo_to_Fc               ? 
_refine.correlation_coeff_Fo_to_Fc_free          ? 
_refine.details                                  ? 
_refine.diff_density_max                         ? 
_refine.diff_density_max_esd                     ? 
_refine.diff_density_min                         ? 
_refine.diff_density_min_esd                     ? 
_refine.diff_density_rms                         ? 
_refine.diff_density_rms_esd                     ? 
_refine.entry_id                                 6IW3 
_refine.pdbx_refine_id                           'X-RAY DIFFRACTION' 
_refine.ls_abs_structure_details                 ? 
_refine.ls_abs_structure_Flack                   ? 
_refine.ls_abs_structure_Flack_esd               ? 
_refine.ls_abs_structure_Rogers                  ? 
_refine.ls_abs_structure_Rogers_esd              ? 
_refine.ls_d_res_high                            1.64 
_refine.ls_d_res_low                             38.5 
_refine.ls_extinction_coef                       ? 
_refine.ls_extinction_coef_esd                   ? 
_refine.ls_extinction_expression                 ? 
_refine.ls_extinction_method                     ? 
_refine.ls_goodness_of_fit_all                   ? 
_refine.ls_goodness_of_fit_all_esd               ? 
_refine.ls_goodness_of_fit_obs                   ? 
_refine.ls_goodness_of_fit_obs_esd               ? 
_refine.ls_hydrogen_treatment                    ? 
_refine.ls_matrix_type                           ? 
_refine.ls_number_constraints                    ? 
_refine.ls_number_parameters                     ? 
_refine.ls_number_reflns_all                     ? 
_refine.ls_number_reflns_obs                     12118 
_refine.ls_number_reflns_R_free                  1216 
_refine.ls_number_reflns_R_work                  ? 
_refine.ls_number_restraints                     ? 
_refine.ls_percent_reflns_obs                    99.88 
_refine.ls_percent_reflns_R_free                 10.03 
_refine.ls_R_factor_all                          ? 
_refine.ls_R_factor_obs                          0.2026 
_refine.ls_R_factor_R_free                       0.2292 
_refine.ls_R_factor_R_free_error                 ? 
_refine.ls_R_factor_R_free_error_details         ? 
_refine.ls_R_factor_R_work                       0.1998 
_refine.ls_R_Fsqd_factor_obs                     ? 
_refine.ls_R_I_factor_obs                        ? 
_refine.ls_redundancy_reflns_all                 ? 
_refine.ls_redundancy_reflns_obs                 ? 
_refine.ls_restrained_S_all                      ? 
_refine.ls_restrained_S_obs                      ? 
_refine.ls_shift_over_esd_max                    ? 
_refine.ls_shift_over_esd_mean                   ? 
_refine.ls_structure_factor_coef                 ? 
_refine.ls_weighting_details                     ? 
_refine.ls_weighting_scheme                      ? 
_refine.ls_wR_factor_all                         ? 
_refine.ls_wR_factor_obs                         ? 
_refine.ls_wR_factor_R_free                      ? 
_refine.ls_wR_factor_R_work                      ? 
_refine.occupancy_max                            ? 
_refine.occupancy_min                            ? 
_refine.solvent_model_details                    ? 
_refine.solvent_model_param_bsol                 ? 
_refine.solvent_model_param_ksol                 ? 
_refine.ls_R_factor_gt                           ? 
_refine.ls_goodness_of_fit_gt                    ? 
_refine.ls_goodness_of_fit_ref                   ? 
_refine.ls_shift_over_su_max                     ? 
_refine.ls_shift_over_su_max_lt                  ? 
_refine.ls_shift_over_su_mean                    ? 
_refine.ls_shift_over_su_mean_lt                 ? 
_refine.pdbx_ls_sigma_I                          ? 
_refine.pdbx_ls_sigma_F                          ? 
_refine.pdbx_ls_sigma_Fsqd                       ? 
_refine.pdbx_data_cutoff_high_absF               ? 
_refine.pdbx_data_cutoff_high_rms_absF           ? 
_refine.pdbx_data_cutoff_low_absF                ? 
_refine.pdbx_isotropic_thermal_model             ? 
_refine.pdbx_ls_cross_valid_method               'FREE R-VALUE' 
_refine.pdbx_method_to_determine_struct          'MOLECULAR REPLACEMENT' 
_refine.pdbx_starting_model                      4WIP 
_refine.pdbx_stereochemistry_target_values       ? 
_refine.pdbx_R_Free_selection_details            ? 
_refine.pdbx_stereochem_target_val_spec_case     ? 
_refine.pdbx_overall_ESU_R                       ? 
_refine.pdbx_overall_ESU_R_Free                  ? 
_refine.pdbx_solvent_vdw_probe_radii             ? 
_refine.pdbx_solvent_ion_probe_radii             ? 
_refine.pdbx_solvent_shrinkage_radii             ? 
_refine.pdbx_real_space_R                        ? 
_refine.pdbx_density_correlation                 ? 
_refine.pdbx_pd_number_of_powder_patterns        ? 
_refine.pdbx_pd_number_of_points                 ? 
_refine.pdbx_pd_meas_number_of_points            ? 
_refine.pdbx_pd_proc_ls_prof_R_factor            ? 
_refine.pdbx_pd_proc_ls_prof_wR_factor           ? 
_refine.pdbx_pd_Marquardt_correlation_coeff      ? 
_refine.pdbx_pd_Fsqrd_R_factor                   ? 
_refine.pdbx_pd_ls_matrix_band_width             ? 
_refine.pdbx_overall_phase_error                 ? 
_refine.pdbx_overall_SU_R_free_Cruickshank_DPI   ? 
_refine.pdbx_overall_SU_R_free_Blow_DPI          ? 
_refine.pdbx_overall_SU_R_Blow_DPI               ? 
_refine.pdbx_TLS_residual_ADP_flag               ? 
_refine.pdbx_diffrn_id                           1 
_refine.overall_SU_B                             ? 
_refine.overall_SU_ML                            ? 
_refine.overall_SU_R_Cruickshank_DPI             0.116 
_refine.overall_SU_R_free                        ? 
_refine.overall_FOM_free_R_set                   ? 
_refine.overall_FOM_work_R_set                   ? 
_refine.pdbx_average_fsc_overall                 ? 
_refine.pdbx_average_fsc_work                    ? 
_refine.pdbx_average_fsc_free                    ? 
# 
_refine_hist.pdbx_refine_id                   'X-RAY DIFFRACTION' 
_refine_hist.cycle_id                         LAST 
_refine_hist.pdbx_number_atoms_protein        649 
_refine_hist.pdbx_number_atoms_nucleic_acid   0 
_refine_hist.pdbx_number_atoms_ligand         0 
_refine_hist.number_atoms_solvent             59 
_refine_hist.number_atoms_total               708 
_refine_hist.d_res_high                       1.64 
_refine_hist.d_res_low                        38.5 
# 
_refine_ls_shell.pdbx_refine_id                   'X-RAY DIFFRACTION' 
_refine_ls_shell.d_res_high                       1.640 
_refine_ls_shell.d_res_low                        1.702 
_refine_ls_shell.number_reflns_all                ? 
_refine_ls_shell.number_reflns_obs                ? 
_refine_ls_shell.number_reflns_R_free             135 
_refine_ls_shell.number_reflns_R_work             1204 
_refine_ls_shell.percent_reflns_obs               100 
_refine_ls_shell.percent_reflns_R_free            ? 
_refine_ls_shell.R_factor_all                     ? 
_refine_ls_shell.R_factor_obs                     ? 
_refine_ls_shell.R_factor_R_free                  0.3308 
_refine_ls_shell.R_factor_R_free_error            ? 
_refine_ls_shell.R_factor_R_work                  0.3174 
_refine_ls_shell.redundancy_reflns_all            ? 
_refine_ls_shell.redundancy_reflns_obs            ? 
_refine_ls_shell.wR_factor_all                    ? 
_refine_ls_shell.wR_factor_obs                    ? 
_refine_ls_shell.wR_factor_R_free                 ? 
_refine_ls_shell.wR_factor_R_work                 ? 
_refine_ls_shell.pdbx_total_number_of_bins_used   ? 
_refine_ls_shell.pdbx_phase_error                 ? 
_refine_ls_shell.pdbx_fsc_work                    ? 
_refine_ls_shell.pdbx_fsc_free                    ? 
# 
_struct.entry_id                     6IW3 
_struct.title                        'High resolution structure of Dvl2-DIX Y27W/C80S mutant' 
_struct.pdbx_model_details           ? 
_struct.pdbx_formula_weight          ? 
_struct.pdbx_formula_weight_method   ? 
_struct.pdbx_model_type_details      ? 
_struct.pdbx_CASP_flag               N 
# 
_struct_keywords.entry_id        6IW3 
_struct_keywords.text            'Wnt signalling, SIGNALING PROTEIN' 
_struct_keywords.pdbx_keywords   'SIGNALING PROTEIN' 
# 
loop_
_struct_asym.id 
_struct_asym.pdbx_blank_PDB_chainid_flag 
_struct_asym.pdbx_modified 
_struct_asym.entity_id 
_struct_asym.details 
A N N 1 ? 
B N N 2 ? 
# 
_struct_conf.conf_type_id            HELX_P 
_struct_conf.id                      HELX_P1 
_struct_conf.pdbx_PDB_helix_id       AA1 
_struct_conf.beg_label_comp_id       THR 
_struct_conf.beg_label_asym_id       A 
_struct_conf.beg_label_seq_id        28 
_struct_conf.pdbx_beg_PDB_ins_code   ? 
_struct_conf.end_label_comp_id       SER 
_struct_conf.end_label_asym_id       A 
_struct_conf.end_label_seq_id        34 
_struct_conf.pdbx_end_PDB_ins_code   ? 
_struct_conf.beg_auth_comp_id        THR 
_struct_conf.beg_auth_asym_id        A 
_struct_conf.beg_auth_seq_id         39 
_struct_conf.end_auth_comp_id        SER 
_struct_conf.end_auth_asym_id        A 
_struct_conf.end_auth_seq_id         45 
_struct_conf.pdbx_PDB_helix_class    1 
_struct_conf.details                 ? 
_struct_conf.pdbx_PDB_helix_length   7 
# 
_struct_conf_type.id          HELX_P 
_struct_conf_type.criteria    ? 
_struct_conf_type.reference   ? 
# 
_struct_sheet.id               AA1 
_struct_sheet.type             ? 
_struct_sheet.number_strands   5 
_struct_sheet.details          ? 
# 
loop_
_struct_sheet_order.sheet_id 
_struct_sheet_order.range_id_1 
_struct_sheet_order.range_id_2 
_struct_sheet_order.offset 
_struct_sheet_order.sense 
AA1 1 2 ? anti-parallel 
AA1 2 3 ? parallel      
AA1 3 4 ? anti-parallel 
AA1 4 5 ? anti-parallel 
# 
loop_
_struct_sheet_range.sheet_id 
_struct_sheet_range.id 
_struct_sheet_range.beg_label_comp_id 
_struct_sheet_range.beg_label_asym_id 
_struct_sheet_range.beg_label_seq_id 
_struct_sheet_range.pdbx_beg_PDB_ins_code 
_struct_sheet_range.end_label_comp_id 
_struct_sheet_range.end_label_asym_id 
_struct_sheet_range.end_label_seq_id 
_struct_sheet_range.pdbx_end_PDB_ins_code 
_struct_sheet_range.beg_auth_comp_id 
_struct_sheet_range.beg_auth_asym_id 
_struct_sheet_range.beg_auth_seq_id 
_struct_sheet_range.end_auth_comp_id 
_struct_sheet_range.end_auth_asym_id 
_struct_sheet_range.end_auth_seq_id 
AA1 1 TRP A 16 ? ILE A 20 ? TRP A 27 ILE A 31 
AA1 2 THR A 3  ? LEU A 9  ? THR A 14 LEU A 20 
AA1 3 ARG A 73 ? VAL A 79 ? ARG A 84 VAL A 90 
AA1 4 LYS A 43 ? ASP A 50 ? LYS A 54 ASP A 61 
AA1 5 GLY A 54 ? GLU A 59 ? GLY A 65 GLU A 70 
# 
loop_
_pdbx_struct_sheet_hbond.sheet_id 
_pdbx_struct_sheet_hbond.range_id_1 
_pdbx_struct_sheet_hbond.range_id_2 
_pdbx_struct_sheet_hbond.range_1_label_atom_id 
_pdbx_struct_sheet_hbond.range_1_label_comp_id 
_pdbx_struct_sheet_hbond.range_1_label_asym_id 
_pdbx_struct_sheet_hbond.range_1_label_seq_id 
_pdbx_struct_sheet_hbond.range_1_PDB_ins_code 
_pdbx_struct_sheet_hbond.range_1_auth_atom_id 
_pdbx_struct_sheet_hbond.range_1_auth_comp_id 
_pdbx_struct_sheet_hbond.range_1_auth_asym_id 
_pdbx_struct_sheet_hbond.range_1_auth_seq_id 
_pdbx_struct_sheet_hbond.range_2_label_atom_id 
_pdbx_struct_sheet_hbond.range_2_label_comp_id 
_pdbx_struct_sheet_hbond.range_2_label_asym_id 
_pdbx_struct_sheet_hbond.range_2_label_seq_id 
_pdbx_struct_sheet_hbond.range_2_PDB_ins_code 
_pdbx_struct_sheet_hbond.range_2_auth_atom_id 
_pdbx_struct_sheet_hbond.range_2_auth_comp_id 
_pdbx_struct_sheet_hbond.range_2_auth_asym_id 
_pdbx_struct_sheet_hbond.range_2_auth_seq_id 
AA1 1 2 O TRP A 16 ? O TRP A 27 N TYR A 7  ? N TYR A 18 
AA1 2 3 N LYS A 4  ? N LYS A 15 O VAL A 74 ? O VAL A 85 
AA1 3 4 O VAL A 75 ? O VAL A 86 N LYS A 47 ? N LYS A 58 
AA1 4 5 N SER A 48 ? N SER A 59 O VAL A 56 ? O VAL A 67 
# 
_atom_sites.entry_id                    6IW3 
_atom_sites.fract_transf_matrix[1][1]   0.01590717 
_atom_sites.fract_transf_matrix[1][2]   -0.02031862 
_atom_sites.fract_transf_matrix[1][3]   -0.00288777 
_atom_sites.fract_transf_matrix[2][1]   0.01100441 
_atom_sites.fract_transf_matrix[2][2]   -0.01093560 
_atom_sites.fract_transf_matrix[2][3]   0.02082184 
_atom_sites.fract_transf_matrix[3][1]   -0.00888359 
_atom_sites.fract_transf_matrix[3][2]   -0.00709269 
_atom_sites.fract_transf_matrix[3][3]   0.00096993 
_atom_sites.fract_transf_vector[1]      0.393694 
_atom_sites.fract_transf_vector[2]      -0.051092 
_atom_sites.fract_transf_vector[3]      -0.071675 
# 
loop_
_atom_type.symbol 
C 
N 
O 
S 
# 
loop_
_atom_site.group_PDB 
_atom_site.id 
_atom_site.type_symbol 
_atom_site.label_atom_id 
_atom_site.label_alt_id 
_atom_site.label_comp_id 
_atom_site.label_asym_id 
_atom_site.label_entity_id 
_atom_site.label_seq_id 
_atom_site.pdbx_PDB_ins_code 
_atom_site.Cartn_x 
_atom_site.Cartn_y 
_atom_site.Cartn_z 
_atom_site.occupancy 
_atom_site.B_iso_or_equiv 
_atom_site.pdbx_formal_charge 
_atom_site.auth_seq_id 
_atom_site.auth_comp_id 
_atom_site.auth_asym_id 
_atom_site.auth_atom_id 
_atom_site.pdbx_PDB_model_num 
ATOM   1   N N   . GLY A 1 1  ? 5.81633   -0.41569  -16.81202 1.000 55.78037 ? 12  GLY A N   1 
ATOM   2   C CA  . GLY A 1 1  ? 4.84508   -0.84583  -15.82003 1.000 46.78982 ? 12  GLY A CA  1 
ATOM   3   C C   . GLY A 1 1  ? 4.59037   0.20111   -14.75521 1.000 41.36285 ? 12  GLY A C   1 
ATOM   4   O O   . GLY A 1 1  ? 5.51223   0.87220   -14.29637 1.000 39.06521 ? 12  GLY A O   1 
ATOM   5   N N   . GLU A 1 2  ? 3.33281   0.33578   -14.34909 1.000 42.16032 ? 13  GLU A N   1 
ATOM   6   C CA  . GLU A 1 2  ? 2.96806   1.33854   -13.35656 1.000 37.80190 ? 13  GLU A CA  1 
ATOM   7   C C   . GLU A 1 2  ? 1.90794   0.81466   -12.40549 1.000 31.41166 ? 13  GLU A C   1 
ATOM   8   O O   . GLU A 1 2  ? 0.96687   0.13397   -12.82806 1.000 34.98841 ? 13  GLU A O   1 
ATOM   9   C CB  . GLU A 1 2  ? 2.44863   2.59254   -14.06083 1.000 45.13699 ? 13  GLU A CB  1 
ATOM   10  C CG  . GLU A 1 2  ? 2.07839   3.73160   -13.13348 1.000 49.27170 ? 13  GLU A CG  1 
ATOM   11  C CD  . GLU A 1 2  ? 1.53831   4.93248   -13.88591 1.000 51.01928 ? 13  GLU A CD  1 
ATOM   12  O OE1 . GLU A 1 2  ? 2.31019   5.88401   -14.11461 1.000 53.65117 ? 13  GLU A OE1 1 
ATOM   13  O OE2 . GLU A 1 2  ? 0.34298   4.92466   -14.24595 1.000 56.29359 ? 13  GLU A OE2 1 
ATOM   14  N N   . THR A 1 3  ? 2.06658   1.13238   -11.12280 1.000 28.77187 ? 14  THR A N   1 
ATOM   15  C CA  . THR A 1 3  ? 1.06534   0.79216   -10.11264 1.000 27.66648 ? 14  THR A CA  1 
ATOM   16  C C   . THR A 1 3  ? 0.53420   2.06817   -9.48102  1.000 25.94258 ? 14  THR A C   1 
ATOM   17  O O   . THR A 1 3  ? 1.30936   2.95183   -9.11732  1.000 26.91375 ? 14  THR A O   1 
ATOM   18  C CB  . THR A 1 3  ? 1.66550   -0.09555  -9.00177  1.000 27.59805 ? 14  THR A CB  1 
ATOM   19  O OG1 . THR A 1 3  ? 2.19077   -1.29067  -9.57783  1.000 30.82738 ? 14  THR A OG1 1 
ATOM   20  C CG2 . THR A 1 3  ? 0.59104   -0.48021  -7.96377  1.000 27.99020 ? 14  THR A CG2 1 
ATOM   21  N N   . LYS A 1 4  ? -0.78447  2.17447   -9.34805  1.000 25.14249 ? 15  LYS A N   1 
ATOM   22  C CA  . LYS A 1 4  ? -1.36606  3.28690   -8.59860  1.000 23.48176 ? 15  LYS A CA  1 
ATOM   23  C C   . LYS A 1 4  ? -1.56524  2.86529   -7.16592  1.000 25.38725 ? 15  LYS A C   1 
ATOM   24  O O   . LYS A 1 4  ? -2.13561  1.81042   -6.90595  1.000 24.48978 ? 15  LYS A O   1 
ATOM   25  C CB  . LYS A 1 4  ? -2.70555  3.72961   -9.19578  1.000 24.81613 ? 15  LYS A CB  1 
ATOM   26  C CG  . LYS A 1 4  ? -2.56616  4.41910   -10.53474 1.000 34.98051 ? 15  LYS A CG  1 
ATOM   27  C CD  . LYS A 1 4  ? -3.90189  4.97627   -11.00147 1.000 48.65320 ? 15  LYS A CD  1 
ATOM   28  C CE  . LYS A 1 4  ? -3.78224  5.61894   -12.36954 1.000 64.11558 ? 15  LYS A CE  1 
ATOM   29  N NZ  . LYS A 1 4  ? -3.23754  4.67152   -13.37947 1.000 71.03483 ? 15  LYS A NZ  1 
ATOM   30  N N   . VAL A 1 5  ? -1.10025  3.68633   -6.23097  1.000 20.71301 ? 16  VAL A N   1 
ATOM   31  C CA  . VAL A 1 5  ? -1.30830  3.39282   -4.82485  1.000 19.85238 ? 16  VAL A CA  1 
ATOM   32  C C   . VAL A 1 5  ? -2.14840  4.50222   -4.24214  1.000 21.13411 ? 16  VAL A C   1 
ATOM   33  O O   . VAL A 1 5  ? -1.76726  5.68090   -4.29467  1.000 21.74998 ? 16  VAL A O   1 
ATOM   34  C CB  . VAL A 1 5  ? 0.00686   3.29249   -4.05244  1.000 22.85537 ? 16  VAL A CB  1 
ATOM   35  C CG1 . VAL A 1 5  ? -0.28247  2.95222   -2.59175  1.000 23.63968 ? 16  VAL A CG1 1 
ATOM   36  C CG2 . VAL A 1 5  ? 0.90662   2.22624   -4.67893  1.000 23.76338 ? 16  VAL A CG2 1 
ATOM   37  N N   . ILE A 1 6  ? -3.32302  4.13804   -3.73655  1.000 20.45245 ? 17  ILE A N   1 
ATOM   38  C CA  . ILE A 1 6  ? -4.18546  5.09076   -3.05723  1.000 20.82092 ? 17  ILE A CA  1 
ATOM   39  C C   . ILE A 1 6  ? -3.99015  4.80970   -1.59461  1.000 20.22874 ? 17  ILE A C   1 
ATOM   40  O O   . ILE A 1 6  ? -4.16603  3.67801   -1.17694  1.000 20.93146 ? 17  ILE A O   1 
ATOM   41  C CB  . ILE A 1 6  ? -5.67747  4.84927   -3.39691  1.000 23.11067 ? 17  ILE A CB  1 
ATOM   42  C CG1 . ILE A 1 6  ? -5.96432  5.17236   -4.86141  1.000 32.52232 ? 17  ILE A CG1 1 
ATOM   43  C CG2 . ILE A 1 6  ? -6.56967  5.66620   -2.47763  1.000 28.34550 ? 17  ILE A CG2 1 
ATOM   44  C CD1 . ILE A 1 6  ? -5.85633  3.97086   -5.78895  1.000 46.12658 ? 17  ILE A CD1 1 
ATOM   45  N N   . TYR A 1 7  ? -3.57407  5.80161   -0.81095  1.000 20.90251 ? 18  TYR A N   1 
ATOM   46  C CA  . TYR A 1 7  ? -3.31346  5.51915   0.59273   1.000 20.89198 ? 18  TYR A CA  1 
ATOM   47  C C   . TYR A 1 7  ? -3.94772  6.54188   1.52120   1.000 20.87356 ? 18  TYR A C   1 
ATOM   48  O O   . TYR A 1 7  ? -4.11397  7.70624   1.17306   1.000 22.07633 ? 18  TYR A O   1 
ATOM   49  C CB  . TYR A 1 7  ? -1.80554  5.33398   0.88699   1.000 20.12347 ? 18  TYR A CB  1 
ATOM   50  C CG  . TYR A 1 7  ? -0.91905  6.52715   0.62861   1.000 20.89461 ? 18  TYR A CG  1 
ATOM   51  C CD1 . TYR A 1 7  ? -0.40606  6.77267   -0.64090  1.000 25.76625 ? 18  TYR A CD1 1 
ATOM   52  C CD2 . TYR A 1 7  ? -0.57021  7.39741   1.65952   1.000 25.42936 ? 18  TYR A CD2 1 
ATOM   53  C CE1 . TYR A 1 7  ? 0.42426   7.85099   -0.87753  1.000 27.03745 ? 18  TYR A CE1 1 
ATOM   54  C CE2 . TYR A 1 7  ? 0.25835   8.48306   1.42516   1.000 30.99056 ? 18  TYR A CE2 1 
ATOM   55  C CZ  . TYR A 1 7  ? 0.75268   8.69448   0.15884   1.000 29.71409 ? 18  TYR A CZ  1 
ATOM   56  O OH  . TYR A 1 7  ? 1.57360   9.76459   -0.07091  1.000 30.09571 ? 18  TYR A OH  1 
ATOM   57  N N   . HIS A 1 8  ? -4.32157  6.06386   2.70605   1.000 21.95790 ? 19  HIS A N   1 
ATOM   58  C CA  . HIS A 1 8  ? -4.92265  6.90917   3.72333   1.000 24.06078 ? 19  HIS A CA  1 
ATOM   59  C C   . HIS A 1 8  ? -3.92196  7.06199   4.85473   1.000 23.84496 ? 19  HIS A C   1 
ATOM   60  O O   . HIS A 1 8  ? -3.23093  6.11180   5.20013   1.000 28.51395 ? 19  HIS A O   1 
ATOM   61  C CB  . HIS A 1 8  ? -6.19127  6.24211   4.24673   1.000 27.04008 ? 19  HIS A CB  1 
ATOM   62  C CG  . HIS A 1 8  ? -7.15632  5.85894   3.16879   1.000 29.22192 ? 19  HIS A CG  1 
ATOM   63  N ND1 . HIS A 1 8  ? -6.98339  4.74375   2.37323   1.000 28.84820 ? 19  HIS A ND1 1 
ATOM   64  C CD2 . HIS A 1 8  ? -8.30709  6.43860   2.76078   1.000 30.23257 ? 19  HIS A CD2 1 
ATOM   65  C CE1 . HIS A 1 8  ? -7.98742  4.65871   1.51861   1.000 32.00647 ? 19  HIS A CE1 1 
ATOM   66  N NE2 . HIS A 1 8  ? -8.80272  5.67811   1.72917   1.000 34.79628 ? 19  HIS A NE2 1 
ATOM   67  N N   . LEU A 1 9  ? -3.83810  8.25864   5.41022   1.000 27.69543 ? 20  LEU A N   1 
ATOM   68  C CA  . LEU A 1 9  ? -2.90584  8.52840   6.49954   1.000 31.53010 ? 20  LEU A CA  1 
ATOM   69  C C   . LEU A 1 9  ? -3.70216  8.69173   7.77561   1.000 30.80369 ? 20  LEU A C   1 
ATOM   70  O O   . LEU A 1 9  ? -4.47342  9.63611   7.89980   1.000 32.22492 ? 20  LEU A O   1 
ATOM   71  C CB  . LEU A 1 9  ? -2.11914  9.81090   6.22734   1.000 29.67724 ? 20  LEU A CB  1 
ATOM   72  C CG  . LEU A 1 9  ? -0.93105  10.12581  7.13159   1.000 44.02107 ? 20  LEU A CG  1 
ATOM   73  C CD1 . LEU A 1 9  ? 0.04258   8.95921   7.16533   1.000 46.18448 ? 20  LEU A CD1 1 
ATOM   74  C CD2 . LEU A 1 9  ? -0.23724  11.38866  6.64126   1.000 54.18018 ? 20  LEU A CD2 1 
ATOM   75  N N   . ASP A 1 10 ? -3.52653  7.75928   8.70575   1.000 32.54601 ? 21  ASP A N   1 
ATOM   76  C CA  . ASP A 1 10 ? -4.28911  7.75514   9.94836   1.000 40.09691 ? 21  ASP A CA  1 
ATOM   77  C C   . ASP A 1 10 ? -5.77361  7.98847   9.70319   1.000 38.04667 ? 21  ASP A C   1 
ATOM   78  O O   . ASP A 1 10 ? -6.38234  7.29122   8.89801   1.000 36.33857 ? 21  ASP A O   1 
ATOM   79  C CB  . ASP A 1 10 ? -3.70044  8.75221   10.93907  1.000 42.64459 ? 21  ASP A CB  1 
ATOM   80  C CG  . ASP A 1 10 ? -2.25772  8.44797   11.24765  1.000 46.73455 ? 21  ASP A CG  1 
ATOM   81  O OD1 . ASP A 1 10 ? -1.99592  7.36567   11.82409  1.000 42.54984 ? 21  ASP A OD1 1 
ATOM   82  O OD2 . ASP A 1 10 ? -1.38664  9.27295   10.89632  1.000 55.48297 ? 21  ASP A OD2 1 
ATOM   83  N N   . GLU A 1 11 ? -6.35437  8.97712   10.37847  1.000 41.73921 ? 22  GLU A N   1 
ATOM   84  C CA  . GLU A 1 11 ? -7.79242  9.20123   10.25604  1.000 44.93433 ? 22  GLU A CA  1 
ATOM   85  C C   . GLU A 1 11 ? -8.20384  10.23476  9.19933   1.000 43.75261 ? 22  GLU A C   1 
ATOM   86  O O   . GLU A 1 11 ? -9.38203  10.58336  9.09723   1.000 46.19501 ? 22  GLU A O   1 
ATOM   87  C CB  . GLU A 1 11 ? -8.43272  9.48230   11.62248  1.000 49.20064 ? 22  GLU A CB  1 
ATOM   88  C CG  . GLU A 1 11 ? -8.43620  8.25662   12.53194  1.000 50.08232 ? 22  GLU A CG  1 
ATOM   89  C CD  . GLU A 1 11 ? -9.02346  7.02395   11.85446  1.000 74.31681 ? 22  GLU A CD  1 
ATOM   90  O OE1 . GLU A 1 11 ? -10.07223 7.14756   11.18670  1.000 77.57246 ? 22  GLU A OE1 1 
ATOM   91  O OE2 . GLU A 1 11 ? -8.43026  5.93034   11.98419  1.000 71.27697 ? 22  GLU A OE2 1 
ATOM   92  N N   . GLU A 1 12 ? -7.23540  10.73669  8.43609   1.000 40.67856 ? 23  GLU A N   1 
ATOM   93  C CA  . GLU A 1 12 ? -7.52557  11.70562  7.38237   1.000 40.06007 ? 23  GLU A CA  1 
ATOM   94  C C   . GLU A 1 12 ? -8.49635  11.12429  6.35553   1.000 39.34682 ? 23  GLU A C   1 
ATOM   95  O O   . GLU A 1 12 ? -8.25116  10.05088  5.79812   1.000 41.79975 ? 23  GLU A O   1 
ATOM   96  C CB  . GLU A 1 12 ? -6.23645  12.15064  6.68164   1.000 36.76757 ? 23  GLU A CB  1 
ATOM   97  C CG  . GLU A 1 12 ? -5.26494  12.94382  7.55872   1.000 38.41250 ? 23  GLU A CG  1 
ATOM   98  C CD  . GLU A 1 12 ? -3.99001  13.33410  6.82177   1.000 51.66409 ? 23  GLU A CD  1 
ATOM   99  O OE1 . GLU A 1 12 ? -3.91554  13.10345  5.59380   1.000 45.28701 ? 23  GLU A OE1 1 
ATOM   100 O OE2 . GLU A 1 12 ? -3.06262  13.86815  7.47010   1.000 48.83480 ? 23  GLU A OE2 1 
ATOM   101 N N   . GLU A 1 13 ? -9.58516  11.84730  6.10479   1.000 41.39444 ? 24  GLU A N   1 
ATOM   102 C CA  . GLU A 1 13 ? -10.63827 11.39926  5.19272   1.000 43.37625 ? 24  GLU A CA  1 
ATOM   103 C C   . GLU A 1 13 ? -10.18501 11.36411  3.73504   1.000 45.23963 ? 24  GLU A C   1 
ATOM   104 O O   . GLU A 1 13 ? -10.52562 10.44676  2.98806   1.000 36.78599 ? 24  GLU A O   1 
ATOM   105 C CB  . GLU A 1 13 ? -11.86708 12.30518  5.32652   1.000 53.55642 ? 24  GLU A CB  1 
ATOM   106 C CG  . GLU A 1 13 ? -12.32978 12.49415  6.76398   1.000 66.17372 ? 24  GLU A CG  1 
ATOM   107 C CD  . GLU A 1 13 ? -13.35653 13.60122  6.91410   1.000 79.87010 ? 24  GLU A CD  1 
ATOM   108 O OE1 . GLU A 1 13 ? -14.30019 13.65805  6.09710   1.000 84.94966 ? 24  GLU A OE1 1 
ATOM   109 O OE2 . GLU A 1 13 ? -13.21746 14.41880  7.84987   1.000 81.99404 ? 24  GLU A OE2 1 
ATOM   110 N N   . THR A 1 14 ? -9.40760  12.36206  3.33202   1.000 38.49935 ? 25  THR A N   1 
ATOM   111 C CA  . THR A 1 14 ? -8.97473  12.46317  1.94296   1.000 32.08016 ? 25  THR A CA  1 
ATOM   112 C C   . THR A 1 14 ? -7.74442  11.59735  1.65733   1.000 35.50952 ? 25  THR A C   1 
ATOM   113 O O   . THR A 1 14 ? -6.69454  11.77465  2.26555   1.000 28.55606 ? 25  THR A O   1 
ATOM   114 C CB  . THR A 1 14 ? -8.69012  13.92503  1.57139   1.000 33.08555 ? 25  THR A CB  1 
ATOM   115 O OG1 . THR A 1 14 ? -9.84298  14.72238  1.87740   1.000 37.57556 ? 25  THR A OG1 1 
ATOM   116 C CG2 . THR A 1 14 ? -8.38878  14.05043  0.09626   1.000 30.29837 ? 25  THR A CG2 1 
ATOM   117 N N   . PRO A 1 15 ? -7.88235  10.62702  0.74423   1.000 27.29275 ? 26  PRO A N   1 
ATOM   118 C CA  . PRO A 1 15 ? -6.73650  9.78376   0.40284   1.000 25.02932 ? 26  PRO A CA  1 
ATOM   119 C C   . PRO A 1 15 ? -5.70787  10.46172  -0.49804  1.000 23.47650 ? 26  PRO A C   1 
ATOM   120 O O   . PRO A 1 15 ? -5.99846  11.45709  -1.16228  1.000 26.02154 ? 26  PRO A O   1 
ATOM   121 C CB  . PRO A 1 15 ? -7.36926  8.59612   -0.32670  1.000 31.98805 ? 26  PRO A CB  1 
ATOM   122 C CG  . PRO A 1 15 ? -8.65068  9.10998   -0.85983  1.000 40.54697 ? 26  PRO A CG  1 
ATOM   123 C CD  . PRO A 1 15 ? -9.12527  10.19008  0.08046   1.000 38.32302 ? 26  PRO A CD  1 
ATOM   124 N N   . TRP A 1 16 ? -4.50880  9.88597   -0.50134  1.000 23.47124 ? 27  TRP A N   1 
ATOM   125 C CA  . TRP A 1 16 ? -3.39857  10.33952  -1.33126  1.000 22.99486 ? 27  TRP A CA  1 
ATOM   126 C C   . TRP A 1 16 ? -3.20601  9.34541   -2.46143  1.000 22.35531 ? 27  TRP A C   1 
ATOM   127 O O   . TRP A 1 16 ? -3.52998  8.17773   -2.32235  1.000 21.97632 ? 27  TRP A O   1 
ATOM   128 C CB  . TRP A 1 16 ? -2.11885  10.42113  -0.50568  1.000 24.13710 ? 27  TRP A CB  1 
ATOM   129 C CG  . TRP A 1 16 ? -2.23439  11.28841  0.73168   1.000 21.42362 ? 27  TRP A CG  1 
ATOM   130 C CD1 . TRP A 1 16 ? -2.85581  10.95399  1.91079   1.000 27.06114 ? 27  TRP A CD1 1 
ATOM   131 C CD2 . TRP A 1 16 ? -1.71212  12.61233  0.91653   1.000 26.37948 ? 27  TRP A CD2 1 
ATOM   132 N NE1 . TRP A 1 16 ? -2.75028  11.99047  2.81090   1.000 33.30399 ? 27  TRP A NE1 1 
ATOM   133 C CE2 . TRP A 1 16 ? -2.05406  13.01842  2.22462   1.000 28.80609 ? 27  TRP A CE2 1 
ATOM   134 C CE3 . TRP A 1 16 ? -0.98707  13.48872  0.10946   1.000 36.87811 ? 27  TRP A CE3 1 
ATOM   135 C CZ2 . TRP A 1 16 ? -1.69732  14.26330  2.73853   1.000 39.34682 ? 27  TRP A CZ2 1 
ATOM   136 C CZ3 . TRP A 1 16 ? -0.63084  14.72393  0.61856   1.000 36.95443 ? 27  TRP A CZ3 1 
ATOM   137 C CH2 . TRP A 1 16 ? -0.99097  15.10363  1.91990   1.000 37.09392 ? 27  TRP A CH2 1 
ATOM   138 N N   . LEU A 1 17 ? -2.73537  9.81573   -3.60422  1.000 21.32624 ? 28  LEU A N   1 
ATOM   139 C CA  A LEU A 1 17 ? -2.52719  8.94053   -4.74504  0.460 22.20266 ? 28  LEU A CA  1 
ATOM   140 C CA  B LEU A 1 17 ? -2.52468  8.93923   -4.74331  0.540 22.03685 ? 28  LEU A CA  1 
ATOM   141 C C   . LEU A 1 17 ? -1.12953  9.14178   -5.29322  1.000 23.87128 ? 28  LEU A C   1 
ATOM   142 O O   . LEU A 1 17 ? -0.74370  10.26471  -5.62816  1.000 23.68705 ? 28  LEU A O   1 
ATOM   143 C CB  A LEU A 1 17 ? -3.56277  9.23507   -5.83008  0.460 25.90837 ? 28  LEU A CB  1 
ATOM   144 C CB  B LEU A 1 17 ? -3.55209  9.22923   -5.83380  0.540 25.97943 ? 28  LEU A CB  1 
ATOM   145 C CG  A LEU A 1 17 ? -3.64907  8.29256   -7.03145  0.460 27.16378 ? 28  LEU A CG  1 
ATOM   146 C CG  B LEU A 1 17 ? -3.31401  8.55476   -7.18555  0.540 27.07167 ? 28  LEU A CG  1 
ATOM   147 C CD1 A LEU A 1 17 ? -5.06163  8.31441   -7.58783  0.460 27.62436 ? 28  LEU A CD1 1 
ATOM   148 C CD1 B LEU A 1 17 ? -3.33525  7.03753   -7.05334  0.540 22.86327 ? 28  LEU A CD1 1 
ATOM   149 C CD2 A LEU A 1 17 ? -2.64469  8.66651   -8.11909  0.460 26.29789 ? 28  LEU A CD2 1 
ATOM   150 C CD2 B LEU A 1 17 ? -4.34969  9.01844   -8.19915  0.540 29.30351 ? 28  LEU A CD2 1 
ATOM   151 N N   . VAL A 1 18 ? -0.37799  8.04706   -5.37994  1.000 21.06832 ? 29  VAL A N   1 
ATOM   152 C CA  A VAL A 1 18 ? 0.94397   8.07241   -5.99046  0.520 23.14225 ? 29  VAL A CA  1 
ATOM   153 C CA  B VAL A 1 18 ? 0.92999   8.08951   -6.00527  0.480 22.94749 ? 29  VAL A CA  1 
ATOM   154 C C   . VAL A 1 18 ? 1.01913   7.02675   -7.09066  1.000 23.26332 ? 29  VAL A C   1 
ATOM   155 O O   . VAL A 1 18 ? 0.40050   5.97590   -6.99638  1.000 22.32899 ? 29  VAL A O   1 
ATOM   156 C CB  A VAL A 1 18 ? 2.05819   7.81830   -4.94821  0.520 22.68956 ? 29  VAL A CB  1 
ATOM   157 C CB  B VAL A 1 18 ? 2.05659   7.91983   -4.96138  0.480 23.68968 ? 29  VAL A CB  1 
ATOM   158 C CG1 A VAL A 1 18 ? 2.07354   8.93463   -3.91361  0.520 22.00527 ? 29  VAL A CG1 1 
ATOM   159 C CG1 B VAL A 1 18 ? 2.00570   6.54242   -4.31357  0.480 24.01341 ? 29  VAL A CG1 1 
ATOM   160 C CG2 A VAL A 1 18 ? 1.86347   6.48230   -4.25626  0.520 23.84760 ? 29  VAL A CG2 1 
ATOM   161 C CG2 B VAL A 1 18 ? 3.40354   8.18884   -5.58434  0.480 22.90011 ? 29  VAL A CG2 1 
ATOM   162 N N   . LYS A 1 19 ? 1.75095   7.33458   -8.15877  1.000 25.23460 ? 30  LYS A N   1 
ATOM   163 C CA  . LYS A 1 19 ? 1.95698   6.35206   -9.21017  1.000 28.91926 ? 30  LYS A CA  1 
ATOM   164 C C   . LYS A 1 19 ? 3.41033   5.91216   -9.14930  1.000 34.15673 ? 30  LYS A C   1 
ATOM   165 O O   . LYS A 1 19 ? 4.33130   6.73879   -9.18444  1.000 32.38020 ? 30  LYS A O   1 
ATOM   166 C CB  . LYS A 1 19 ? 1.60644   6.92293   -10.58694 1.000 34.00145 ? 30  LYS A CB  1 
ATOM   167 C CG  . LYS A 1 19 ? 0.22440   7.54365   -10.66036 1.000 41.31285 ? 30  LYS A CG  1 
ATOM   168 C CD  . LYS A 1 19 ? -0.05206  8.13279   -12.03676 1.000 55.06186 ? 30  LYS A CD  1 
ATOM   169 C CE  . LYS A 1 19 ? -1.14187  9.19222   -11.96563 1.000 63.37602 ? 30  LYS A CE  1 
ATOM   170 N NZ  . LYS A 1 19 ? -2.41713  8.74619   -12.59213 1.000 71.18485 ? 30  LYS A NZ  1 
ATOM   171 N N   . ILE A 1 20 ? 3.60595   4.60470   -9.01405  1.000 28.27707 ? 31  ILE A N   1 
ATOM   172 C CA  . ILE A 1 20 ? 4.93443   4.01217   -8.90750  1.000 28.77450 ? 31  ILE A CA  1 
ATOM   173 C C   . ILE A 1 20 ? 5.29145   3.25132   -10.17792 1.000 31.41429 ? 31  ILE A C   1 
ATOM   174 O O   . ILE A 1 20 ? 4.51415   2.42878   -10.63184 1.000 30.42207 ? 31  ILE A O   1 
ATOM   175 C CB  . ILE A 1 20 ? 4.99206   3.09541   -7.68478  1.000 30.11414 ? 31  ILE A CB  1 
ATOM   176 C CG1 . ILE A 1 20 ? 4.59964   3.90962   -6.44245  1.000 35.28055 ? 31  ILE A CG1 1 
ATOM   177 C CG2 . ILE A 1 20 ? 6.37091   2.45178   -7.54938  1.000 34.98841 ? 31  ILE A CG2 1 
ATOM   178 C CD1 . ILE A 1 20 ? 4.43771   3.10942   -5.20210  1.000 35.47267 ? 31  ILE A CD1 1 
ATOM   179 N N   . PRO A 1 21 ? 6.44523   3.56015   -10.78512 1.000 33.33031 ? 32  PRO A N   1 
ATOM   180 C CA  . PRO A 1 21 ? 6.84100   2.92256   -12.04620 1.000 38.16247 ? 32  PRO A CA  1 
ATOM   181 C C   . PRO A 1 21 ? 7.33361   1.49055   -11.87768 1.000 31.15110 ? 32  PRO A C   1 
ATOM   182 O O   . PRO A 1 21 ? 8.40335   1.13351   -12.38364 1.000 37.41764 ? 32  PRO A O   1 
ATOM   183 C CB  . PRO A 1 21 ? 7.99125   3.81158   -12.53638 1.000 42.79724 ? 32  PRO A CB  1 
ATOM   184 C CG  . PRO A 1 21 ? 8.55512   4.40198   -11.28848 1.000 36.96496 ? 32  PRO A CG  1 
ATOM   185 C CD  . PRO A 1 21 ? 7.37256   4.63615   -10.39709 1.000 34.51203 ? 32  PRO A CD  1 
ATOM   186 N N   . VAL A 1 22 ? 6.53931   0.67220   -11.19806 1.000 34.77785 ? 33  VAL A N   1 
ATOM   187 C CA  . VAL A 1 22 ? 6.80157   -0.75249  -11.10972 1.000 39.72582 ? 33  VAL A CA  1 
ATOM   188 C C   . VAL A 1 22 ? 5.47137   -1.43270  -11.41117 1.000 33.04870 ? 33  VAL A C   1 
ATOM   189 O O   . VAL A 1 22 ? 4.43462   -1.00155  -10.91989 1.000 31.05109 ? 33  VAL A O   1 
ATOM   190 C CB  . VAL A 1 22 ? 7.27370   -1.11572  -9.67693  1.000 42.78145 ? 33  VAL A CB  1 
ATOM   191 C CG1 . VAL A 1 22 ? 7.46971   -2.60213  -9.51740  1.000 41.41286 ? 33  VAL A CG1 1 
ATOM   192 C CG2 . VAL A 1 22 ? 8.57029   -0.37031  -9.33594  1.000 46.46083 ? 33  VAL A CG2 1 
ATOM   193 N N   . PRO A 1 23 ? 5.49476   -2.52415  -12.19130 1.000 36.03327 ? 34  PRO A N   1 
ATOM   194 C CA  . PRO A 1 23 ? 4.22246   -3.18019  -12.50318 1.000 33.79353 ? 34  PRO A CA  1 
ATOM   195 C C   . PRO A 1 23 ? 3.64574   -3.82878  -11.25954 1.000 33.40664 ? 34  PRO A C   1 
ATOM   196 O O   . PRO A 1 23 ? 4.40912   -4.26361  -10.39988 1.000 29.55354 ? 34  PRO A O   1 
ATOM   197 C CB  . PRO A 1 23 ? 4.61891   -4.24406  -13.53458 1.000 37.86507 ? 34  PRO A CB  1 
ATOM   198 C CG  . PRO A 1 23 ? 6.06920   -4.47450  -13.31096 1.000 49.07694 ? 34  PRO A CG  1 
ATOM   199 C CD  . PRO A 1 23 ? 6.62754   -3.14679  -12.89751 1.000 45.67127 ? 34  PRO A CD  1 
ATOM   200 N N   . ALA A 1 24 ? 2.31914   -3.89518  -11.16819 1.000 30.33258 ? 35  ALA A N   1 
ATOM   201 C CA  . ALA A 1 24 ? 1.65749   -4.35852  -9.95945  1.000 26.21367 ? 35  ALA A CA  1 
ATOM   202 C C   . ALA A 1 24 ? 1.99169   -5.80394  -9.61075  1.000 28.78766 ? 35  ALA A C   1 
ATOM   203 O O   . ALA A 1 24 ? 1.96873   -6.19441  -8.44190  1.000 31.51430 ? 35  ALA A O   1 
ATOM   204 C CB  . ALA A 1 24 ? 0.14924   -4.18546  -10.08656 1.000 34.54362 ? 35  ALA A CB  1 
ATOM   205 N N   . GLU A 1 25 ? 2.31651   -6.58543  -10.63306 1.000 37.82296 ? 36  GLU A N   1 
ATOM   206 C CA  . GLU A 1 25 ? 2.68765   -7.97574  -10.43705 1.000 42.46562 ? 36  GLU A CA  1 
ATOM   207 C C   . GLU A 1 25 ? 3.95739   -8.09448  -9.59170  1.000 46.96616 ? 36  GLU A C   1 
ATOM   208 O O   . GLU A 1 25 ? 4.13121   -9.08254  -8.87313  1.000 43.48942 ? 36  GLU A O   1 
ATOM   209 C CB  . GLU A 1 25 ? 2.87755   -8.67029  -11.78885 1.000 52.72737 ? 36  GLU A CB  1 
ATOM   210 C CG  . GLU A 1 25 ? 1.77371   -8.37461  -12.80852 1.000 62.17061 ? 36  GLU A CG  1 
ATOM   211 C CD  . GLU A 1 25 ? 1.92627   -7.00902  -13.47013 1.000 62.29168 ? 36  GLU A CD  1 
ATOM   212 O OE1 . GLU A 1 25 ? 2.94905   -6.78694  -14.14719 1.000 70.46371 ? 36  GLU A OE1 1 
ATOM   213 O OE2 . GLU A 1 25 ? 1.02974   -6.15562  -13.30008 1.000 60.21775 ? 36  GLU A OE2 1 
ATOM   214 N N   . ARG A 1 26 ? 4.87720   -7.13968  -9.74721  1.000 41.63657 ? 37  ARG A N   1 
ATOM   215 C CA  . ARG A 1 26 ? 6.10606   -7.12359  -8.94912  1.000 37.18341 ? 37  ARG A CA  1 
ATOM   216 C C   . ARG A 1 26 ? 6.20353   -6.17922  -7.73771  1.000 35.94905 ? 37  ARG A C   1 
ATOM   217 O O   . ARG A 1 26 ? 7.17372   -6.26309  -6.98135  1.000 35.83851 ? 37  ARG A O   1 
ATOM   218 C CB  . ARG A 1 26 ? 7.31038   -6.87048  -9.86544  1.000 44.07897 ? 37  ARG A CB  1 
ATOM   219 C CG  . ARG A 1 26 ? 7.36328   -7.77895  -11.08384 1.000 56.36728 ? 37  ARG A CG  1 
ATOM   220 C CD  . ARG A 1 26 ? 8.70513   -7.67650  -11.79533 1.000 65.29730 ? 37  ARG A CD  1 
ATOM   221 N NE  . ARG A 1 26 ? 8.98385   -6.32258  -12.26911 1.000 70.17684 ? 37  ARG A NE  1 
ATOM   222 C CZ  . ARG A 1 26 ? 9.36143   -6.02908  -13.51044 1.000 73.88517 ? 37  ARG A CZ  1 
ATOM   223 N NH1 . ARG A 1 26 ? 9.50613   -6.99554  -14.40626 1.000 75.16428 ? 37  ARG A NH1 1 
ATOM   224 N NH2 . ARG A 1 26 ? 9.59521   -4.77020  -13.85575 1.000 75.11164 ? 37  ARG A NH2 1 
ATOM   225 N N   . ILE A 1 27 ? 5.21100   -5.31406  -7.52571  1.000 31.09320 ? 38  ILE A N   1 
ATOM   226 C CA  . ILE A 1 27 ? 5.39387   -4.20886  -6.57925  1.000 28.30603 ? 38  ILE A CA  1 
ATOM   227 C C   . ILE A 1 27 ? 5.48186   -4.72372  -5.13905  1.000 27.28222 ? 38  ILE A C   1 
ATOM   228 O O   . ILE A 1 27 ? 4.75978   -5.64408  -4.75570  1.000 28.28760 ? 38  ILE A O   1 
ATOM   229 C CB  . ILE A 1 27 ? 4.30146   -3.11887  -6.72015  1.000 28.99821 ? 38  ILE A CB  1 
ATOM   230 C CG1 . ILE A 1 27 ? 4.65898   -1.89208  -5.88444  1.000 33.44875 ? 38  ILE A CG1 1 
ATOM   231 C CG2 . ILE A 1 27 ? 2.94302   -3.66910  -6.32985  1.000 33.15134 ? 38  ILE A CG2 1 
ATOM   232 C CD1 . ILE A 1 27 ? 3.72496   -0.70656  -6.08755  1.000 34.15936 ? 38  ILE A CD1 1 
ATOM   233 N N   . THR A 1 28 ? 6.40328   -4.14174  -4.37136  1.000 29.37457 ? 39  THR A N   1 
ATOM   234 C CA  . THR A 1 28 ? 6.66296   -4.57950  -3.00635  1.000 29.71672 ? 39  THR A CA  1 
ATOM   235 C C   . THR A 1 28 ? 6.45700   -3.43271  -2.02335  1.000 26.41896 ? 39  THR A C   1 
ATOM   236 O O   . THR A 1 28 ? 6.36780   -2.27025  -2.42070  1.000 27.63752 ? 39  THR A O   1 
ATOM   237 C CB  . THR A 1 28 ? 8.10725   -5.06838  -2.84546  1.000 31.11426 ? 39  THR A CB  1 
ATOM   238 O OG1 . THR A 1 28 ? 8.99840   -3.96000  -3.04608  1.000 34.96209 ? 39  THR A OG1 1 
ATOM   239 C CG2 . THR A 1 28 ? 8.40624   -6.16154  -3.85445  1.000 35.41214 ? 39  THR A CG2 1 
ATOM   240 N N   . LEU A 1 29 ? 6.34254   -3.75559  -0.73948  1.000 25.04774 ? 40  LEU A N   1 
ATOM   241 C CA  . LEU A 1 29 ? 6.20125   -2.72121  0.27253   1.000 21.63154 ? 40  LEU A CA  1 
ATOM   242 C C   . LEU A 1 29 ? 7.37180   -1.73516  0.19545   1.000 21.98948 ? 40  LEU A C   1 
ATOM   243 O O   . LEU A 1 29 ? 7.17992   -0.53135  0.34797   1.000 24.20027 ? 40  LEU A O   1 
ATOM   244 C CB  . LEU A 1 29 ? 6.13945   -3.33702  1.67277   1.000 21.29992 ? 40  LEU A CB  1 
ATOM   245 C CG  . LEU A 1 29 ? 6.14172   -2.33746  2.82755   1.000 23.87918 ? 40  LEU A CG  1 
ATOM   246 C CD1 . LEU A 1 29 ? 4.86196   -1.50741  2.85740   1.000 26.79795 ? 40  LEU A CD1 1 
ATOM   247 C CD2 . LEU A 1 29 ? 6.36749   -3.04078  4.16329   1.000 26.30842 ? 40  LEU A CD2 1 
ATOM   248 N N   . GLY A 1 30 ? 8.58760   -2.24293  -0.02790  1.000 23.13435 ? 41  GLY A N   1 
ATOM   249 C CA  . GLY A 1 30 ? 9.74471   -1.36805  -0.15875  1.000 25.33198 ? 41  GLY A CA  1 
ATOM   250 C C   . GLY A 1 30 ? 9.61786   -0.36179  -1.29040  1.000 30.22204 ? 41  GLY A C   1 
ATOM   251 O O   . GLY A 1 30 ? 10.08529  0.77226   -1.16132  1.000 29.60618 ? 41  GLY A O   1 
ATOM   252 N N   . ASP A 1 31 ? 8.97668   -0.76740  -2.38917  1.000 26.41896 ? 42  ASP A N   1 
ATOM   253 C CA  . ASP A 1 31 ? 8.78081   0.11719   -3.53701  1.000 30.35627 ? 42  ASP A CA  1 
ATOM   254 C C   . ASP A 1 31 ? 7.87705   1.27623   -3.13902  1.000 26.18998 ? 42  ASP A C   1 
ATOM   255 O O   . ASP A 1 31 ? 8.08285   2.41267   -3.55380  1.000 28.36919 ? 42  ASP A O   1 
ATOM   256 C CB  . ASP A 1 31 ? 8.12733   -0.62758  -4.71138  1.000 31.78013 ? 42  ASP A CB  1 
ATOM   257 C CG  . ASP A 1 31 ? 9.05607   -1.62751  -5.37572  1.000 38.32302 ? 42  ASP A CG  1 
ATOM   258 O OD1 . ASP A 1 31 ? 10.25979  -1.32933  -5.49738  1.000 40.09691 ? 42  ASP A OD1 1 
ATOM   259 O OD2 . ASP A 1 31 ? 8.57211   -2.70503  -5.79560  1.000 34.70153 ? 42  ASP A OD2 1 
ATOM   260 N N   . PHE A 1 32 ? 6.84765   0.96207   -2.36092  1.000 23.53177 ? 43  PHE A N   1 
ATOM   261 C CA  . PHE A 1 32 ? 5.92183   1.97235   -1.86479  1.000 22.39216 ? 43  PHE A CA  1 
ATOM   262 C C   . PHE A 1 32 ? 6.62668   2.89610   -0.87547  1.000 25.24250 ? 43  PHE A C   1 
ATOM   263 O O   . PHE A 1 32 ? 6.57228   4.11352   -0.99921  1.000 25.12406 ? 43  PHE A O   1 
ATOM   264 C CB  . PHE A 1 32 ? 4.72183   1.25943   -1.22466  1.000 22.23161 ? 43  PHE A CB  1 
ATOM   265 C CG  . PHE A 1 32 ? 3.66209   2.17138   -0.67447  1.000 22.87116 ? 43  PHE A CG  1 
ATOM   266 C CD1 . PHE A 1 32 ? 3.42398   3.42188   -1.20377  1.000 23.99498 ? 43  PHE A CD1 1 
ATOM   267 C CD2 . PHE A 1 32 ? 2.88134   1.73688   0.39537   1.000 23.83180 ? 43  PHE A CD2 1 
ATOM   268 C CE1 . PHE A 1 32 ? 2.42245   4.25035   -0.67208  1.000 22.60271 ? 43  PHE A CE1 1 
ATOM   269 C CE2 . PHE A 1 32 ? 1.88548   2.54933   0.92064   1.000 23.12119 ? 43  PHE A CE2 1 
ATOM   270 C CZ  . PHE A 1 32 ? 1.66464   3.80320   0.39770   1.000 20.32875 ? 43  PHE A CZ  1 
ATOM   271 N N   . LYS A 1 33 ? 7.32711   2.31650   0.08983   1.000 23.25016 ? 44  LYS A N   1 
ATOM   272 C CA  . LYS A 1 33 ? 7.99715   3.11790   1.10062   1.000 24.98194 ? 44  LYS A CA  1 
ATOM   273 C C   . LYS A 1 33 ? 9.02924   4.06418   0.49970   1.000 30.76685 ? 44  LYS A C   1 
ATOM   274 O O   . LYS A 1 33 ? 9.31078   5.12317   1.05922   1.000 31.56431 ? 44  LYS A O   1 
ATOM   275 C CB  . LYS A 1 33 ? 8.63865   2.21274   2.15679   1.000 26.20314 ? 44  LYS A CB  1 
ATOM   276 C CG  . LYS A 1 33 ? 7.60544   1.48583   3.01069   1.000 27.41908 ? 44  LYS A CG  1 
ATOM   277 C CD  . LYS A 1 33 ? 8.21913   0.38057   3.87794   1.000 33.69878 ? 44  LYS A CD  1 
ATOM   278 C CE  . LYS A 1 33 ? 8.99292   0.91305   5.06055   1.000 41.51814 ? 44  LYS A CE  1 
ATOM   279 N NZ  . LYS A 1 33 ? 9.50932   -0.19615  5.93724   1.000 35.58321 ? 44  LYS A NZ  1 
ATOM   280 N N   . SER A 1 34 ? 9.57662   3.68620   -0.65029  1.000 29.19561 ? 45  SER A N   1 
ATOM   281 C CA  A SER A 1 34 ? 10.61734  4.47680   -1.29888  0.500 33.93038 ? 45  SER A CA  1 
ATOM   282 C CA  B SER A 1 34 ? 10.61860  4.48414   -1.28073  0.500 33.21451 ? 45  SER A CA  1 
ATOM   283 C C   . SER A 1 34 ? 10.07607  5.80655   -1.80217  1.000 33.83564 ? 45  SER A C   1 
ATOM   284 O O   . SER A 1 34 ? 10.83044  6.76376   -1.98496  1.000 38.48619 ? 45  SER A O   1 
ATOM   285 C CB  A SER A 1 34 ? 11.25875  3.70019   -2.45603  0.500 39.03626 ? 45  SER A CB  1 
ATOM   286 C CB  B SER A 1 34 ? 11.29653  3.70452   -2.40763  0.500 38.45987 ? 45  SER A CB  1 
ATOM   287 O OG  A SER A 1 34 ? 10.41459  3.67012   -3.59697  0.500 35.24633 ? 45  SER A OG  1 
ATOM   288 O OG  B SER A 1 34 ? 11.94293  2.55287   -1.89753  0.500 42.58142 ? 45  SER A OG  1 
ATOM   289 N N   . VAL A 1 35 ? 8.76825   5.85569   -2.04666  1.000 31.10373 ? 46  VAL A N   1 
ATOM   290 C CA  . VAL A 1 35 ? 8.14968   7.09140   -2.52233  1.000 33.53560 ? 46  VAL A CA  1 
ATOM   291 C C   . VAL A 1 35 ? 7.50021   7.92249   -1.41711  1.000 40.50486 ? 46  VAL A C   1 
ATOM   292 O O   . VAL A 1 35 ? 6.96719   8.99861   -1.67637  1.000 47.83995 ? 46  VAL A O   1 
ATOM   293 C CB  . VAL A 1 35 ? 7.15238   6.83883   -3.68173  1.000 39.47842 ? 46  VAL A CB  1 
ATOM   294 C CG1 . VAL A 1 35 ? 7.79769   5.94926   -4.74687  1.000 38.88098 ? 46  VAL A CG1 1 
ATOM   295 C CG2 . VAL A 1 35 ? 5.86636   6.22837   -3.17428  1.000 39.47579 ? 46  VAL A CG2 1 
ATOM   296 N N   . LEU A 1 36 ? 7.54554   7.43078   -0.18663  1.000 37.30447 ? 47  LEU A N   1 
ATOM   297 C CA  . LEU A 1 36 ? 7.03016   8.20187   0.94340   1.000 39.87847 ? 47  LEU A CA  1 
ATOM   298 C C   . LEU A 1 36 ? 8.16946   9.01322   1.54931   1.000 53.99858 ? 47  LEU A C   1 
ATOM   299 O O   . LEU A 1 36 ? 9.31152   8.55927   1.58523   1.000 54.73551 ? 47  LEU A O   1 
ATOM   300 C CB  . LEU A 1 36 ? 6.43539   7.27243   2.00294   1.000 43.31835 ? 47  LEU A CB  1 
ATOM   301 C CG  . LEU A 1 36 ? 5.29612   6.37575   1.51433   1.000 40.32589 ? 47  LEU A CG  1 
ATOM   302 C CD1 . LEU A 1 36 ? 4.86629   5.39072   2.59592   1.000 41.22600 ? 47  LEU A CD1 1 
ATOM   303 C CD2 . LEU A 1 36 ? 4.12444   7.22019   1.06314   1.000 45.26069 ? 47  LEU A CD2 1 
ATOM   304 N N   . GLN A 1 37 ? 7.86524   10.22629  1.99926   1.000 53.56958 ? 48  GLN A N   1 
ATOM   305 C CA  . GLN A 1 37 ? 8.88245   11.08392  2.60171   1.000 56.97788 ? 48  GLN A CA  1 
ATOM   306 C C   . GLN A 1 37 ? 9.37575   10.54153  3.94169   1.000 58.16224 ? 48  GLN A C   1 
ATOM   307 O O   . GLN A 1 37 ? 10.57157  10.58215  4.24013   1.000 66.91855 ? 48  GLN A O   1 
ATOM   308 C CB  . GLN A 1 37 ? 8.35241   12.50793  2.77300   1.000 60.60200 ? 48  GLN A CB  1 
ATOM   309 C CG  . GLN A 1 37 ? 8.12178   13.25322  1.46437   1.000 67.25017 ? 48  GLN A CG  1 
ATOM   310 C CD  . GLN A 1 37 ? 9.40535   13.75928  0.82980   1.000 70.85586 ? 48  GLN A CD  1 
ATOM   311 O OE1 . GLN A 1 37 ? 10.33058  12.99157  0.56114   1.000 69.93207 ? 48  GLN A OE1 1 
ATOM   312 N NE2 . GLN A 1 37 ? 9.46394   15.06268  0.58176   1.000 68.58980 ? 48  GLN A NE2 1 
ATOM   313 N N   . ARG A 1 38 ? 8.44894   10.03671  4.74750   1.000 55.64878 ? 49  ARG A N   1 
ATOM   314 C CA  . ARG A 1 38 ? 8.77604   9.52463   6.06902   1.000 57.30161 ? 49  ARG A CA  1 
ATOM   315 C C   . ARG A 1 38 ? 8.13714   8.15785   6.27872   1.000 54.82499 ? 49  ARG A C   1 
ATOM   316 O O   . ARG A 1 38 ? 7.12003   8.03508   6.95755   1.000 51.21930 ? 49  ARG A O   1 
ATOM   317 C CB  . ARG A 1 38 ? 8.32557   10.51579  7.14441   1.000 67.51862 ? 49  ARG A CB  1 
ATOM   318 C CG  . ARG A 1 38 ? 9.10056   11.82189  7.11401   1.000 74.96688 ? 49  ARG A CG  1 
ATOM   319 C CD  . ARG A 1 38 ? 8.39011   12.94184  7.85571   1.000 77.95672 ? 49  ARG A CD  1 
ATOM   320 N NE  . ARG A 1 38 ? 9.19722   14.16035  7.86709   1.000 83.80215 ? 49  ARG A NE  1 
ATOM   321 C CZ  . ARG A 1 38 ? 9.20432   15.06354  6.89110   1.000 82.83888 ? 49  ARG A CZ  1 
ATOM   322 N NH1 . ARG A 1 38 ? 8.44376   14.89128  5.81711   1.000 78.07778 ? 49  ARG A NH1 1 
ATOM   323 N NH2 . ARG A 1 38 ? 9.97161   16.13918  6.98691   1.000 86.70513 ? 49  ARG A NH2 1 
ATOM   324 N N   . PRO A 1 39 ? 8.73257   7.12173   5.67301   1.000 55.98040 ? 50  PRO A N   1 
ATOM   325 C CA  . PRO A 1 39 ? 8.20030   5.75506   5.71915   1.000 55.66194 ? 50  PRO A CA  1 
ATOM   326 C C   . PRO A 1 39 ? 8.31263   5.10461   7.09648   1.000 56.85419 ? 50  PRO A C   1 
ATOM   327 O O   . PRO A 1 39 ? 7.64914   4.10330   7.35397   1.000 51.62987 ? 50  PRO A O   1 
ATOM   328 C CB  . PRO A 1 39 ? 9.07444   5.01111   4.70932   1.000 59.43081 ? 50  PRO A CB  1 
ATOM   329 C CG  . PRO A 1 39 ? 10.36264  5.74827   4.72492   1.000 59.37291 ? 50  PRO A CG  1 
ATOM   330 C CD  . PRO A 1 39 ? 9.99346   7.19199   4.91383   1.000 51.69304 ? 50  PRO A CD  1 
ATOM   331 N N   . ALA A 1 40 ? 9.15516   5.65424   7.96369   1.000 61.88900 ? 51  ALA A N   1 
ATOM   332 C CA  . ALA A 1 40 ? 9.44371   5.01229   9.24112   1.000 58.40963 ? 51  ALA A CA  1 
ATOM   333 C C   . ALA A 1 40 ? 8.32011   5.12425   10.27285  1.000 57.60691 ? 51  ALA A C   1 
ATOM   334 O O   . ALA A 1 40 ? 7.52422   6.06331   10.25013  1.000 57.08053 ? 51  ALA A O   1 
ATOM   335 C CB  . ALA A 1 40 ? 10.74566  5.55523   9.82087   1.000 60.74413 ? 51  ALA A CB  1 
ATOM   336 N N   . GLY A 1 41 ? 8.23663   4.11662   11.13832  1.000 58.36226 ? 52  GLY A N   1 
ATOM   337 C CA  . GLY A 1 41 ? 7.45686   4.17207   12.36520  1.000 64.86041 ? 52  GLY A CA  1 
ATOM   338 C C   . GLY A 1 41 ? 6.01058   3.77124   12.14962  1.000 64.47615 ? 52  GLY A C   1 
ATOM   339 O O   . GLY A 1 41 ? 5.32381   3.31013   13.06229  1.000 69.13197 ? 52  GLY A O   1 
ATOM   340 N N   . ALA A 1 42 ? 5.55727   3.92416   10.91568  1.000 52.33522 ? 53  ALA A N   1 
ATOM   341 C CA  . ALA A 1 42 ? 4.17930   3.62424   10.56984  1.000 49.25327 ? 53  ALA A CA  1 
ATOM   342 C C   . ALA A 1 42 ? 3.98571   2.13263   10.35765  1.000 45.64758 ? 53  ALA A C   1 
ATOM   343 O O   . ALA A 1 42 ? 4.92787   1.41546   10.02552  1.000 44.08950 ? 53  ALA A O   1 
ATOM   344 C CB  . ALA A 1 42 ? 3.76509   4.39964   9.32914   1.000 46.50821 ? 53  ALA A CB  1 
ATOM   345 N N   . LYS A 1 43 ? 2.75527   1.67433   10.55774  1.000 28.10863 ? 54  LYS A N   1 
ATOM   346 C CA  . LYS A 1 43 ? 2.34764   0.35186   10.11602  1.000 30.24310 ? 54  LYS A CA  1 
ATOM   347 C C   . LYS A 1 43 ? 1.55081   0.53256   8.83255   1.000 30.38785 ? 54  LYS A C   1 
ATOM   348 O O   . LYS A 1 43 ? 0.84766   1.53603   8.65997   1.000 29.70619 ? 54  LYS A O   1 
ATOM   349 C CB  . LYS A 1 43 ? 1.46336   -0.32859  11.15630  1.000 32.66181 ? 54  LYS A CB  1 
ATOM   350 C CG  . LYS A 1 43 ? 2.09873   -0.48263  12.52040  1.000 44.03160 ? 54  LYS A CG  1 
ATOM   351 C CD  . LYS A 1 43 ? 2.85313   -1.79351  12.65534  1.000 54.59339 ? 54  LYS A CD  1 
ATOM   352 C CE  . LYS A 1 43 ? 3.30672   -2.00222  14.09552  1.000 63.56025 ? 54  LYS A CE  1 
ATOM   353 N NZ  . LYS A 1 43 ? 3.90245   -3.34647  14.30927  1.000 70.68479 ? 54  LYS A NZ  1 
ATOM   354 N N   . TYR A 1 44 ? 1.66882   -0.43688  7.92932   1.000 22.89748 ? 55  TYR A N   1 
ATOM   355 C CA  . TYR A 1 44 ? 1.05137   -0.36149  6.61296   1.000 21.20517 ? 55  TYR A CA  1 
ATOM   356 C C   . TYR A 1 44 ? 0.05823   -1.48537  6.43659   1.000 20.44456 ? 55  TYR A C   1 
ATOM   357 O O   . TYR A 1 44 ? 0.39884   -2.64817  6.65225   1.000 24.45556 ? 55  TYR A O   1 
ATOM   358 C CB  . TYR A 1 44 ? 2.12072   -0.52085  5.53761   1.000 21.52100 ? 55  TYR A CB  1 
ATOM   359 C CG  . TYR A 1 44 ? 3.17885   0.55044   5.60712   1.000 22.53165 ? 55  TYR A CG  1 
ATOM   360 C CD1 . TYR A 1 44 ? 4.24990   0.43372   6.45878   1.000 23.58441 ? 55  TYR A CD1 1 
ATOM   361 C CD2 . TYR A 1 44 ? 3.07842   1.67271   4.81300   1.000 28.94294 ? 55  TYR A CD2 1 
ATOM   362 C CE1 . TYR A 1 44 ? 5.20607   1.43071   6.53318   1.000 29.45353 ? 55  TYR A CE1 1 
ATOM   363 C CE2 . TYR A 1 44 ? 4.02452   2.66974   4.87778   1.000 30.04834 ? 55  TYR A CE2 1 
ATOM   364 C CZ  . TYR A 1 44 ? 5.08188   2.53771   5.72738   1.000 29.84042 ? 55  TYR A CZ  1 
ATOM   365 O OH  . TYR A 1 44 ? 6.03359   3.53912   5.78152   1.000 38.22827 ? 55  TYR A OH  1 
ATOM   366 N N   . PHE A 1 45 ? -1.16487  -1.13539  6.05093   1.000 19.01807 ? 56  PHE A N   1 
ATOM   367 C CA  . PHE A 1 45 ? -2.19755  -2.12521  5.79876   1.000 22.27636 ? 56  PHE A CA  1 
ATOM   368 C C   . PHE A 1 45 ? -2.65979  -2.02121  4.36052   1.000 25.59254 ? 56  PHE A C   1 
ATOM   369 O O   . PHE A 1 45 ? -2.73171  -0.92495  3.80206   1.000 19.88923 ? 56  PHE A O   1 
ATOM   370 C CB  . PHE A 1 45 ? -3.38185  -1.91739  6.75204   1.000 22.54744 ? 56  PHE A CB  1 
ATOM   371 C CG  . PHE A 1 45 ? -3.03338  -2.10848  8.19344   1.000 25.47937 ? 56  PHE A CG  1 
ATOM   372 C CD1 . PHE A 1 45 ? -2.43189  -1.08785  8.90916   1.000 28.72450 ? 56  PHE A CD1 1 
ATOM   373 C CD2 . PHE A 1 45 ? -3.29981  -3.31210  8.83195   1.000 33.03554 ? 56  PHE A CD2 1 
ATOM   374 C CE1 . PHE A 1 45 ? -2.10230  -1.25724  10.24224  1.000 34.21989 ? 56  PHE A CE1 1 
ATOM   375 C CE2 . PHE A 1 45 ? -2.96904  -3.48326  10.17469  1.000 31.83013 ? 56  PHE A CE2 1 
ATOM   376 C CZ  . PHE A 1 45 ? -2.37166  -2.45077  10.86888  1.000 36.30435 ? 56  PHE A CZ  1 
ATOM   377 N N   . PHE A 1 46 ? -3.00370  -3.15404  3.76026   1.000 18.95227 ? 57  PHE A N   1 
ATOM   378 C CA  . PHE A 1 46 ? -3.37718  -3.16728  2.34823   1.000 16.75727 ? 57  PHE A CA  1 
ATOM   379 C C   . PHE A 1 46 ? -4.66068  -3.91667  2.09800   1.000 18.30483 ? 57  PHE A C   1 
ATOM   380 O O   . PHE A 1 46 ? -4.86709  -4.97896  2.67300   1.000 22.74483 ? 57  PHE A O   1 
ATOM   381 C CB  . PHE A 1 46 ? -2.24357  -3.79739  1.54787   1.000 20.24716 ? 57  PHE A CB  1 
ATOM   382 C CG  . PHE A 1 46 ? -0.97882  -3.01547  1.66423   1.000 18.91543 ? 57  PHE A CG  1 
ATOM   383 C CD1 . PHE A 1 46 ? -0.76596  -1.92528  0.83484   1.000 20.66037 ? 57  PHE A CD1 1 
ATOM   384 C CD2 . PHE A 1 46 ? -0.05483  -3.29959  2.65034   1.000 18.96280 ? 57  PHE A CD2 1 
ATOM   385 C CE1 . PHE A 1 46 ? 0.37085   -1.16347  0.97333   1.000 20.30770 ? 57  PHE A CE1 1 
ATOM   386 C CE2 . PHE A 1 46 ? 1.08197   -2.53238  2.79293   1.000 20.84460 ? 57  PHE A CE2 1 
ATOM   387 C CZ  . PHE A 1 46 ? 1.29139   -1.47349  1.95016   1.000 20.14189 ? 57  PHE A CZ  1 
ATOM   388 N N   . LYS A 1 47 ? -5.48475  -3.38057  1.21136   1.000 17.69686 ? 58  LYS A N   1 
ATOM   389 C CA  . LYS A 1 47 ? -6.74064  -4.04198  0.86928   1.000 17.41525 ? 58  LYS A CA  1 
ATOM   390 C C   . LYS A 1 47 ? -6.42489  -5.38417  0.23942   1.000 21.37625 ? 58  LYS A C   1 
ATOM   391 O O   . LYS A 1 47 ? -5.69312  -5.48306  -0.75669  1.000 20.93146 ? 58  LYS A O   1 
ATOM   392 C CB  . LYS A 1 47 ? -7.58622  -3.16769  -0.07029  1.000 20.60773 ? 58  LYS A CB  1 
ATOM   393 C CG  . LYS A 1 47 ? -9.00637  -3.70947  -0.33630  1.000 25.13459 ? 58  LYS A CG  1 
ATOM   394 C CD  . LYS A 1 47 ? -9.70549  -2.81098  -1.34556  1.000 28.64291 ? 58  LYS A CD  1 
ATOM   395 C CE  . LYS A 1 47 ? -11.11910 -3.31282  -1.64767  1.000 36.63860 ? 58  LYS A CE  1 
ATOM   396 N NZ  . LYS A 1 47 ? -11.75675 -2.52504  -2.73883  1.000 43.04200 ? 58  LYS A NZ  1 
ATOM   397 N N   . SER A 1 48 ? -7.01015  -6.43516  0.81482   1.000 22.08423 ? 59  SER A N   1 
ATOM   398 C CA  . SER A 1 48 ? -6.65459  -7.80417  0.48280   1.000 22.47901 ? 59  SER A CA  1 
ATOM   399 C C   . SER A 1 48 ? -7.87753  -8.69152  0.66060   1.000 25.94522 ? 59  SER A C   1 
ATOM   400 O O   . SER A 1 48 ? -8.98045  -8.20032  0.87919   1.000 26.09523 ? 59  SER A O   1 
ATOM   401 C CB  . SER A 1 48 ? -5.52767  -8.26812  1.42435   1.000 26.33737 ? 59  SER A CB  1 
ATOM   402 O OG  . SER A 1 48 ? -5.00212  -9.52123  1.03842   1.000 42.54984 ? 59  SER A OG  1 
ATOM   403 N N   . MET A 1 49 ? -7.68681  -10.00248 0.53722   1.000 34.29359 ? 60  MET A N   1 
ATOM   404 C CA  . MET A 1 49 ? -8.79635  -10.95106 0.63540   1.000 37.03865 ? 60  MET A CA  1 
ATOM   405 C C   . MET A 1 49 ? -8.46239  -12.05800 1.62216   1.000 39.12048 ? 60  MET A C   1 
ATOM   406 O O   . MET A 1 49 ? -7.32757  -12.52448 1.67655   1.000 43.88158 ? 60  MET A O   1 
ATOM   407 C CB  . MET A 1 49 ? -9.09078  -11.57027 -0.73138  1.000 41.53919 ? 60  MET A CB  1 
ATOM   408 C CG  . MET A 1 49 ? -9.71475  -10.62186 -1.73419  1.000 42.71565 ? 60  MET A CG  1 
ATOM   409 S SD  . MET A 1 49 ? -11.39680 -10.16927 -1.27968  1.000 83.25735 ? 60  MET A SD  1 
ATOM   410 C CE  . MET A 1 49 ? -12.13303 -11.78857 -1.10254  1.000 66.12109 ? 60  MET A CE  1 
ATOM   411 N N   . ASP A 1 50 ? -9.45195  -12.46387 2.41210   1.000 41.67868 ? 61  ASP A N   1 
ATOM   412 C CA  . ASP A 1 50 ? -9.31383  -13.62879 3.27489   1.000 49.06115 ? 61  ASP A CA  1 
ATOM   413 C C   . ASP A 1 50 ? -10.36420 -14.64442 2.86014   1.000 52.36944 ? 61  ASP A C   1 
ATOM   414 O O   . ASP A 1 50 ? -11.46035 -14.27276 2.43124   1.000 43.86579 ? 61  ASP A O   1 
ATOM   415 C CB  . ASP A 1 50 ? -9.48862  -13.25483 4.74962   1.000 48.68742 ? 61  ASP A CB  1 
ATOM   416 C CG  . ASP A 1 50 ? -9.46413  -14.46724 5.67122   1.000 51.81411 ? 61  ASP A CG  1 
ATOM   417 O OD1 . ASP A 1 50 ? -8.36094  -14.95991 5.98544   1.000 54.12754 ? 61  ASP A OD1 1 
ATOM   418 O OD2 . ASP A 1 50 ? -10.54927 -14.92492 6.08914   1.000 52.47208 ? 61  ASP A OD2 1 
ATOM   419 N N   . GLN A 1 51 ? -10.02863 -15.92337 2.98005   1.000 58.31225 ? 62  GLN A N   1 
ATOM   420 C CA  . GLN A 1 51 ? -10.93382 -16.98313 2.54894   1.000 54.97501 ? 62  GLN A CA  1 
ATOM   421 C C   . GLN A 1 51 ? -12.29438 -16.89838 3.24642   1.000 58.61755 ? 62  GLN A C   1 
ATOM   422 O O   . GLN A 1 51 ? -13.34020 -16.96582 2.59647   1.000 55.74616 ? 62  GLN A O   1 
ATOM   423 C CB  . GLN A 1 51 ? -10.29993 -18.36797 2.74489   1.000 69.08460 ? 62  GLN A CB  1 
ATOM   424 C CG  . GLN A 1 51 ? -9.73748  -18.63278 4.13674   1.000 73.74305 ? 62  GLN A CG  1 
ATOM   425 C CD  . GLN A 1 51 ? -9.32982  -20.08118 4.33657   1.000 81.71506 ? 62  GLN A CD  1 
ATOM   426 O OE1 . GLN A 1 51 ? -9.51056  -20.91850 3.45111   1.000 86.63144 ? 62  GLN A OE1 1 
ATOM   427 N NE2 . GLN A 1 51 ? -8.77953  -20.38512 5.50728   1.000 84.69700 ? 62  GLN A NE2 1 
ATOM   428 N N   . ASP A 1 52 ? -12.27566 -16.77637 4.56886   1.000 54.73288 ? 63  ASP A N   1 
ATOM   429 C CA  . ASP A 1 52 ? -13.51204 -16.68345 5.34591   1.000 59.01760 ? 63  ASP A CA  1 
ATOM   430 C C   . ASP A 1 52 ? -14.14236 -15.29238 5.42819   1.000 53.76434 ? 63  ASP A C   1 
ATOM   431 O O   . ASP A 1 52 ? -15.37192 -15.16973 5.40294   1.000 51.94044 ? 63  ASP A O   1 
ATOM   432 C CB  . ASP A 1 52 ? -13.31042 -17.26073 6.74690   1.000 62.56803 ? 63  ASP A CB  1 
ATOM   433 C CG  . ASP A 1 52 ? -12.95082 -18.72991 6.71928   1.000 76.58813 ? 63  ASP A CG  1 
ATOM   434 O OD1 . ASP A 1 52 ? -13.47339 -19.44992 5.84289   1.000 82.28092 ? 63  ASP A OD1 1 
ATOM   435 O OD2 . ASP A 1 52 ? -12.14072 -19.16236 7.56548   1.000 85.99715 ? 63  ASP A OD2 1 
ATOM   436 N N   . PHE A 1 53 ? -13.30194 -14.26454 5.57373   1.000 46.02131 ? 64  PHE A N   1 
ATOM   437 C CA  . PHE A 1 53 ? -13.77590 -12.90224 5.84259   1.000 42.83671 ? 64  PHE A CA  1 
ATOM   438 C C   . PHE A 1 53 ? -14.01096 -12.00304 4.63086   1.000 45.44229 ? 64  PHE A C   1 
ATOM   439 O O   . PHE A 1 53 ? -14.61385 -10.93910 4.76003   1.000 50.60080 ? 64  PHE A O   1 
ATOM   440 C CB  . PHE A 1 53 ? -12.86711 -12.20315 6.88050   1.000 40.34694 ? 64  PHE A CB  1 
ATOM   441 C CG  . PHE A 1 53 ? -13.07358 -12.72089 8.27278   1.000 42.94199 ? 64  PHE A CG  1 
ATOM   442 C CD1 . PHE A 1 53 ? -12.42912 -13.87187 8.69945   1.000 54.28019 ? 64  PHE A CD1 1 
ATOM   443 C CD2 . PHE A 1 53 ? -13.97616 -12.10756 9.12554   1.000 46.19238 ? 64  PHE A CD2 1 
ATOM   444 C CE1 . PHE A 1 53 ? -12.64779 -14.37836 9.96816   1.000 48.46897 ? 64  PHE A CE1 1 
ATOM   445 C CE2 . PHE A 1 53 ? -14.20561 -12.61191 10.39358  1.000 49.11115 ? 64  PHE A CE2 1 
ATOM   446 C CZ  . PHE A 1 53 ? -13.54305 -13.75078 10.81580  1.000 51.97202 ? 64  PHE A CZ  1 
ATOM   447 N N   . GLY A 1 54 ? -13.57633 -12.44581 3.45654   1.000 43.52364 ? 65  GLY A N   1 
ATOM   448 C CA  . GLY A 1 54 ? -13.64874 -11.61168 2.27057   1.000 42.79197 ? 65  GLY A CA  1 
ATOM   449 C C   . GLY A 1 54 ? -12.65748 -10.46327 2.33860   1.000 37.71768 ? 65  GLY A C   1 
ATOM   450 O O   . GLY A 1 54 ? -11.47528 -10.65729 2.64322   1.000 34.40939 ? 65  GLY A O   1 
ATOM   451 N N   . VAL A 1 55 ? -13.12659 -9.25305  2.05738   1.000 33.87511 ? 66  VAL A N   1 
ATOM   452 C CA  . VAL A 1 55 ? -12.21558 -8.11162  2.03323   1.000 28.13758 ? 66  VAL A CA  1 
ATOM   453 C C   . VAL A 1 55 ? -11.66543 -7.81392  3.42647   1.000 28.00073 ? 66  VAL A C   1 
ATOM   454 O O   . VAL A 1 55 ? -12.42194 -7.68006  4.39292   1.000 30.53787 ? 66  VAL A O   1 
ATOM   455 C CB  . VAL A 1 55 ? -12.88946 -6.84308  1.47933   1.000 32.35388 ? 66  VAL A CB  1 
ATOM   456 C CG1 . VAL A 1 55 ? -11.93075 -5.66986  1.53645   1.000 30.29837 ? 66  VAL A CG1 1 
ATOM   457 C CG2 . VAL A 1 55 ? -13.35541 -7.06698  0.04419   1.000 36.35699 ? 66  VAL A CG2 1 
ATOM   458 N N   . VAL A 1 56 ? -10.34637 -7.74486  3.53255   1.000 26.44528 ? 67  VAL A N   1 
ATOM   459 C CA  . VAL A 1 56 ? -9.71304  -7.34549  4.78433   1.000 26.08471 ? 67  VAL A CA  1 
ATOM   460 C C   . VAL A 1 56 ? -8.59615  -6.35067  4.52697   1.000 25.63202 ? 67  VAL A C   1 
ATOM   461 O O   . VAL A 1 56 ? -8.16465  -6.16302  3.39360   1.000 23.39491 ? 67  VAL A O   1 
ATOM   462 C CB  . VAL A 1 56 ? -9.09110  -8.53886  5.52986   1.000 28.32445 ? 67  VAL A CB  1 
ATOM   463 C CG1 . VAL A 1 56 ? -10.15837 -9.59819  5.84059   1.000 33.01185 ? 67  VAL A CG1 1 
ATOM   464 C CG2 . VAL A 1 56 ? -7.91600  -9.10673  4.71782   1.000 31.53273 ? 67  VAL A CG2 1 
ATOM   465 N N   . LYS A 1 57 ? -8.13806  -5.71939  5.59910   1.000 24.07657 ? 68  LYS A N   1 
ATOM   466 C CA  . LYS A 1 57 ? -6.97691  -4.84728  5.53200   1.000 22.28951 ? 68  LYS A CA  1 
ATOM   467 C C   . LYS A 1 57 ? -5.80162  -5.56868  6.16313   1.000 24.60295 ? 68  LYS A C   1 
ATOM   468 O O   . LYS A 1 57 ? -5.72343  -5.69467  7.38125   1.000 25.27935 ? 68  LYS A O   1 
ATOM   469 C CB  . LYS A 1 57 ? -7.26077  -3.56445  6.30214   1.000 25.01089 ? 68  LYS A CB  1 
ATOM   470 C CG  . LYS A 1 57 ? -8.46104  -2.79657  5.75851   1.000 25.85310 ? 68  LYS A CG  1 
ATOM   471 C CD  . LYS A 1 57 ? -8.71489  -1.57268  6.60779   1.000 29.52196 ? 68  LYS A CD  1 
ATOM   472 C CE  . LYS A 1 57 ? -9.82580  -0.71858  6.03103   1.000 30.78790 ? 68  LYS A CE  1 
ATOM   473 N NZ  . LYS A 1 57 ? -10.11482 0.39813   6.98602   1.000 33.77773 ? 68  LYS A NZ  1 
ATOM   474 N N   . GLU A 1 58 ? -4.85920  -5.98381  5.32482   1.000 22.56060 ? 69  GLU A N   1 
ATOM   475 C CA  . GLU A 1 58 ? -3.80591  -6.89521  5.75478   1.000 24.32134 ? 69  GLU A CA  1 
ATOM   476 C C   . GLU A 1 58 ? -2.53667  -6.15436  6.03550   1.000 23.69495 ? 69  GLU A C   1 
ATOM   477 O O   . GLU A 1 58 ? -2.06446  -5.40866  5.17993   1.000 23.10803 ? 69  GLU A O   1 
ATOM   478 C CB  . GLU A 1 58 ? -3.52106  -7.92089  4.66275   1.000 25.49253 ? 69  GLU A CB  1 
ATOM   479 C CG  . GLU A 1 58 ? -2.42001  -8.88505  5.01482   1.000 31.63537 ? 69  GLU A CG  1 
ATOM   480 C CD  . GLU A 1 58 ? -2.20279  -9.93898  3.94369   1.000 53.66433 ? 69  GLU A CD  1 
ATOM   481 O OE1 . GLU A 1 58 ? -3.14045  -10.18360 3.15351   1.000 56.57520 ? 69  GLU A OE1 1 
ATOM   482 O OE2 . GLU A 1 58 ? -1.09657  -10.52332 3.89766   1.000 52.15099 ? 69  GLU A OE2 1 
ATOM   483 N N   . GLU A 1 59 ? -1.97314  -6.36413  7.21625   1.000 25.43200 ? 70  GLU A N   1 
ATOM   484 C CA  . GLU A 1 59 ? -0.73587  -5.66623  7.54867   1.000 25.37673 ? 70  GLU A CA  1 
ATOM   485 C C   . GLU A 1 59 ? 0.42359   -6.33138  6.83472   1.000 26.12945 ? 70  GLU A C   1 
ATOM   486 O O   . GLU A 1 59 ? 0.53929   -7.55922  6.83205   1.000 28.09284 ? 70  GLU A O   1 
ATOM   487 C CB  . GLU A 1 59 ? -0.50340  -5.66841  9.06205   1.000 27.38749 ? 70  GLU A CB  1 
ATOM   488 C CG  . GLU A 1 59 ? 0.57711   -4.66620  9.48999   1.000 36.39121 ? 70  GLU A CG  1 
ATOM   489 C CD  . GLU A 1 59 ? 1.83754   -5.31978  10.02070  1.000 48.41896 ? 70  GLU A CD  1 
ATOM   490 O OE1 . GLU A 1 59 ? 1.84741   -6.55669  10.19391  1.000 55.13819 ? 70  GLU A OE1 1 
ATOM   491 O OE2 . GLU A 1 59 ? 2.82706   -4.58748  10.27641  1.000 46.46873 ? 70  GLU A OE2 1 
ATOM   492 N N   . ILE A 1 60 ? 1.30136   -5.51683  6.24493   1.000 24.50031 ? 71  ILE A N   1 
ATOM   493 C CA  . ILE A 1 60 ? 2.50352   -6.03667  5.60842   1.000 26.87954 ? 71  ILE A CA  1 
ATOM   494 C C   . ILE A 1 60 ? 3.65065   -5.17851  6.12253   1.000 23.14488 ? 71  ILE A C   1 
ATOM   495 O O   . ILE A 1 60 ? 3.58548   -3.95035  6.03755   1.000 24.62927 ? 71  ILE A O   1 
ATOM   496 C CB  . ILE A 1 60 ? 2.39791   -5.95505  4.07345   1.000 24.28712 ? 71  ILE A CB  1 
ATOM   497 C CG1 . ILE A 1 60 ? 1.21479   -6.80152  3.58575   1.000 25.28198 ? 71  ILE A CG1 1 
ATOM   498 C CG2 . ILE A 1 60 ? 3.69732   -6.38294  3.42386   1.000 26.69794 ? 71  ILE A CG2 1 
ATOM   499 C CD1 . ILE A 1 60 ? 1.03395   -6.84335  2.07061   1.000 30.66947 ? 71  ILE A CD1 1 
ATOM   500 N N   . SER A 1 61 ? 4.57672   -5.79888  6.84490   1.000 27.27959 ? 72  SER A N   1 
ATOM   501 C CA  . SER A 1 61 ? 5.76840   -5.10000  7.33163   1.000 28.77713 ? 72  SER A CA  1 
ATOM   502 C C   . SER A 1 61 ? 7.14087   -5.32489  6.64778   1.000 30.81422 ? 72  SER A C   1 
ATOM   503 O O   . SER A 1 61 ? 8.08084   -4.59273  6.93085   1.000 34.03566 ? 72  SER A O   1 
ATOM   504 C CB  . SER A 1 61 ? 5.90416   -5.35510  8.82689   1.000 36.22540 ? 72  SER A CB  1 
ATOM   505 O OG  . SER A 1 61 ? 6.21039   -6.71371  9.06014   1.000 40.80752 ? 72  SER A OG  1 
ATOM   506 N N   . ASP A 1 62 ? 7.23385   -6.27661  5.72717   1.000 27.50330 ? 73  ASP A N   1 
ATOM   507 C CA  . ASP A 1 62 ? 8.50891   -6.68103  5.12025   1.000 29.37721 ? 73  ASP A CA  1 
ATOM   508 C C   . ASP A 1 62 ? 8.66038   -5.96986  3.78005   1.000 27.95862 ? 73  ASP A C   1 
ATOM   509 O O   . ASP A 1 62 ? 7.84817   -6.15444  2.88401   1.000 26.99008 ? 73  ASP A O   1 
ATOM   510 C CB  . ASP A 1 62 ? 8.53061   -8.21050  4.93277   1.000 33.59350 ? 73  ASP A CB  1 
ATOM   511 C CG  . ASP A 1 62 ? 9.84956   -8.74357  4.36352   1.000 38.13352 ? 73  ASP A CG  1 
ATOM   512 O OD1 . ASP A 1 62 ? 10.68378  -7.97341  3.83827   1.000 36.47016 ? 73  ASP A OD1 1 
ATOM   513 O OD2 . ASP A 1 62 ? 10.04944  -9.97631  4.43725   1.000 41.87871 ? 73  ASP A OD2 1 
ATOM   514 N N   . ASP A 1 63 ? 9.71222   -5.16638  3.64489   1.000 30.61683 ? 74  ASP A N   1 
ATOM   515 C CA  . ASP A 1 63 ? 9.96298   -4.43423  2.40292   1.000 28.38761 ? 74  ASP A CA  1 
ATOM   516 C C   . ASP A 1 63 ? 10.01131  -5.32182  1.15425   1.000 32.40125 ? 74  ASP A C   1 
ATOM   517 O O   . ASP A 1 63 ? 9.68232   -4.86934  0.06182   1.000 30.17204 ? 74  ASP A O   1 
ATOM   518 C CB  . ASP A 1 63 ? 11.28426  -3.66230  2.50535   1.000 30.52471 ? 74  ASP A CB  1 
ATOM   519 C CG  . ASP A 1 63 ? 11.20738  -2.48635  3.46039   1.000 38.00192 ? 74  ASP A CG  1 
ATOM   520 O OD1 . ASP A 1 63 ? 10.09738  -2.17585  3.93949   1.000 38.98362 ? 74  ASP A OD1 1 
ATOM   521 O OD2 . ASP A 1 63 ? 12.26193  -1.86565  3.71914   1.000 36.85442 ? 74  ASP A OD2 1 
ATOM   522 N N   . ASN A 1 64 ? 10.43640  -6.57551  1.30247   1.000 30.48523 ? 75  ASN A N   1 
ATOM   523 C CA  . ASN A 1 64 ? 10.49619  -7.47423  0.14790   1.000 32.72498 ? 75  ASN A CA  1 
ATOM   524 C C   . ASN A 1 64 ? 9.17721   -8.15207  -0.19815  1.000 34.32254 ? 75  ASN A C   1 
ATOM   525 O O   . ASN A 1 64 ? 9.09280   -8.88602  -1.18623  1.000 32.10385 ? 75  ASN A O   1 
ATOM   526 C CB  . ASN A 1 64 ? 11.57449  -8.54397  0.34305   1.000 36.39121 ? 75  ASN A CB  1 
ATOM   527 C CG  . ASN A 1 64 ? 12.96584  -8.01161  0.08809   1.000 42.25243 ? 75  ASN A CG  1 
ATOM   528 O OD1 . ASN A 1 64 ? 13.14995  -7.08531  -0.69744  1.000 47.18197 ? 75  ASN A OD1 1 
ATOM   529 N ND2 . ASN A 1 64 ? 13.94901  -8.59049  0.75469   1.000 47.13460 ? 75  ASN A ND2 1 
ATOM   530 N N   . ALA A 1 65 ? 8.14700   -7.90378  0.60392   1.000 29.37457 ? 76  ALA A N   1 
ATOM   531 C CA  . ALA A 1 65 ? 6.86043   -8.56590  0.38743   1.000 29.40879 ? 76  ALA A CA  1 
ATOM   532 C C   . ALA A 1 65 ? 6.04320   -7.90029  -0.71289  1.000 29.41142 ? 76  ALA A C   1 
ATOM   533 O O   . ALA A 1 65 ? 5.97135   -6.67546  -0.80107  1.000 26.77953 ? 76  ALA A O   1 
ATOM   534 C CB  . ALA A 1 65 ? 6.06898   -8.62847  1.67947   1.000 30.95108 ? 76  ALA A CB  1 
ATOM   535 N N   . ARG A 1 66 ? 5.40927   -8.71535  -1.55167  1.000 29.90095 ? 77  ARG A N   1 
ATOM   536 C CA  . ARG A 1 66 ? 4.58256   -8.17574  -2.61339  1.000 23.86339 ? 77  ARG A CA  1 
ATOM   537 C C   . ARG A 1 66 ? 3.29111   -7.62136  -2.03626  1.000 25.13459 ? 77  ARG A C   1 
ATOM   538 O O   . ARG A 1 66 ? 2.77087   -8.12822  -1.03859  1.000 29.41142 ? 77  ARG A O   1 
ATOM   539 C CB  . ARG A 1 66 ? 4.28359   -9.25087  -3.66227  1.000 31.01424 ? 77  ARG A CB  1 
ATOM   540 C CG  . ARG A 1 66 ? 5.52269   -9.70701  -4.41204  1.000 45.48177 ? 77  ARG A CG  1 
ATOM   541 C CD  . ARG A 1 66 ? 5.27010   -9.78195  -5.90915  1.000 56.02251 ? 77  ARG A CD  1 
ATOM   542 N NE  . ARG A 1 66 ? 6.51960   -9.85080  -6.66055  1.000 63.59710 ? 77  ARG A NE  1 
ATOM   543 C CZ  . ARG A 1 66 ? 6.85375   -10.85230 -7.46539  1.000 68.29240 ? 77  ARG A CZ  1 
ATOM   544 N NH1 . ARG A 1 66 ? 6.02814   -11.87594 -7.63277  1.000 68.92669 ? 77  ARG A NH1 1 
ATOM   545 N NH2 . ARG A 1 66 ? 8.01514   -10.82939 -8.10582  1.000 73.40354 ? 77  ARG A NH2 1 
ATOM   546 N N   . LEU A 1 67 ? 2.80271   -6.54981  -2.64948  1.000 22.53954 ? 78  LEU A N   1 
ATOM   547 C CA  . LEU A 1 67 ? 1.55451   -5.92206  -2.23375  1.000 20.37350 ? 78  LEU A CA  1 
ATOM   548 C C   . LEU A 1 67 ? 0.37086   -6.46098  -3.02979  1.000 22.51586 ? 78  LEU A C   1 
ATOM   549 O O   . LEU A 1 67 ? 0.45666   -6.64941  -4.24532  1.000 25.62149 ? 78  LEU A O   1 
ATOM   550 C CB  . LEU A 1 67 ? 1.63451   -4.41469  -2.44085  1.000 21.85525 ? 78  LEU A CB  1 
ATOM   551 C CG  . LEU A 1 67 ? 2.78762   -3.68783  -1.73822  1.000 22.07633 ? 78  LEU A CG  1 
ATOM   552 C CD1 . LEU A 1 67 ? 2.68535   -2.19660  -1.96846  1.000 24.56347 ? 78  LEU A CD1 1 
ATOM   553 C CD2 . LEU A 1 67 ? 2.77835   -3.99712  -0.23843  1.000 23.30543 ? 78  LEU A CD2 1 
ATOM   554 N N   . PRO A 1 68 ? -0.75020  -6.70215  -2.34573  1.000 21.69997 ? 79  PRO A N   1 
ATOM   555 C CA  . PRO A 1 68 ? -1.96848  -7.07965  -3.05490  1.000 22.25004 ? 79  PRO A CA  1 
ATOM   556 C C   . PRO A 1 68 ? -2.50907  -5.92458  -3.86479  1.000 17.22838 ? 79  PRO A C   1 
ATOM   557 O O   . PRO A 1 68 ? -2.43576  -4.76902  -3.44753  1.000 20.43929 ? 79  PRO A O   1 
ATOM   558 C CB  . PRO A 1 68 ? -2.94589  -7.41616  -1.91695  1.000 23.02118 ? 79  PRO A CB  1 
ATOM   559 C CG  . PRO A 1 68 ? -2.48940  -6.63638  -0.77348  1.000 25.37673 ? 79  PRO A CG  1 
ATOM   560 C CD  . PRO A 1 68 ? -0.97819  -6.49197  -0.90895  1.000 23.85812 ? 79  PRO A CD  1 
ATOM   561 N N   . SER A 1 69 ? -3.07462  -6.25168  -5.02589  1.000 21.22886 ? 80  SER A N   1 
ATOM   562 C CA  . SER A 1 69 ? -3.56893  -5.21576  -5.93030  1.000 23.25542 ? 80  SER A CA  1 
ATOM   563 C C   . SER A 1 69 ? -4.75272  -5.72839  -6.72368  1.000 23.39228 ? 80  SER A C   1 
ATOM   564 O O   . SER A 1 69 ? -5.00782  -6.94161  -6.78084  1.000 26.12945 ? 80  SER A O   1 
ATOM   565 C CB  . SER A 1 69 ? -2.47573  -4.76651  -6.90064  1.000 24.75297 ? 80  SER A CB  1 
ATOM   566 O OG  . SER A 1 69 ? -2.10600  -5.83018  -7.75194  1.000 26.62424 ? 80  SER A OG  1 
ATOM   567 N N   . PHE A 1 70 ? -5.49104  -4.79517  -7.30864  1.000 21.93947 ? 81  PHE A N   1 
ATOM   568 C CA  . PHE A 1 70 ? -6.57661  -5.13650  -8.21985  1.000 23.98972 ? 81  PHE A CA  1 
ATOM   569 C C   . PHE A 1 70 ? -6.50011  -4.18040  -9.39677  1.000 23.42912 ? 81  PHE A C   1 
ATOM   570 O O   . PHE A 1 70 ? -6.55142  -2.96004  -9.20011  1.000 23.38701 ? 81  PHE A O   1 
ATOM   571 C CB  . PHE A 1 70 ? -7.92168  -4.97638  -7.52340  1.000 23.15014 ? 81  PHE A CB  1 
ATOM   572 C CG  . PHE A 1 70 ? -9.10374  -5.39061  -8.36952  1.000 24.95036 ? 81  PHE A CG  1 
ATOM   573 C CD1 . PHE A 1 70 ? -9.46833  -6.71995  -8.46721  1.000 27.25590 ? 81  PHE A CD1 1 
ATOM   574 C CD2 . PHE A 1 70 ? -9.83812  -4.44983  -9.07481  1.000 34.40149 ? 81  PHE A CD2 1 
ATOM   575 C CE1 . PHE A 1 70 ? -10.54759 -7.10277  -9.24767  1.000 35.50426 ? 81  PHE A CE1 1 
ATOM   576 C CE2 . PHE A 1 70 ? -10.92486 -4.83538  -9.86147  1.000 30.59314 ? 81  PHE A CE2 1 
ATOM   577 C CZ  . PHE A 1 70 ? -11.27471 -6.15145  -9.93878  1.000 30.59051 ? 81  PHE A CZ  1 
ATOM   578 N N   . ASN A 1 71 ? -6.39659  -4.73741  -10.60449 1.000 23.94761 ? 82  ASN A N   1 
ATOM   579 C CA  . ASN A 1 71 ? -6.32901  -3.93329  -11.82160 1.000 23.97919 ? 82  ASN A CA  1 
ATOM   580 C C   . ASN A 1 71 ? -5.31037  -2.80392  -11.72441 1.000 22.43164 ? 82  ASN A C   1 
ATOM   581 O O   . ASN A 1 71 ? -5.57307  -1.67630  -12.13066 1.000 26.71373 ? 82  ASN A O   1 
ATOM   582 C CB  . ASN A 1 71 ? -7.70177  -3.38525  -12.16506 1.000 27.49014 ? 82  ASN A CB  1 
ATOM   583 C CG  . ASN A 1 71 ? -8.64580  -4.47559  -12.59918 1.000 29.05612 ? 82  ASN A CG  1 
ATOM   584 O OD1 . ASN A 1 71 ? -8.28835  -5.64811  -12.57086 1.000 28.80609 ? 82  ASN A OD1 1 
ATOM   585 N ND2 . ASN A 1 71 ? -9.84444  -4.09989  -13.00795 1.000 31.31954 ? 82  ASN A ND2 1 
ATOM   586 N N   . GLY A 1 72 ? -4.15747  -3.14178  -11.17556 1.000 23.23700 ? 83  GLY A N   1 
ATOM   587 C CA  . GLY A 1 72 ? -3.03045  -2.22226  -11.12615 1.000 25.01353 ? 83  GLY A CA  1 
ATOM   588 C C   . GLY A 1 72 ? -3.12014  -1.20263  -10.00826 1.000 23.18699 ? 83  GLY A C   1 
ATOM   589 O O   . GLY A 1 72 ? -2.32050  -0.25142  -9.98492  1.000 25.99522 ? 83  GLY A O   1 
ATOM   590 N N   . ARG A 1 73 ? -4.08425  -1.38395  -9.10760  1.000 23.40281 ? 84  ARG A N   1 
ATOM   591 C CA  . ARG A 1 73 ? -4.27276  -0.44179  -8.01433  1.000 22.28162 ? 84  ARG A CA  1 
ATOM   592 C C   . ARG A 1 73 ? -4.07625  -1.11778  -6.67620  1.000 21.78419 ? 84  ARG A C   1 
ATOM   593 O O   . ARG A 1 73 ? -4.62572  -2.18785  -6.40658  1.000 22.43690 ? 84  ARG A O   1 
ATOM   594 C CB  . ARG A 1 73 ? -5.67278  0.17150   -8.05970  1.000 25.29514 ? 84  ARG A CB  1 
ATOM   595 C CG  . ARG A 1 73 ? -5.95505  0.94186   -9.34035  1.000 31.15637 ? 84  ARG A CG  1 
ATOM   596 C CD  . ARG A 1 73 ? -7.44834  1.05005   -9.61666  1.000 46.87667 ? 84  ARG A CD  1 
ATOM   597 N NE  . ARG A 1 73 ? -8.15103  1.82211   -8.59539  1.000 47.71098 ? 84  ARG A NE  1 
ATOM   598 C CZ  . ARG A 1 73 ? -8.36309  3.13322   -8.66641  1.000 52.82739 ? 84  ARG A CZ  1 
ATOM   599 N NH1 . ARG A 1 73 ? -7.92460  3.82315   -9.70928  1.000 52.01676 ? 84  ARG A NH1 1 
ATOM   600 N NH2 . ARG A 1 73 ? -9.01386  3.75780   -7.69515  1.000 49.53752 ? 84  ARG A NH2 1 
ATOM   601 N N   . VAL A 1 74 ? -3.29951  -0.46159  -5.82051  1.000 19.38917 ? 85  VAL A N   1 
ATOM   602 C CA  . VAL A 1 74 ? -3.13480  -0.89602  -4.44222  1.000 19.22599 ? 85  VAL A CA  1 
ATOM   603 C C   . VAL A 1 74 ? -3.85781  0.12101   -3.56836  1.000 16.94677 ? 85  VAL A C   1 
ATOM   604 O O   . VAL A 1 74 ? -3.80041  1.30865   -3.85038  1.000 19.58656 ? 85  VAL A O   1 
ATOM   605 C CB  . VAL A 1 74 ? -1.62359  -0.93140  -4.08101  1.000 20.23664 ? 85  VAL A CB  1 
ATOM   606 C CG1 . VAL A 1 74 ? -1.43235  -1.16987  -2.56768  1.000 21.10516 ? 85  VAL A CG1 1 
ATOM   607 C CG2 . VAL A 1 74 ? -0.89200  -2.00699  -4.89289  1.000 20.98409 ? 85  VAL A CG2 1 
ATOM   608 N N   . VAL A 1 75 ? -4.56309  -0.34393  -2.53569  1.000 16.80201 ? 86  VAL A N   1 
ATOM   609 C CA  . VAL A 1 75 ? -5.21655  0.55486   -1.58361  1.000 16.72306 ? 86  VAL A CA  1 
ATOM   610 C C   . VAL A 1 75 ? -4.62229  0.28553   -0.19224  1.000 17.58369 ? 86  VAL A C   1 
ATOM   611 O O   . VAL A 1 75 ? -4.55171  -0.86874  0.25916   1.000 19.25494 ? 86  VAL A O   1 
ATOM   612 C CB  . VAL A 1 75 ? -6.77810  0.39100   -1.59262  1.000 21.68944 ? 86  VAL A CB  1 
ATOM   613 C CG1 . VAL A 1 75 ? -7.42926  1.39542   -0.65861  1.000 25.98206 ? 86  VAL A CG1 1 
ATOM   614 C CG2 . VAL A 1 75 ? -7.31337  0.57846   -3.00703  1.000 23.78180 ? 86  VAL A CG2 1 
ATOM   615 N N   . SER A 1 76 ? -4.16422  1.34370   0.48432   1.000 18.22587 ? 87  SER A N   1 
ATOM   616 C CA  . SER A 1 76 ? -3.41643  1.16589   1.72788   1.000 19.02333 ? 87  SER A CA  1 
ATOM   617 C C   . SER A 1 76 ? -3.91226  2.12736   2.79418   1.000 18.93122 ? 87  SER A C   1 
ATOM   618 O O   . SER A 1 76 ? -4.42925  3.19706   2.48193   1.000 20.49456 ? 87  SER A O   1 
ATOM   619 C CB  . SER A 1 76 ? -1.92243  1.42572   1.47880   1.000 21.61575 ? 87  SER A CB  1 
ATOM   620 O OG  . SER A 1 76 ? -1.12353  1.21833   2.64490   1.000 22.05001 ? 87  SER A OG  1 
ATOM   621 N N   . TRP A 1 77 ? -3.76139  1.71080   4.04701   1.000 20.95778 ? 88  TRP A N   1 
ATOM   622 C CA  . TRP A 1 77 ? -3.99096  2.57357   5.19511   1.000 21.30255 ? 88  TRP A CA  1 
ATOM   623 C C   . TRP A 1 77 ? -2.71342  2.59310   6.00546   1.000 19.05492 ? 88  TRP A C   1 
ATOM   624 O O   . TRP A 1 77 ? -2.15309  1.53014   6.31705   1.000 23.36333 ? 88  TRP A O   1 
ATOM   625 C CB  . TRP A 1 77 ? -5.13603  2.02963   6.06830   1.000 22.88432 ? 88  TRP A CB  1 
ATOM   626 C CG  . TRP A 1 77 ? -6.45841  2.13661   5.38427   1.000 20.16821 ? 88  TRP A CG  1 
ATOM   627 C CD1 . TRP A 1 77 ? -7.39097  3.11605   5.54602   1.000 26.16630 ? 88  TRP A CD1 1 
ATOM   628 C CD2 . TRP A 1 77 ? -6.98483  1.23820   4.39127   1.000 19.71552 ? 88  TRP A CD2 1 
ATOM   629 N NE1 . TRP A 1 77 ? -8.47093  2.88113   4.71143   1.000 26.93481 ? 88  TRP A NE1 1 
ATOM   630 C CE2 . TRP A 1 77 ? -8.24201  1.73323   4.00129   1.000 26.52423 ? 88  TRP A CE2 1 
ATOM   631 C CE3 . TRP A 1 77 ? -6.50900  0.06434   3.80013   1.000 23.31595 ? 88  TRP A CE3 1 
ATOM   632 C CZ2 . TRP A 1 77 ? -9.03308  1.09581   3.04580   1.000 32.41441 ? 88  TRP A CZ2 1 
ATOM   633 C CZ3 . TRP A 1 77 ? -7.29643  -0.56632  2.84502   1.000 24.68980 ? 88  TRP A CZ3 1 
ATOM   634 C CH2 . TRP A 1 77 ? -8.54567  -0.05104  2.48767   1.000 30.71684 ? 88  TRP A CH2 1 
ATOM   635 N N   . LEU A 1 78 ? -2.24988  3.78943   6.34264   1.000 23.70811 ? 89  LEU A N   1 
ATOM   636 C CA  . LEU A 1 78 ? -1.07263  3.91935   7.18290   1.000 23.16330 ? 89  LEU A CA  1 
ATOM   637 C C   . LEU A 1 78 ? -1.51644  4.27746   8.58323   1.000 26.52423 ? 89  LEU A C   1 
ATOM   638 O O   . LEU A 1 78 ? -2.36850  5.14565   8.75126   1.000 29.52459 ? 89  LEU A O   1 
ATOM   639 C CB  . LEU A 1 78 ? -0.16871  5.03235   6.66245   1.000 25.93469 ? 89  LEU A CB  1 
ATOM   640 C CG  . LEU A 1 78 ? 0.81800   4.67110   5.55344   1.000 34.16199 ? 89  LEU A CG  1 
ATOM   641 C CD1 . LEU A 1 78 ? 0.09295   4.20799   4.31291   1.000 27.97704 ? 89  LEU A CD1 1 
ATOM   642 C CD2 . LEU A 1 78 ? 1.73012   5.84470   5.23382   1.000 36.77020 ? 89  LEU A CD2 1 
ATOM   643 N N   . VAL A 1 79 ? -0.92346  3.62584   9.57871   1.000 28.00862 ? 90  VAL A N   1 
ATOM   644 C CA  . VAL A 1 79 ? -1.14484  4.00679   10.97199  1.000 29.77725 ? 90  VAL A CA  1 
ATOM   645 C C   . VAL A 1 79 ? 0.17902   4.40805   11.61041  1.000 32.35388 ? 90  VAL A C   1 
ATOM   646 O O   . VAL A 1 79 ? 1.08008   3.58070   11.75469  1.000 38.29407 ? 90  VAL A O   1 
ATOM   647 C CB  . VAL A 1 79 ? -1.75979  2.85763   11.78089  1.000 34.05935 ? 90  VAL A CB  1 
ATOM   648 C CG1 . VAL A 1 79 ? -2.11558  3.33664   13.18947  1.000 39.74687 ? 90  VAL A CG1 1 
ATOM   649 C CG2 . VAL A 1 79 ? -2.98131  2.30599   11.07426  1.000 42.70775 ? 90  VAL A CG2 1 
ATOM   650 N N   . SER A 1 80 ? 0.29592   5.67564   11.98740  1.000 34.86734 ? 91  SER A N   1 
ATOM   651 C CA  . SER A 1 80 ? 1.54789   6.19844   12.52686  1.000 36.27540 ? 91  SER A CA  1 
ATOM   652 C C   . SER A 1 80 ? 1.74768   5.76666   13.97530  1.000 47.38463 ? 91  SER A C   1 
ATOM   653 O O   . SER A 1 80 ? 0.78405   5.47159   14.68378  1.000 47.56886 ? 91  SER A O   1 
ATOM   654 C CB  . SER A 1 80 ? 1.58931   7.72273   12.40765  1.000 50.68502 ? 91  SER A CB  1 
ATOM   655 O OG  . SER A 1 80 ? 0.44691   8.30837   13.00223  1.000 57.05158 ? 91  SER A OG  1 
ATOM   656 N N   . SER A 1 81 ? 3.00493   5.71252   14.40226  1.000 48.04787 ? 92  SER A N   1 
ATOM   657 C CA  . SER A 1 81 ? 3.32767   5.31675   15.76972  1.000 56.85419 ? 92  SER A CA  1 
ATOM   658 C C   . SER A 1 81 ? 3.07594   6.45861   16.74439  1.000 57.44373 ? 92  SER A C   1 
ATOM   659 O O   . SER A 1 81 ? 3.89513   7.36710   16.86964  1.000 66.85538 ? 92  SER A O   1 
ATOM   660 C CB  . SER A 1 81 ? 4.78141   4.85454   15.87103  1.000 62.27852 ? 92  SER A CB  1 
ATOM   661 O OG  . SER A 1 81 ? 5.67436   5.91798   15.59348  1.000 73.40880 ? 92  SER A OG  1 
HETATM 662 O O   . HOH B 2 .  ? -14.83428 -7.51599  4.68279   1.000 49.67000 ? 101 HOH A O   1 
HETATM 663 O O   . HOH B 2 .  ? -6.00850  -14.95665 5.15916   1.000 43.95000 ? 102 HOH A O   1 
HETATM 664 O O   . HOH B 2 .  ? 8.83048   -8.92711  -6.13596  1.000 57.93000 ? 103 HOH A O   1 
HETATM 665 O O   . HOH B 2 .  ? 11.70459  0.46035   7.04853   1.000 47.71000 ? 104 HOH A O   1 
HETATM 666 O O   . HOH B 2 .  ? 12.59640  0.44902   4.73558   1.000 58.57000 ? 105 HOH A O   1 
HETATM 667 O O   . HOH B 2 .  ? 0.17158   -6.96573  -6.76986  1.000 34.50000 ? 106 HOH A O   1 
HETATM 668 O O   . HOH B 2 .  ? 14.48693  -2.33677  2.52649   1.000 43.65000 ? 107 HOH A O   1 
HETATM 669 O O   . HOH B 2 .  ? 2.63489   -10.20321 0.46878   1.000 43.35000 ? 108 HOH A O   1 
HETATM 670 O O   . HOH B 2 .  ? -12.23663 14.36741  1.01311   1.000 42.68000 ? 109 HOH A O   1 
HETATM 671 O O   . HOH B 2 .  ? -0.69900  14.61314  6.75934   1.000 46.72000 ? 110 HOH A O   1 
HETATM 672 O O   . HOH B 2 .  ? 11.43262  7.08765   1.49957   1.000 49.36000 ? 111 HOH A O   1 
HETATM 673 O O   . HOH B 2 .  ? 9.55581   -4.73634  -7.06433  1.000 45.35000 ? 112 HOH A O   1 
HETATM 674 O O   . HOH B 2 .  ? 11.51360  -4.44213  -2.54351  1.000 45.95000 ? 113 HOH A O   1 
HETATM 675 O O   . HOH B 2 .  ? -8.10414  7.60465   6.72401   1.000 39.87000 ? 114 HOH A O   1 
HETATM 676 O O   . HOH B 2 .  ? 1.10390   -9.02766  9.56970   1.000 37.13000 ? 115 HOH A O   1 
HETATM 677 O O   . HOH B 2 .  ? -5.26154  5.01447   8.09010   1.000 35.33000 ? 116 HOH A O   1 
HETATM 678 O O   . HOH B 2 .  ? 7.47813   1.55351   9.26774   1.000 54.15000 ? 117 HOH A O   1 
HETATM 679 O O   . HOH B 2 .  ? 12.57494  -10.80507 4.14625   1.000 52.10000 ? 118 HOH A O   1 
HETATM 680 O O   . HOH B 2 .  ? 0.55456   -2.51586  -13.06780 1.000 39.47000 ? 119 HOH A O   1 
HETATM 681 O O   . HOH B 2 .  ? -4.44933  -3.43251  -2.24758  1.000 23.35000 ? 120 HOH A O   1 
HETATM 682 O O   . HOH B 2 .  ? 3.48394   -2.57310  8.59161   1.000 28.65000 ? 121 HOH A O   1 
HETATM 683 O O   . HOH B 2 .  ? -5.56839  13.97251  3.63278   1.000 29.54000 ? 122 HOH A O   1 
HETATM 684 O O   . HOH B 2 .  ? -3.10973  -5.65880  -10.29275 1.000 29.24000 ? 123 HOH A O   1 
HETATM 685 O O   . HOH B 2 .  ? 3.32515   -7.34579  -6.35527  1.000 42.49000 ? 124 HOH A O   1 
HETATM 686 O O   . HOH B 2 .  ? -5.93692  -8.81396  -8.57385  1.000 39.18000 ? 125 HOH A O   1 
HETATM 687 O O   . HOH B 2 .  ? -5.92147  9.94395   4.21641   1.000 30.30000 ? 126 HOH A O   1 
HETATM 688 O O   . HOH B 2 .  ? 13.33222  -7.06961  4.09795   1.000 31.82000 ? 127 HOH A O   1 
HETATM 689 O O   . HOH B 2 .  ? -10.05816 -7.07250  -1.46189  1.000 38.36000 ? 128 HOH A O   1 
HETATM 690 O O   . HOH B 2 .  ? 8.00007   -6.82156  11.23015  1.000 56.62000 ? 129 HOH A O   1 
HETATM 691 O O   . HOH B 2 .  ? 7.68201   -1.84956  7.44627   1.000 33.42000 ? 130 HOH A O   1 
HETATM 692 O O   . HOH B 2 .  ? -10.12114 1.11879   -6.63410  1.000 48.95000 ? 131 HOH A O   1 
HETATM 693 O O   . HOH B 2 .  ? -12.19168 1.42339   5.29496   1.000 45.78000 ? 132 HOH A O   1 
HETATM 694 O O   . HOH B 2 .  ? 12.32242  -1.78259  -3.55326  1.000 64.28000 ? 133 HOH A O   1 
HETATM 695 O O   . HOH B 2 .  ? 10.83503  -9.17841  -3.49391  1.000 60.94000 ? 134 HOH A O   1 
HETATM 696 O O   . HOH B 2 .  ? 5.40758   11.52457  1.13421   1.000 42.86000 ? 135 HOH A O   1 
HETATM 697 O O   . HOH B 2 .  ? 5.48874   -11.62622 -1.11344  1.000 43.79000 ? 136 HOH A O   1 
HETATM 698 O O   . HOH B 2 .  ? 4.20021   10.15788  -1.34481  1.000 50.45000 ? 137 HOH A O   1 
HETATM 699 O O   . HOH B 2 .  ? 2.39766   11.13545  2.40961   1.000 51.29000 ? 138 HOH A O   1 
HETATM 700 O O   . HOH B 2 .  ? 5.37294   -8.57113  5.89842   1.000 35.29000 ? 139 HOH A O   1 
HETATM 701 O O   . HOH B 2 .  ? -11.08976 4.27195   4.63487   1.000 41.47000 ? 140 HOH A O   1 
HETATM 702 O O   . HOH B 2 .  ? 5.64379   -1.41842  9.50439   1.000 32.15000 ? 141 HOH A O   1 
HETATM 703 O O   . HOH B 2 .  ? -16.04541 -8.59192  2.08412   1.000 39.76000 ? 142 HOH A O   1 
HETATM 704 O O   . HOH B 2 .  ? -6.65954  -2.97754  -4.35473  1.000 31.71000 ? 143 HOH A O   1 
HETATM 705 O O   . HOH B 2 .  ? 9.30218   -11.45852 1.93996   1.000 49.79000 ? 144 HOH A O   1 
HETATM 706 O O   . HOH B 2 .  ? -1.94473  1.10267   -12.63862 1.000 49.20000 ? 145 HOH A O   1 
HETATM 707 O O   . HOH B 2 .  ? -3.10629  -9.30617  -5.43241  1.000 31.95000 ? 146 HOH A O   1 
HETATM 708 O O   . HOH B 2 .  ? -8.56471  17.51690  2.24926   1.000 42.33000 ? 147 HOH A O   1 
HETATM 709 O O   . HOH B 2 .  ? -6.21142  -8.09914  -4.09644  1.000 48.09000 ? 148 HOH A O   1 
HETATM 710 O O   . HOH B 2 .  ? -8.02620  14.64255  5.04172   1.000 52.15000 ? 149 HOH A O   1 
HETATM 711 O O   . HOH B 2 .  ? 4.01148   8.61364   7.20704   1.000 55.83000 ? 150 HOH A O   1 
HETATM 712 O O   . HOH B 2 .  ? -10.49953 -4.50400  -4.89531  1.000 44.71000 ? 151 HOH A O   1 
HETATM 713 O O   . HOH B 2 .  ? 1.69611   -1.97060  -15.83396 1.000 52.09000 ? 152 HOH A O   1 
HETATM 714 O O   . HOH B 2 .  ? -9.26685  -2.04160  -5.08781  1.000 43.52000 ? 153 HOH A O   1 
HETATM 715 O O   . HOH B 2 .  ? -9.14844  3.22017   8.76052   1.000 56.63000 ? 154 HOH A O   1 
HETATM 716 O O   . HOH B 2 .  ? -4.23872  -7.24114  -12.21937 1.000 51.07000 ? 155 HOH A O   1 
HETATM 717 O O   . HOH B 2 .  ? -6.87071  3.58999   9.44820   1.000 46.49000 ? 156 HOH A O   1 
HETATM 718 O O   . HOH B 2 .  ? -11.24469 0.53144   -0.14093  1.000 41.03000 ? 157 HOH A O   1 
HETATM 719 O O   . HOH B 2 .  ? -9.59332  18.39202  0.00391   1.000 51.02000 ? 158 HOH A O   1 
HETATM 720 O O   . HOH B 2 .  ? 3.65797   -10.11106 3.92590   1.000 40.23000 ? 159 HOH A O   1 
# 
loop_
_atom_site_anisotrop.id 
_atom_site_anisotrop.type_symbol 
_atom_site_anisotrop.pdbx_label_atom_id 
_atom_site_anisotrop.pdbx_label_alt_id 
_atom_site_anisotrop.pdbx_label_comp_id 
_atom_site_anisotrop.pdbx_label_asym_id 
_atom_site_anisotrop.pdbx_label_seq_id 
_atom_site_anisotrop.pdbx_PDB_ins_code 
_atom_site_anisotrop.U[1][1] 
_atom_site_anisotrop.U[2][2] 
_atom_site_anisotrop.U[3][3] 
_atom_site_anisotrop.U[1][2] 
_atom_site_anisotrop.U[1][3] 
_atom_site_anisotrop.U[2][3] 
_atom_site_anisotrop.pdbx_auth_seq_id 
_atom_site_anisotrop.pdbx_auth_comp_id 
_atom_site_anisotrop.pdbx_auth_asym_id 
_atom_site_anisotrop.pdbx_auth_atom_id 
1   N N   . GLY A 1  ? 0.74871 0.85804 0.51264 -0.02620 0.15168  -0.14842 12 GLY A N   
2   C CA  . GLY A 1  ? 0.66539 0.69880 0.41361 -0.03596 0.14233  -0.15399 12 GLY A CA  
3   C C   . GLY A 1  ? 0.57278 0.62358 0.37524 -0.02286 0.10434  -0.10935 12 GLY A C   
4   O O   . GLY A 1  ? 0.52086 0.59266 0.37078 0.00911  0.09269  -0.08063 12 GLY A O   
5   N N   . GLU A 2  ? 0.58864 0.63259 0.38067 -0.05004 0.08685  -0.10423 13 GLU A N   
6   C CA  . GLU A 2  ? 0.51505 0.56996 0.35128 -0.03763 0.05631  -0.06708 13 GLU A CA  
7   C C   . GLU A 2  ? 0.45900 0.45935 0.27514 -0.04838 0.05116  -0.07479 13 GLU A C   
8   O O   . GLU A 2  ? 0.52027 0.51692 0.29221 -0.08531 0.05930  -0.09567 13 GLU A O   
9   C CB  . GLU A 2  ? 0.56887 0.71566 0.43047 -0.05646 0.03572  -0.03398 13 GLU A CB  
10  C CG  . GLU A 2  ? 0.60672 0.75522 0.51016 -0.04061 0.01085  0.00243  13 GLU A CG  
11  C CD  . GLU A 2  ? 0.59303 0.82297 0.52250 -0.05334 -0.00377 0.04018  13 GLU A CD  
12  O OE1 . GLU A 2  ? 0.60693 0.86205 0.56953 -0.04129 -0.01211 0.06608  13 GLU A OE1 
13  O OE2 . GLU A 2  ? 0.64953 0.92237 0.56701 -0.07647 -0.00672 0.04854  13 GLU A OE2 
14  N N   . THR A 3  ? 0.42773 0.39250 0.27297 -0.02181 0.03750  -0.05753 14 THR A N   
15  C CA  . THR A 3  ? 0.43085 0.35700 0.26335 -0.03024 0.02971  -0.05873 14 THR A CA  
16  C C   . THR A 3  ? 0.38447 0.34746 0.25377 -0.02220 0.00590  -0.02695 14 THR A C   
17  O O   . THR A 3  ? 0.38328 0.35212 0.28719 0.00078  -0.00368 -0.00860 14 THR A O   
18  C CB  . THR A 3  ? 0.45798 0.30398 0.28664 -0.00546 0.03859  -0.06786 14 THR A CB  
19  O OG1 . THR A 3  ? 0.52679 0.32321 0.32131 -0.00450 0.06755  -0.09628 14 THR A OG1 
20  C CG2 . THR A 3  ? 0.47898 0.29219 0.29232 -0.01890 0.02988  -0.06724 14 THR A CG2 
21  N N   . LYS A 4  ? 0.36937 0.35713 0.22880 -0.04206 -0.00131 -0.02008 15 LYS A N   
22  C CA  . LYS A 4  ? 0.33100 0.33949 0.22171 -0.02648 -0.01671 0.00729  15 LYS A CA  
23  C C   . LYS A 4  ? 0.37525 0.32943 0.25991 -0.01601 -0.01953 0.00000  15 LYS A C   
24  O O   . LYS A 4  ? 0.38186 0.31332 0.23532 -0.03494 -0.01427 -0.01533 15 LYS A O   
25  C CB  . LYS A 4  ? 0.32260 0.40585 0.21445 -0.04557 -0.02102 0.02798  15 LYS A CB  
26  C CG  . LYS A 4  ? 0.42261 0.57654 0.32996 -0.05367 -0.02178 0.04780  15 LYS A CG  
27  C CD  . LYS A 4  ? 0.56249 0.80484 0.48127 -0.06571 -0.02699 0.08152  15 LYS A CD  
28  C CE  . LYS A 4  ? 0.72542 1.04992 0.66076 -0.07669 -0.02866 0.10793  15 LYS A CE  
29  N NZ  . LYS A 4  ? 0.82221 1.15820 0.71859 -0.11247 -0.01987 0.07627  15 LYS A NZ  
30  N N   . VAL A 5  ? 0.31443 0.24812 0.22445 0.00864  -0.02761 0.01105  16 VAL A N   
31  C CA  . VAL A 5  ? 0.31823 0.21371 0.22237 0.01588  -0.03136 0.00631  16 VAL A CA  
32  C C   . VAL A 5  ? 0.32290 0.23817 0.24193 0.02670  -0.03669 0.02153  16 VAL A C   
33  O O   . VAL A 5  ? 0.32349 0.23906 0.26385 0.04138  -0.03886 0.03343  16 VAL A O   
34  C CB  . VAL A 5  ? 0.36629 0.22252 0.27959 0.03160  -0.03374 0.00344  16 VAL A CB  
35  C CG1 . VAL A 5  ? 0.38803 0.21735 0.29282 0.03396  -0.03856 0.00149  16 VAL A CG1 
36  C CG2 . VAL A 5  ? 0.38710 0.22480 0.29100 0.03242  -0.02234 -0.00731 16 VAL A CG2 
37  N N   . ILE A 6  ? 0.31343 0.24442 0.21926 0.01913  -0.03597 0.02229  17 ILE A N   
38  C CA  . ILE A 6  ? 0.30763 0.25735 0.22612 0.03635  -0.03516 0.03557  17 ILE A CA  
39  C C   . ILE A 6  ? 0.31755 0.22675 0.22430 0.04048  -0.03776 0.02245  17 ILE A C   
40  O O   . ILE A 6  ? 0.33589 0.23664 0.22276 0.02395  -0.03995 0.01413  17 ILE A O   
41  C CB  . ILE A 6  ? 0.31601 0.33247 0.22962 0.02490  -0.03230 0.05040  17 ILE A CB  
42  C CG1 . ILE A 6  ? 0.41087 0.48819 0.33664 0.01640  -0.03092 0.06986  17 ILE A CG1 
43  C CG2 . ILE A 6  ? 0.37238 0.40658 0.29804 0.05031  -0.02646 0.06307  17 ILE A CG2 
44  C CD1 . ILE A 6  ? 0.58891 0.67854 0.48514 -0.02336 -0.03185 0.05489  17 ILE A CD1 
45  N N   . TYR A 7  ? 0.33276 0.21395 0.24749 0.05785  -0.03702 0.02020  18 TYR A N   
46  C CA  . TYR A 7  ? 0.34673 0.20054 0.24653 0.05530  -0.04045 0.00760  18 TYR A CA  
47  C C   . TYR A 7  ? 0.34944 0.19806 0.24560 0.07108  -0.03173 0.00381  18 TYR A C   
48  O O   . TYR A 7  ? 0.36422 0.20295 0.27163 0.08911  -0.02188 0.00932  18 TYR A O   
49  C CB  . TYR A 7  ? 0.34762 0.16905 0.24793 0.04911  -0.04864 0.00156  18 TYR A CB  
50  C CG  . TYR A 7  ? 0.36000 0.16262 0.27128 0.05367  -0.04943 0.00265  18 TYR A CG  
51  C CD1 . TYR A 7  ? 0.41302 0.22495 0.34103 0.05497  -0.04961 0.01233  18 TYR A CD1 
52  C CD2 . TYR A 7  ? 0.43026 0.20584 0.33010 0.05042  -0.04957 -0.00687 18 TYR A CD2 
53  C CE1 . TYR A 7  ? 0.43165 0.22719 0.36847 0.05358  -0.05168 0.01688  18 TYR A CE1 
54  C CE2 . TYR A 7  ? 0.50816 0.25838 0.41096 0.04527  -0.05033 -0.00653 18 TYR A CE2 
55  C CZ  . TYR A 7  ? 0.48167 0.24252 0.40481 0.04719  -0.05230 0.00760  18 TYR A CZ  
56  O OH  . TYR A 7  ? 0.49392 0.23086 0.41872 0.03712  -0.05420 0.01157  18 TYR A OH  
57  N N   . HIS A 8  ? 0.36762 0.22046 0.24622 0.06485  -0.03287 -0.00465 19 HIS A N   
58  C CA  . HIS A 8  ? 0.39949 0.24763 0.26707 0.07892  -0.02070 -0.01426 19 HIS A CA  
59  C C   . HIS A 8  ? 0.41508 0.22817 0.26275 0.06394  -0.02660 -0.03247 19 HIS A C   
60  O O   . HIS A 8  ? 0.47340 0.29255 0.31745 0.04476  -0.04114 -0.02975 19 HIS A O   
61  C CB  . HIS A 8  ? 0.42267 0.32207 0.28266 0.07793  -0.01750 -0.00816 19 HIS A CB  
62  C CG  . HIS A 8  ? 0.42766 0.38032 0.30232 0.07914  -0.01614 0.01339  19 HIS A CG  
63  N ND1 . HIS A 8  ? 0.42025 0.38318 0.29268 0.05325  -0.02818 0.01966  19 HIS A ND1 
64  C CD2 . HIS A 8  ? 0.41838 0.42230 0.30802 0.10080  -0.00266 0.03156  19 HIS A CD2 
65  C CE1 . HIS A 8  ? 0.43808 0.45947 0.31855 0.05056  -0.02476 0.03796  19 HIS A CE1 
66  N NE2 . HIS A 8  ? 0.45699 0.51276 0.35236 0.08085  -0.01059 0.04980  19 HIS A NE2 
67  N N   . LEU A 9  ? 0.48068 0.25757 0.31404 0.07164  -0.01362 -0.04911 20 LEU A N   
68  C CA  . LEU A 9  ? 0.54695 0.29774 0.35331 0.04763  -0.01885 -0.06867 20 LEU A CA  
69  C C   . LEU A 9  ? 0.54397 0.30465 0.32178 0.04857  -0.00591 -0.08721 20 LEU A C   
70  O O   . LEU A 9  ? 0.57331 0.30973 0.34136 0.07231  0.01841  -0.09993 20 LEU A O   
71  C CB  . LEU A 9  ? 0.54623 0.23746 0.34391 0.04317  -0.01187 -0.08041 20 LEU A CB  
72  C CG  . LEU A 9  ? 0.74450 0.41595 0.51215 0.00528  -0.02139 -0.09757 20 LEU A CG  
73  C CD1 . LEU A 9  ? 0.74939 0.47223 0.53318 -0.01530 -0.04712 -0.07723 20 LEU A CD1 
74  C CD2 . LEU A 9  ? 0.89735 0.50580 0.65545 -0.00432 -0.01452 -0.10582 20 LEU A CD2 
75  N N   . ASP A 10 ? 0.56063 0.33941 0.33656 -0.02146 -0.06666 0.02422  21 ASP A N   
76  C CA  . ASP A 10 ? 0.67188 0.46056 0.39106 -0.01498 -0.03794 0.03403  21 ASP A CA  
77  C C   . ASP A 10 ? 0.61601 0.46187 0.36772 0.00944  0.00644  0.06370  21 ASP A C   
78  O O   . ASP A 10 ? 0.55548 0.45697 0.36825 0.00342  -0.00096 0.09644  21 ASP A O   
79  C CB  . ASP A 10 ? 0.75150 0.47659 0.39221 -0.00827 -0.02247 -0.00446 21 ASP A CB  
80  C CG  . ASP A 10 ? 0.82838 0.50906 0.43826 -0.03525 -0.06889 -0.02984 21 ASP A CG  
81  O OD1 . ASP A 10 ? 0.77718 0.46973 0.36979 -0.05809 -0.10040 -0.01543 21 ASP A OD1 
82  O OD2 . ASP A 10 ? 0.95599 0.59218 0.55993 -0.03407 -0.07496 -0.06278 21 ASP A OD2 
83  N N   . GLU A 11 ? 0.68054 0.51391 0.39146 0.03698  0.05302  0.05231  22 GLU A N   
84  C CA  . GLU A 11 ? 0.69002 0.58555 0.43174 0.06398  0.09761  0.08129  22 GLU A CA  
85  C C   . GLU A 11 ? 0.65628 0.55633 0.44979 0.09846  0.12430  0.07967  22 GLU A C   
86  O O   . GLU A 11 ? 0.66105 0.61249 0.48166 0.12747  0.16401  0.10195  22 GLU A O   
87  C CB  . GLU A 11 ? 0.76629 0.66292 0.44019 0.07620  0.13709  0.07853  22 GLU A CB  
88  C CG  . GLU A 11 ? 0.78264 0.70069 0.41957 0.04101  0.11382  0.09633  22 GLU A CG  
89  C CD  . GLU A 11 ? 1.04424 1.03551 0.74395 0.01984  0.09124  0.14025  22 GLU A CD  
90  O OE1 . GLU A 11 ? 1.04466 1.10038 0.80236 0.03807  0.11739  0.16706  22 GLU A OE1 
91  O OE2 . GLU A 11 ? 1.01215 0.99480 0.70125 -0.01548 0.04681  0.14864  22 GLU A OE2 
92  N N   . GLU A 12 ? 0.63055 0.47832 0.43673 0.09549  0.10256  0.05380  23 GLU A N   
93  C CA  . GLU A 12 ? 0.60920 0.45259 0.46030 0.12440  0.12273  0.05195  23 GLU A CA  
94  C C   . GLU A 12 ? 0.54347 0.47181 0.47972 0.12679  0.12220  0.09633  23 GLU A C   
95  O O   . GLU A 12 ? 0.55135 0.51077 0.52608 0.09448  0.08431  0.11442  23 GLU A O   
96  C CB  . GLU A 12 ? 0.58938 0.36704 0.44058 0.11035  0.09237  0.01873  23 GLU A CB  
97  C CG  . GLU A 12 ? 0.66694 0.35819 0.43438 0.10785  0.09505  -0.02689 23 GLU A CG  
98  C CD  . GLU A 12 ? 0.85156 0.48820 0.62324 0.08934  0.06346  -0.05798 23 GLU A CD  
99  O OE1 . GLU A 12 ? 0.73981 0.40178 0.57911 0.08303  0.04455  -0.04551 23 GLU A OE1 
100 O OE2 . GLU A 12 ? 0.85977 0.43031 0.56542 0.07847  0.05771  -0.09470 23 GLU A OE2 
101 N N   . GLU A 13 ? 0.54837 0.51255 0.51187 0.16527  0.16432  0.11362  24 GLU A N   
102 C CA  . GLU A 13 ? 0.51708 0.57091 0.56011 0.16965  0.16830  0.15860  24 GLU A CA  
103 C C   . GLU A 13 ? 0.52225 0.57196 0.62469 0.15577  0.13772  0.16247  24 GLU A C   
104 O O   . GLU A 13 ? 0.37671 0.48677 0.53422 0.13144  0.11529  0.19462  24 GLU A O   
105 C CB  . GLU A 13 ? 0.62845 0.72107 0.68537 0.22003  0.22245  0.17431  24 GLU A CB  
106 C CG  . GLU A 13 ? 0.80923 0.90143 0.80364 0.23793  0.25985  0.16622  24 GLU A CG  
107 C CD  . GLU A 13 ? 0.97435 1.08565 0.97470 0.29548  0.31703  0.17177  24 GLU A CD  
108 O OE1 . GLU A 13 ? 0.99555 1.17047 1.06168 0.30491  0.31564  0.20371  24 GLU A OE1 
109 O OE2 . GLU A 13 ? 1.04482 1.09463 0.97594 0.32037  0.34941  0.14078  24 GLU A OE2 
110 N N   . THR A 14 ? 0.46687 0.44254 0.55339 0.16794  0.13707  0.12896  25 THR A N   
111 C CA  . THR A 14 ? 0.37101 0.33860 0.50929 0.15550  0.11177  0.12990  25 THR A CA  
112 C C   . THR A 14 ? 0.42454 0.36371 0.56096 0.10935  0.06174  0.11266  25 THR A C   
113 O O   . THR A 14 ? 0.37575 0.25048 0.45877 0.09845  0.04853  0.07589  25 THR A O   
114 C CB  . THR A 14 ? 0.41258 0.31496 0.52955 0.18106  0.12980  0.10034  25 THR A CB  
115 O OG1 . THR A 14 ? 0.46313 0.39116 0.57341 0.21755  0.17103  0.11336  25 THR A OG1 
116 C CG2 . THR A 14 ? 0.36203 0.27535 0.51382 0.14865  0.09685  0.09479  25 THR A CG2 
117 N N   . PRO A 15 ? 0.28454 0.27406 0.47840 0.08172  0.03409  0.13996  26 PRO A N   
118 C CA  . PRO A 15 ? 0.26494 0.23126 0.45480 0.03946  -0.01069 0.11933  26 PRO A CA  
119 C C   . PRO A 15 ? 0.26278 0.19323 0.43599 0.02668  -0.02251 0.07535  26 PRO A C   
120 O O   . PRO A 15 ? 0.29607 0.22227 0.47037 0.04079  -0.00561 0.06941  26 PRO A O   
121 C CB  . PRO A 15 ? 0.31500 0.35654 0.54385 0.00761  -0.02253 0.14153  26 PRO A CB  
122 C CG  . PRO A 15 ? 0.39698 0.48612 0.65750 0.02444  0.00882  0.16935  26 PRO A CG  
123 C CD  . PRO A 15 ? 0.37935 0.45393 0.62282 0.07709  0.04439  0.17869  26 PRO A CD  
124 N N   . TRP A 16 ? 0.36005 0.28571 0.24603 0.09067  -0.05352 0.01571  27 TRP A N   
125 C CA  . TRP A 16 ? 0.37504 0.25067 0.24799 0.06971  -0.04954 0.01425  27 TRP A CA  
126 C C   . TRP A 16 ? 0.35743 0.25070 0.24127 0.05009  -0.04544 0.02227  27 TRP A C   
127 O O   . TRP A 16 ? 0.33100 0.26478 0.23922 0.04573  -0.04499 0.02344  27 TRP A O   
128 C CB  . TRP A 16 ? 0.39060 0.25587 0.27063 0.05121  -0.04692 0.00235  27 TRP A CB  
129 C CG  . TRP A 16 ? 0.36504 0.21861 0.23036 0.06398  -0.05042 -0.01428 27 TRP A CG  
130 C CD1 . TRP A 16 ? 0.41711 0.31973 0.29136 0.07870  -0.05225 -0.02106 27 TRP A CD1 
131 C CD2 . TRP A 16 ? 0.45815 0.24847 0.29569 0.06036  -0.05197 -0.02884 27 TRP A CD2 
132 N NE1 . TRP A 16 ? 0.51312 0.38956 0.36271 0.08585  -0.05290 -0.04444 27 TRP A NE1 
133 C CE2 . TRP A 16 ? 0.48884 0.28967 0.31599 0.07420  -0.05319 -0.05119 27 TRP A CE2 
134 C CE3 . TRP A 16 ? 0.61786 0.34507 0.43827 0.04406  -0.05276 -0.02486 27 TRP A CE3 
135 C CZ2 . TRP A 16 ? 0.65208 0.39261 0.45031 0.07209  -0.05447 -0.07616 27 TRP A CZ2 
136 C CZ3 . TRP A 16 ? 0.64726 0.31305 0.44379 0.04041  -0.05609 -0.04280 27 TRP A CZ3 
137 C CH2 . TRP A 16 ? 0.65249 0.32004 0.43687 0.05443  -0.05660 -0.07155 27 TRP A CH2 
138 N N   . LEU A 17 ? 0.36056 0.22430 0.22544 0.03746  -0.04238 0.02743  28 LEU A N   
139 C CA  A LEU A 17 ? 0.36438 0.24717 0.23205 0.01808  -0.03575 0.02805  28 LEU A CA  
140 C CA  B LEU A 17 ? 0.36224 0.24505 0.23001 0.01802  -0.03571 0.02802  28 LEU A CA  
141 C C   . LEU A 17 ? 0.39362 0.25559 0.25778 -0.00385 -0.02568 0.02519  28 LEU A C   
142 O O   . LEU A 17 ? 0.40960 0.23834 0.25206 -0.00777 -0.02820 0.03483  28 LEU A O   
143 C CB  A LEU A 17 ? 0.41555 0.30940 0.25945 0.02252  -0.04206 0.04223  28 LEU A CB  
144 C CB  B LEU A 17 ? 0.41647 0.31026 0.26037 0.02220  -0.04196 0.04206  28 LEU A CB  
145 C CG  A LEU A 17 ? 0.42339 0.34720 0.26152 0.00042  -0.03690 0.03754  28 LEU A CG  
146 C CG  B LEU A 17 ? 0.42728 0.34099 0.26032 -0.00264 -0.03482 0.03863  28 LEU A CG  
147 C CD1 A LEU A 17 ? 0.42252 0.38078 0.24631 0.00697  -0.04867 0.05305  28 LEU A CD1 
148 C CD1 B LEU A 17 ? 0.35664 0.29696 0.21510 -0.01391 -0.02835 0.01930  28 LEU A CD1 
149 C CD2 A LEU A 17 ? 0.42358 0.33419 0.24143 -0.02046 -0.02748 0.03824  28 LEU A CD2 
150 C CD2 B LEU A 17 ? 0.45730 0.39248 0.26362 -0.00095 -0.04450 0.05886  28 LEU A CD2 
151 N N   . VAL A 18 ? 0.34284 0.22528 0.23237 -0.01745 -0.01364 0.01439  29 VAL A N   
152 C CA  A VAL A 18 ? 0.36968 0.24840 0.26122 -0.03645 -0.00047 0.01231  29 VAL A CA  
153 C CA  B VAL A 18 ? 0.36755 0.24601 0.25834 -0.03642 -0.00065 0.01248  29 VAL A CA  
154 C C   . VAL A 18 ? 0.36236 0.26446 0.25708 -0.04702 0.01398  -0.00106 29 VAL A C   
155 O O   . VAL A 18 ? 0.34004 0.25632 0.25204 -0.04293 0.01522  -0.01262 29 VAL A O   
156 C CB  A VAL A 18 ? 0.35031 0.23543 0.27636 -0.04039 0.00445  0.01115  29 VAL A CB  
157 C CB  B VAL A 18 ? 0.36453 0.24757 0.28800 -0.04062 0.00381  0.01179  29 VAL A CB  
158 C CG1 A VAL A 18 ? 0.35360 0.21501 0.26749 -0.03670 -0.00928 0.01710  29 VAL A CG1 
159 C CG1 B VAL A 18 ? 0.34422 0.25612 0.31206 -0.03379 0.00943  0.00545  29 VAL A CG1 
160 C CG2 A VAL A 18 ? 0.34153 0.25438 0.31019 -0.03210 0.00831  0.00522  29 VAL A CG2 
161 C CG2 B VAL A 18 ? 0.35342 0.23891 0.27777 -0.05985 0.01586  0.01586  29 VAL A CG2 
162 N N   . LYS A 19 ? 0.39205 0.29891 0.26783 -0.06283 0.02486  -0.00062 30 LYS A N   
163 C CA  . LYS A 19 ? 0.43077 0.36245 0.30559 -0.07360 0.04288  -0.02151 30 LYS A CA  
164 C C   . LYS A 19 ? 0.48264 0.42591 0.38926 -0.07772 0.06402  -0.02919 30 LYS A C   
165 O O   . LYS A 19 ? 0.46070 0.40659 0.36301 -0.08671 0.06579  -0.01295 30 LYS A O   
166 C CB  . LYS A 19 ? 0.50540 0.45372 0.33278 -0.08869 0.04195  -0.01553 30 LYS A CB  
167 C CG  . LYS A 19 ? 0.60803 0.55260 0.40907 -0.08205 0.01994  0.00282  30 LYS A CG  
168 C CD  . LYS A 19 ? 0.78721 0.75939 0.54550 -0.09906 0.01748  0.01791  30 LYS A CD  
169 C CE  . LYS A 19 ? 0.90130 0.86393 0.64277 -0.08664 -0.00529 0.05207  30 LYS A CE  
170 N NZ  . LYS A 19 ? 0.99294 0.99568 0.71608 -0.09020 -0.01472 0.05314  30 LYS A NZ  
171 N N   . ILE A 20 ? 0.39356 0.34376 0.33708 -0.07095 0.07941  -0.05106 31 ILE A N   
172 C CA  . ILE A 20 ? 0.38030 0.34664 0.36636 -0.06751 0.10235  -0.05696 31 ILE A CA  
173 C C   . ILE A 20 ? 0.41035 0.39429 0.38897 -0.07270 0.12954  -0.08846 31 ILE A C   
174 O O   . ILE A 20 ? 0.40402 0.37742 0.37446 -0.07366 0.13303  -0.11547 31 ILE A O   
175 C CB  . ILE A 20 ? 0.37956 0.33991 0.42473 -0.05124 0.10132  -0.05355 31 ILE A CB  
176 C CG1 . ILE A 20 ? 0.44801 0.40129 0.49120 -0.04862 0.07530  -0.02719 31 ILE A CG1 
177 C CG2 . ILE A 20 ? 0.41568 0.39867 0.51504 -0.04308 0.12557  -0.05303 31 ILE A CG2 
178 C CD1 . ILE A 20 ? 0.43151 0.39108 0.52521 -0.03631 0.06920  -0.01750 31 ILE A CD1 
179 N N   . PRO A 21 ? 0.31206 0.47865 0.47568 -0.05423 0.15982  -0.00310 32 PRO A N   
180 C CA  . PRO A 21 ? 0.38673 0.54355 0.51972 -0.05847 0.19073  -0.01471 32 PRO A CA  
181 C C   . PRO A 21 ? 0.29873 0.44638 0.43848 -0.04238 0.20505  -0.04134 32 PRO A C   
182 O O   . PRO A 21 ? 0.37139 0.52828 0.52202 -0.03157 0.22740  -0.05536 32 PRO A O   
183 C CB  . PRO A 21 ? 0.42953 0.61207 0.58450 -0.06056 0.20386  -0.00971 32 PRO A CB  
184 C CG  . PRO A 21 ? 0.33219 0.53497 0.53734 -0.05207 0.18237  -0.00576 32 PRO A CG  
185 C CD  . PRO A 21 ? 0.30902 0.49649 0.50579 -0.05294 0.15406  0.00327  32 PRO A CD  
186 N N   . VAL A 22 ? 0.35295 0.48339 0.48507 -0.04061 0.19230  -0.04791 33 VAL A N   
187 C CA  . VAL A 22 ? 0.42502 0.53457 0.54981 -0.02562 0.20443  -0.07568 33 VAL A CA  
188 C C   . VAL A 22 ? 0.38442 0.44548 0.42580 -0.04077 0.17868  -0.06728 33 VAL A C   
189 O O   . VAL A 22 ? 0.35958 0.42568 0.39453 -0.05489 0.15074  -0.04555 33 VAL A O   
190 C CB  . VAL A 22 ? 0.43635 0.56126 0.62789 -0.00558 0.17966  -0.08310 33 VAL A CB  
191 C CG1 . VAL A 22 ? 0.43830 0.52532 0.60988 0.01363  0.17064  -0.10619 33 VAL A CG1 
192 C CG2 . VAL A 22 ? 0.45596 0.61101 0.69833 0.00459  0.17463  -0.07511 33 VAL A CG2 
193 N N   . PRO A 23 ? 0.45968 0.47293 0.43649 -0.03748 0.18690  -0.08420 34 PRO A N   
194 C CA  . PRO A 23 ? 0.47584 0.43973 0.36843 -0.05769 0.15811  -0.07265 34 PRO A CA  
195 C C   . PRO A 23 ? 0.46838 0.42599 0.37494 -0.05465 0.11583  -0.06839 34 PRO A C   
196 O O   . PRO A 23 ? 0.39998 0.36521 0.35771 -0.03197 0.11153  -0.08491 34 PRO A O   
197 C CB  . PRO A 23 ? 0.57076 0.47677 0.39118 -0.05095 0.17783  -0.09688 34 PRO A CB  
198 C CG  . PRO A 23 ? 0.68416 0.61265 0.56789 -0.01663 0.20785  -0.12522 34 PRO A CG  
199 C CD  . PRO A 23 ? 0.58734 0.58841 0.55955 -0.01670 0.22370  -0.11287 34 PRO A CD  
200 N N   . ALA A 24 ? 0.44775 0.39430 0.31045 -0.07910 0.08424  -0.04476 35 ALA A N   
201 C CA  . ALA A 24 ? 0.38929 0.34083 0.26588 -0.08243 0.04544  -0.03546 35 ALA A CA  
202 C C   . ALA A 24 ? 0.44874 0.34874 0.29633 -0.07204 0.02708  -0.05623 35 ALA A C   
203 O O   . ALA A 24 ? 0.47099 0.37709 0.34931 -0.06712 0.00105  -0.05675 35 ALA A O   
204 C CB  . ALA A 24 ? 0.50729 0.46394 0.34127 -0.11232 0.01842  -0.00420 35 ALA A CB  
205 N N   . GLU A 25 ? 0.60336 0.44690 0.38683 -0.06869 0.04018  -0.07372 36 GLU A N   
206 C CA  . GLU A 25 ? 0.69496 0.47649 0.44204 -0.05485 0.02317  -0.09622 36 GLU A CA  
207 C C   . GLU A 25 ? 0.71725 0.52038 0.54687 -0.01883 0.03264  -0.11936 36 GLU A C   
208 O O   . GLU A 25 ? 0.68670 0.45360 0.51210 -0.00836 0.00407  -0.13038 36 GLU A O   
209 C CB  . GLU A 25 ? 0.87732 0.59020 0.53588 -0.05369 0.04203  -0.11405 36 GLU A CB  
210 C CG  . GLU A 25 ? 1.02973 0.72354 0.60893 -0.09108 0.03764  -0.08996 36 GLU A CG  
211 C CD  . GLU A 25 ? 1.00189 0.75031 0.61460 -0.09639 0.07392  -0.07894 36 GLU A CD  
212 O OE1 . GLU A 25 ? 1.10143 0.85172 0.72415 -0.07713 0.11683  -0.10070 36 GLU A OE1 
213 O OE2 . GLU A 25 ? 0.95587 0.74633 0.58580 -0.11932 0.05947  -0.04804 36 GLU A OE2 
214 N N   . ARG A 26 ? 0.60808 0.46553 0.50840 -0.00155 0.07079  -0.12590 37 ARG A N   
215 C CA  . ARG A 26 ? 0.51160 0.40059 0.50061 0.02964  0.07881  -0.14312 37 ARG A CA  
216 C C   . ARG A 26 ? 0.44737 0.39757 0.52096 0.02656  0.06646  -0.12710 37 ARG A C   
217 O O   . ARG A 26 ? 0.41596 0.38646 0.55928 0.04846  0.06468  -0.13865 37 ARG A O   
218 C CB  . ARG A 26 ? 0.58272 0.49161 0.60047 0.05397  0.12953  -0.16427 37 ARG A CB  
219 C CG  . ARG A 26 ? 0.78851 0.63338 0.71982 0.06192  0.14868  -0.18525 37 ARG A CG  
220 C CD  . ARG A 26 ? 0.87931 0.75099 0.85069 0.09300  0.20101  -0.21058 37 ARG A CD  
221 N NE  . ARG A 26 ? 0.90488 0.84426 0.91726 0.07826  0.23526  -0.19521 37 ARG A NE  
222 C CZ  . ARG A 26 ? 0.95992 0.90748 0.93990 0.07486  0.26819  -0.19513 37 ARG A CZ  
223 N NH1 . ARG A 26 ? 1.01746 0.91178 0.92666 0.08839  0.27953  -0.21546 37 ARG A NH1 
224 N NH2 . ARG A 26 ? 0.94490 0.94959 0.95941 0.05673  0.28515  -0.17423 37 ARG A NH2 
225 N N   . ILE A 27 ? 0.37947 0.35604 0.44589 0.00078  0.05611  -0.10100 38 ILE A N   
226 C CA  . ILE A 27 ? 0.30160 0.33260 0.44131 0.00010  0.05384  -0.08840 38 ILE A CA  
227 C C   . ILE A 27 ? 0.27962 0.30607 0.45091 0.00506  0.01818  -0.09015 38 ILE A C   
228 O O   . ILE A 27 ? 0.32020 0.31036 0.44424 -0.00537 -0.01336 -0.08742 38 ILE A O   
229 C CB  . ILE A 27 ? 0.30714 0.36412 0.43054 -0.02315 0.05264  -0.06182 38 ILE A CB  
230 C CG1 . ILE A 27 ? 0.32488 0.42807 0.51796 -0.01972 0.05571  -0.05309 38 ILE A CG1 
231 C CG2 . ILE A 27 ? 0.38354 0.42152 0.45453 -0.04307 0.01808  -0.04591 38 ILE A CG2 
232 C CD1 . ILE A 27 ? 0.32979 0.45605 0.51206 -0.03520 0.05794  -0.02971 38 ILE A CD1 
233 N N   . THR A 28 ? 0.26929 0.32997 0.51685 0.01773  0.02169  -0.09349 39 THR A N   
234 C CA  . THR A 28 ? 0.26490 0.31923 0.54497 0.02171  -0.01172 -0.09562 39 THR A CA  
235 C C   . THR A 28 ? 0.20119 0.28831 0.51431 0.01021  -0.01949 -0.07863 39 THR A C   
236 O O   . THR A 28 ? 0.21697 0.31840 0.51473 0.00450  0.00215  -0.06442 39 THR A O   
237 C CB  . THR A 28 ? 0.26231 0.31777 0.60212 0.04905  -0.00679 -0.11558 39 THR A CB  
238 O OG1 . THR A 28 ? 0.29215 0.38193 0.65432 0.04441  0.01862  -0.10311 39 THR A OG1 
239 C CG2 . THR A 28 ? 0.34218 0.35915 0.64418 0.06718  0.00629  -0.13595 39 THR A CG2 
240 N N   . LEU A 29 ? 0.28814 0.34431 0.31925 0.00890  -0.04526 -0.01248 40 LEU A N   
241 C CA  . LEU A 29 ? 0.23672 0.29629 0.28889 0.00528  -0.06098 -0.00755 40 LEU A CA  
242 C C   . LEU A 29 ? 0.22130 0.28906 0.32514 -0.00141 -0.04888 -0.00433 40 LEU A C   
243 O O   . LEU A 29 ? 0.25264 0.31096 0.35590 -0.00697 -0.05347 0.00434  40 LEU A O   
244 C CB  . LEU A 29 ? 0.22720 0.28869 0.29342 0.01188  -0.08896 -0.01587 40 LEU A CB  
245 C CG  . LEU A 29 ? 0.25999 0.31131 0.33600 0.01506  -0.10835 -0.01415 40 LEU A CG  
246 C CD1 . LEU A 29 ? 0.31668 0.35608 0.34544 0.01997  -0.11012 0.00028  40 LEU A CD1 
247 C CD2 . LEU A 29 ? 0.29214 0.33512 0.37235 0.02256  -0.12148 -0.02218 40 LEU A CD2 
248 N N   . GLY A 30 ? 0.21370 0.29904 0.36626 -0.00031 -0.03495 -0.00845 41 GLY A N   
249 C CA  . GLY A 30 ? 0.21459 0.31545 0.43246 -0.00909 -0.02357 0.00252  41 GLY A CA  
250 C C   . GLY A 30 ? 0.28226 0.38054 0.48550 -0.01574 0.00418  0.02005  41 GLY A C   
251 O O   . GLY A 30 ? 0.26044 0.36030 0.50416 -0.02813 0.00040  0.03315  41 GLY A O   
252 N N   . ASP A 31 ? 0.25781 0.34592 0.40007 -0.00793 0.02776  0.02119  42 ASP A N   
253 C CA  . ASP A 31 ? 0.31894 0.39941 0.43505 -0.01156 0.05504  0.03791  42 ASP A CA  
254 C C   . ASP A 31 ? 0.28003 0.34218 0.37289 -0.02203 0.03319  0.04351  42 ASP A C   
255 O O   . ASP A 31 ? 0.30407 0.36349 0.41034 -0.03141 0.04400  0.05931  42 ASP A O   
256 C CB  . ASP A 31 ? 0.37022 0.42926 0.40803 0.00127  0.07451  0.03478  42 ASP A CB  
257 C CG  . ASP A 31 ? 0.44935 0.51465 0.49210 0.01900  0.10462  0.03160  42 ASP A CG  
258 O OD1 . ASP A 31 ? 0.43981 0.53459 0.54910 0.02089  0.13083  0.04480  42 ASP A OD1 
259 O OD2 . ASP A 31 ? 0.43326 0.47190 0.41334 0.03242  0.10112  0.01845  42 ASP A OD2 
260 N N   . PHE A 32 ? 0.26269 0.31214 0.31928 -0.01809 0.00436  0.03326  43 PHE A N   
261 C CA  . PHE A 32 ? 0.26335 0.29463 0.29282 -0.02014 -0.01499 0.03915  43 PHE A CA  
262 C C   . PHE A 32 ? 0.28653 0.31068 0.36190 -0.02596 -0.03541 0.03934  43 PHE A C   
263 O O   . PHE A 32 ? 0.29158 0.29847 0.36456 -0.03254 -0.03787 0.04990  43 PHE A O   
264 C CB  . PHE A 32 ? 0.27645 0.30330 0.26495 -0.00998 -0.03619 0.03387  43 PHE A CB  
265 C CG  . PHE A 32 ? 0.30012 0.31198 0.25690 -0.00386 -0.05149 0.04325  43 PHE A CG  
266 C CD1 . PHE A 32 ? 0.32489 0.32151 0.26530 -0.00788 -0.04368 0.05492  43 PHE A CD1 
267 C CD2 . PHE A 32 ? 0.31716 0.32972 0.25862 0.00953  -0.07177 0.04274  43 PHE A CD2 
268 C CE1 . PHE A 32 ? 0.32410 0.30394 0.23076 0.00334  -0.05663 0.06399  43 PHE A CE1 
269 C CE2 . PHE A 32 ? 0.32308 0.32294 0.23247 0.02269  -0.08045 0.05480  43 PHE A CE2 
270 C CZ  . PHE A 32 ? 0.29977 0.28197 0.19066 0.02073  -0.07338 0.06422  43 PHE A CZ  
271 N N   . LYS A 33 ? 0.24557 0.27693 0.36090 -0.02391 -0.05401 0.02771  44 LYS A N   
272 C CA  . LYS A 33 ? 0.26096 0.27437 0.41386 -0.02917 -0.08367 0.02636  44 LYS A CA  
273 C C   . LYS A 33 ? 0.31288 0.33201 0.52411 -0.04759 -0.07405 0.04287  44 LYS A C   
274 O O   . LYS A 33 ? 0.32724 0.31785 0.55421 -0.05586 -0.10161 0.04753  44 LYS A O   
275 C CB  . LYS A 33 ? 0.26298 0.28277 0.44985 -0.02401 -0.10647 0.01163  44 LYS A CB  
276 C CG  . LYS A 33 ? 0.30076 0.30893 0.43211 -0.00559 -0.12209 0.00013  44 LYS A CG  
277 C CD  . LYS A 33 ? 0.36731 0.38474 0.52834 0.00000  -0.13916 -0.01382 44 LYS A CD  
278 C CE  . LYS A 33 ? 0.46800 0.45585 0.65364 0.00000  -0.17467 -0.02013 44 LYS A CE  
279 N NZ  . LYS A 33 ? 0.39357 0.37747 0.58096 0.00792  -0.17382 -0.03044 44 LYS A NZ  
280 N N   . SER A 34 ? 0.27259 0.32455 0.51216 -0.05224 -0.03541 0.05409  45 SER A N   
281 C CA  A SER A 34 ? 0.30488 0.37316 0.61116 -0.06837 -0.01832 0.07772  45 SER A CA  
282 C CA  B SER A 34 ? 0.29579 0.36385 0.60236 -0.06850 -0.01900 0.07763  45 SER A CA  
283 C C   . SER A 34 ? 0.32302 0.36473 0.59785 -0.07741 -0.01653 0.09244  45 SER A C   
284 O O   . SER A 34 ? 0.36295 0.40537 0.69398 -0.09486 -0.01893 0.11360  45 SER A O   
285 C CB  A SER A 34 ? 0.34818 0.45607 0.67895 -0.06214 0.03097  0.08903  45 SER A CB  
286 C CB  B SER A 34 ? 0.33967 0.44789 0.67373 -0.06260 0.02949  0.08894  45 SER A CB  
287 O OG  A SER A 34 ? 0.32848 0.42587 0.58485 -0.05321 0.06231  0.09187  45 SER A OG  
288 O OG  B SER A 34 ? 0.37142 0.50286 0.74362 -0.05385 0.02587  0.07710  45 SER A OG  
289 N N   . VAL A 35 ? 0.32394 0.34369 0.51417 -0.06624 -0.01367 0.08442  46 VAL A N   
290 C CA  . VAL A 35 ? 0.37618 0.36834 0.52969 -0.07170 -0.01257 0.09749  46 VAL A CA  
291 C C   . VAL A 35 ? 0.49102 0.43812 0.60987 -0.06672 -0.05472 0.08880  46 VAL A C   
292 O O   . VAL A 35 ? 0.60498 0.52269 0.69003 -0.06836 -0.05873 0.09825  46 VAL A O   
293 C CB  . VAL A 35 ? 0.47414 0.46748 0.55838 -0.06256 0.01841  0.10094  46 VAL A CB  
294 C CG1 . VAL A 35 ? 0.45148 0.47513 0.55069 -0.05963 0.05908  0.10677  46 VAL A CG1 
295 C CG2 . VAL A 35 ? 0.49879 0.48108 0.52002 -0.04658 0.00150  0.08521  46 VAL A CG2 
296 N N   . LEU A 36 ? 0.44022 0.26948 0.70770 0.11845  0.02425  0.12708  47 LEU A N   
297 C CA  . LEU A 36 ? 0.44731 0.28022 0.78767 0.12643  -0.00006 0.09085  47 LEU A CA  
298 C C   . LEU A 36 ? 0.58991 0.42632 1.03548 0.10055  -0.01708 0.09091  47 LEU A C   
299 O O   . LEU A 36 ? 0.57463 0.43580 1.06927 0.08288  -0.01468 0.13652  47 LEU A O   
300 C CB  . LEU A 36 ? 0.47426 0.38149 0.79016 0.12095  -0.01525 0.07283  47 LEU A CB  
301 C CG  . LEU A 36 ? 0.45926 0.36325 0.70969 0.15033  0.00155  0.07470  47 LEU A CG  
302 C CD1 . LEU A 36 ? 0.45907 0.44389 0.66343 0.13166  -0.00358 0.05605  47 LEU A CD1 
303 C CD2 . LEU A 36 ? 0.54588 0.40536 0.76845 0.17118  -0.00185 0.02415  47 LEU A CD2 
304 N N   . GLN A 37 ? 0.58300 0.40313 1.04927 0.09089  -0.03456 0.03329  48 GLN A N   
305 C CA  . GLN A 37 ? 0.59636 0.42796 1.14057 0.05532  -0.05484 0.01823  48 GLN A CA  
306 C C   . GLN A 37 ? 0.58023 0.50402 1.12565 0.01713  -0.09390 0.00502  48 GLN A C   
307 O O   . GLN A 37 ? 0.65788 0.60823 1.27649 -0.00989 -0.11191 0.02653  48 GLN A O   
308 C CB  . GLN A 37 ? 0.65367 0.43916 1.20977 0.05498  -0.06236 -0.04383 48 GLN A CB  
309 C CG  . GLN A 37 ? 0.77194 0.46675 1.31651 0.08634  -0.02808 -0.02713 48 GLN A CG  
310 C CD  . GLN A 37 ? 0.80918 0.48574 1.39727 0.06950  -0.00566 0.01201  48 GLN A CD  
311 O OE1 . GLN A 37 ? 0.77927 0.48502 1.39281 0.05989  0.00717  0.06069  48 GLN A OE1 
312 N NE2 . GLN A 37 ? 0.79236 0.42549 1.38825 0.06690  0.00223  -0.01185 48 GLN A NE2 
313 N N   . ARG A 38 ? 0.56107 0.52797 1.02537 0.01579  -0.10703 -0.03129 49 ARG A N   
314 C CA  . ARG A 38 ? 0.56862 0.60540 1.00317 -0.01695 -0.14402 -0.04792 49 ARG A CA  
315 C C   . ARG A 38 ? 0.55252 0.62864 0.90194 -0.00468 -0.13136 -0.03006 49 ARG A C   
316 O O   . ARG A 38 ? 0.52741 0.61604 0.80265 -0.00502 -0.12968 -0.07703 49 ARG A O   
317 C CB  . ARG A 38 ? 0.70699 0.74228 1.11613 -0.04034 -0.17125 -0.12579 49 ARG A CB  
318 C CG  . ARG A 38 ? 0.78315 0.78586 1.27939 -0.06018 -0.18899 -0.14531 49 ARG A CG  
319 C CD  . ARG A 38 ? 0.83939 0.81667 1.30593 -0.07299 -0.20058 -0.22447 49 ARG A CD  
320 N NE  . ARG A 38 ? 0.89551 0.84148 1.44711 -0.09559 -0.21822 -0.24351 49 ARG A NE  
321 C CZ  . ARG A 38 ? 0.88415 0.76626 1.49710 -0.07803 -0.18940 -0.23895 49 ARG A CZ  
322 N NH1 . ARG A 38 ? 0.84504 0.68485 1.43672 -0.03540 -0.14855 -0.21577 49 ARG A NH1 
323 N NH2 . ARG A 38 ? 0.91600 0.77025 1.60815 -0.10271 -0.20293 -0.25827 49 ARG A NH2 
324 N N   . PRO A 39 ? 0.55761 0.64831 0.92108 0.00613  -0.11620 0.03797  50 PRO A N   
325 C CA  . PRO A 39 ? 0.56842 0.68972 0.85676 0.01931  -0.09796 0.06288  50 PRO A CA  
326 C C   . PRO A 39 ? 0.58565 0.76346 0.81109 -0.00661 -0.12786 0.04665  50 PRO A C   
327 O O   . PRO A 39 ? 0.53863 0.73655 0.68652 0.00123  -0.10979 0.05030  50 PRO A O   
328 C CB  . PRO A 39 ? 0.60374 0.71582 0.93854 0.03363  -0.07519 0.14182  50 PRO A CB  
329 C CG  . PRO A 39 ? 0.56988 0.67947 1.00654 0.01312  -0.09666 0.15698  50 PRO A CG  
330 C CD  . PRO A 39 ? 0.47707 0.55199 0.93504 0.00492  -0.11015 0.09538  50 PRO A CD  
331 N N   . ALA A 40 ? 0.63351 0.83008 0.88791 -0.03694 -0.17383 0.02902  51 ALA A N   
332 C CA  . ALA A 40 ? 0.59864 0.83626 0.78440 -0.05976 -0.21074 0.02137  51 ALA A CA  
333 C C   . ALA A 40 ? 0.62962 0.85843 0.70074 -0.06846 -0.20840 -0.04556 51 ALA A C   
334 O O   . ALA A 40 ? 0.63400 0.83148 0.70332 -0.06665 -0.19443 -0.09988 51 ALA A O   
335 C CB  . ALA A 40 ? 0.59848 0.85495 0.85457 -0.08874 -0.26983 0.02328  51 ALA A CB  
336 N N   . GLY A 41 ? 0.66432 0.91484 0.63834 -0.07573 -0.21564 -0.03891 52 GLY A N   
337 C CA  . GLY A 41 ? 0.79221 1.02646 0.64572 -0.09132 -0.21774 -0.09925 52 GLY A CA  
338 C C   . GLY A 41 ? 0.81072 1.03159 0.60748 -0.07223 -0.15489 -0.12493 52 GLY A C   
339 O O   . GLY A 41 ? 0.90984 1.11998 0.59688 -0.08011 -0.13672 -0.15673 52 GLY A O   
340 N N   . ALA A 42 ? 0.63302 0.84968 0.50580 -0.04639 -0.12098 -0.11034 53 ALA A N   
341 C CA  . ALA A 42 ? 0.60567 0.81342 0.45231 -0.02597 -0.06823 -0.13680 53 ALA A CA  
342 C C   . ALA A 42 ? 0.56775 0.79834 0.36830 -0.01365 -0.03755 -0.09097 53 ALA A C   
343 O O   . ALA A 42 ? 0.53650 0.78616 0.35255 -0.01128 -0.05123 -0.02724 53 ALA A O   
344 C CB  . ALA A 42 ? 0.54786 0.73304 0.48620 -0.00052 -0.05391 -0.14080 53 ALA A CB  
345 N N   . LYS A 43 ? 0.32454 0.51718 0.22628 -0.10710 -0.09988 0.01816  54 LYS A N   
346 C CA  . LYS A 43 ? 0.34527 0.52635 0.27748 -0.08549 -0.11335 0.04260  54 LYS A CA  
347 C C   . LYS A 43 ? 0.36368 0.49693 0.29398 -0.06747 -0.09293 0.02801  54 LYS A C   
348 O O   . LYS A 43 ? 0.37401 0.48642 0.26826 -0.06935 -0.07089 0.00891  54 LYS A O   
349 C CB  . LYS A 43 ? 0.37864 0.56327 0.29909 -0.08730 -0.11955 0.06462  54 LYS A CB  
350 C CG  . LYS A 43 ? 0.51078 0.73012 0.43211 -0.09711 -0.12831 0.07617  54 LYS A CG  
351 C CD  . LYS A 43 ? 0.62852 0.86187 0.58391 -0.08262 -0.14750 0.10240  54 LYS A CD  
352 C CE  . LYS A 43 ? 0.73175 1.00214 0.68112 -0.08975 -0.15533 0.11594  54 LYS A CE  
353 N NZ  . LYS A 43 ? 0.81109 1.08987 0.78475 -0.07103 -0.17141 0.14442  54 LYS A NZ  
354 N N   . TYR A 44 ? 0.26239 0.37901 0.22860 -0.04811 -0.09936 0.03685  55 TYR A N   
355 C CA  . TYR A 44 ? 0.25201 0.33220 0.22149 -0.02987 -0.08228 0.02228  55 TYR A CA  
356 C C   . TYR A 44 ? 0.24370 0.31191 0.22119 -0.02322 -0.08984 0.03797  55 TYR A C   
357 O O   . TYR A 44 ? 0.28601 0.35456 0.28863 -0.02130 -0.10762 0.05909  55 TYR A O   
358 C CB  . TYR A 44 ? 0.24717 0.31788 0.25265 -0.01453 -0.08070 0.01373  55 TYR A CB  
359 C CG  . TYR A 44 ? 0.25685 0.34144 0.25781 -0.02550 -0.07138 -0.00362 55 TYR A CG  
360 C CD1 . TYR A 44 ? 0.25126 0.37818 0.26667 -0.03968 -0.08793 0.00515  55 TYR A CD1 
361 C CD2 . TYR A 44 ? 0.35446 0.41125 0.33399 -0.02237 -0.04436 -0.02857 55 TYR A CD2 
362 C CE1 . TYR A 44 ? 0.32091 0.46665 0.33154 -0.05656 -0.07819 -0.01415 55 TYR A CE1 
363 C CE2 . TYR A 44 ? 0.36922 0.43213 0.34035 -0.03817 -0.03211 -0.04617 55 TYR A CE2 
364 C CZ  . TYR A 44 ? 0.34556 0.45454 0.33370 -0.05784 -0.04930 -0.04042 55 TYR A CZ  
365 O OH  . TYR A 44 ? 0.45062 0.57137 0.43051 -0.07993 -0.03603 -0.06122 55 TYR A OH  
366 N N   . PHE A 45 ? 0.23674 0.29518 0.19068 -0.01982 -0.07477 0.02746  56 PHE A N   
367 C CA  . PHE A 45 ? 0.27779 0.33081 0.23780 -0.01915 -0.07899 0.03705  56 PHE A CA  
368 C C   . PHE A 45 ? 0.32306 0.35958 0.28976 -0.00058 -0.06384 0.01724  56 PHE A C   
369 O O   . PHE A 45 ? 0.25799 0.29123 0.20648 0.01197  -0.04495 -0.00186 56 PHE A O   
370 C CB  . PHE A 45 ? 0.28507 0.36048 0.21114 -0.03407 -0.07697 0.04435  56 PHE A CB  
371 C CG  . PHE A 45 ? 0.31871 0.41379 0.23560 -0.05245 -0.09241 0.06536  56 PHE A CG  
372 C CD1 . PHE A 45 ? 0.36179 0.47165 0.25796 -0.05918 -0.08968 0.05845  56 PHE A CD1 
373 C CD2 . PHE A 45 ? 0.41053 0.50810 0.33657 -0.06409 -0.10824 0.09163  56 PHE A CD2 
374 C CE1 . PHE A 45 ? 0.42583 0.55524 0.31912 -0.07258 -0.09894 0.07288  56 PHE A CE1 
375 C CE2 . PHE A 45 ? 0.39176 0.50638 0.31127 -0.07549 -0.11652 0.10894  56 PHE A CE2 
376 C CZ  . PHE A 45 ? 0.44691 0.57918 0.35332 -0.07791 -0.11082 0.09738  56 PHE A CZ  
377 N N   . PHE A 46 ? 0.23551 0.26015 0.22445 0.00106  -0.07025 0.02152  57 PHE A N   
378 C CA  . PHE A 46 ? 0.20800 0.22286 0.20584 0.01816  -0.05790 0.00165  57 PHE A CA  
379 C C   . PHE A 46 ? 0.22493 0.25100 0.21956 0.00835  -0.05759 0.00071  57 PHE A C   
380 O O   . PHE A 46 ? 0.28120 0.29960 0.28340 -0.01081 -0.07004 0.01737  57 PHE A O   
381 C CB  . PHE A 46 ? 0.24958 0.23693 0.28279 0.03111  -0.06375 -0.00007 57 PHE A CB  
382 C CG  . PHE A 46 ? 0.23080 0.21791 0.27000 0.03885  -0.06214 -0.00250 57 PHE A CG  
383 C CD1 . PHE A 46 ? 0.25715 0.24099 0.28686 0.05403  -0.04314 -0.02328 57 PHE A CD1 
384 C CD2 . PHE A 46 ? 0.22530 0.21985 0.27535 0.02954  -0.07796 0.01582  57 PHE A CD2 
385 C CE1 . PHE A 46 ? 0.25163 0.23586 0.28411 0.05438  -0.03911 -0.02750 57 PHE A CE1 
386 C CE2 . PHE A 46 ? 0.24362 0.24964 0.29874 0.03131  -0.07609 0.01071  57 PHE A CE2 
387 C CZ  . PHE A 46 ? 0.23975 0.23897 0.28658 0.04102  -0.05618 -0.01200 57 PHE A CZ  
388 N N   . LYS A 47 ? 0.21516 0.25986 0.19739 0.02152  -0.04222 -0.01868 58 LYS A N   
389 C CA  . LYS A 47 ? 0.20393 0.27351 0.18426 0.01028  -0.04101 -0.02402 58 LYS A CA  
390 C C   . LYS A 47 ? 0.25446 0.29278 0.26496 0.00140  -0.05024 -0.02508 58 LYS A C   
391 O O   . LYS A 47 ? 0.25053 0.26484 0.27993 0.01951  -0.04781 -0.03699 58 LYS A O   
392 C CB  . LYS A 47 ? 0.23875 0.34349 0.20076 0.03273  -0.02265 -0.04498 58 LYS A CB  
393 C CG  . LYS A 47 ? 0.28162 0.43425 0.23913 0.01931  -0.02094 -0.05235 58 LYS A CG  
394 C CD  . LYS A 47 ? 0.31802 0.50817 0.26211 0.04879  -0.00327 -0.06935 58 LYS A CD  
395 C CE  . LYS A 47 ? 0.39857 0.64226 0.35127 0.03408  -0.00259 -0.07336 58 LYS A CE  
396 N NZ  . LYS A 47 ? 0.47188 0.72434 0.43917 0.05575  0.00100  -0.07135 58 LYS A NZ  
397 N N   . SER A 48 ? 0.26403 0.29937 0.27570 -0.02740 -0.05871 -0.01306 59 SER A N   
398 C CA  . SER A 48 ? 0.27713 0.26687 0.31010 -0.03971 -0.06595 -0.00954 59 SER A CA  
399 C C   . SER A 48 ? 0.31955 0.32207 0.34418 -0.07403 -0.06493 -0.01017 59 SER A C   
400 O O   . SER A 48 ? 0.30890 0.36639 0.31621 -0.08437 -0.05918 -0.01585 59 SER A O   
401 C CB  . SER A 48 ? 0.33687 0.28562 0.37821 -0.03966 -0.07888 0.01807  59 SER A CB  
402 O OG  . SER A 48 ? 0.55453 0.44882 0.61335 -0.04158 -0.08300 0.02300  59 SER A OG  
403 N N   . MET A 49 ? 0.43904 0.38984 0.47413 -0.09191 -0.06847 -0.00511 60 MET A N   
404 C CA  . MET A 49 ? 0.47572 0.42951 0.50207 -0.13148 -0.06470 -0.00826 60 MET A CA  
405 C C   . MET A 49 ? 0.52424 0.41702 0.54515 -0.15316 -0.07042 0.02173  60 MET A C   
406 O O   . MET A 49 ? 0.60093 0.43450 0.63187 -0.13492 -0.07572 0.03628  60 MET A O   
407 C CB  . MET A 49 ? 0.53286 0.47568 0.56975 -0.13757 -0.05692 -0.03899 60 MET A CB  
408 C CG  . MET A 49 ? 0.52393 0.53773 0.56134 -0.12044 -0.04942 -0.06835 60 MET A CG  
409 S SD  . MET A 49 ? 1.01225 1.12161 1.02954 -0.14645 -0.04402 -0.07398 60 MET A SD  
410 C CE  . MET A 49 ? 0.80542 0.88596 0.82092 -0.20590 -0.04219 -0.07655 60 MET A CE  
411 N N   . ASP A 50 ? 0.55652 0.46715 0.55994 -0.18983 -0.06816 0.03257  61 ASP A N   
412 C CA  . ASP A 50 ? 0.67457 0.52245 0.66708 -0.21448 -0.06931 0.06104  61 ASP A CA  
413 C C   . ASP A 50 ? 0.72386 0.55788 0.70806 -0.26021 -0.05732 0.04514  61 ASP A C   
414 O O   . ASP A 50 ? 0.59335 0.49728 0.57607 -0.27966 -0.05150 0.02047  61 ASP A O   
415 C CB  . ASP A 50 ? 0.66622 0.54242 0.64126 -0.22185 -0.07586 0.09230  61 ASP A CB  
416 C CG  . ASP A 50 ? 0.73227 0.54583 0.69060 -0.24782 -0.07469 0.12467  61 ASP A CG  
417 O OD1 . ASP A 50 ? 0.78137 0.53340 0.74183 -0.22588 -0.08051 0.14876  61 ASP A OD1 
418 O OD2 . ASP A 50 ? 0.74126 0.56942 0.68302 -0.28911 -0.06676 0.12742  61 ASP A OD2 
419 N N   . GLN A 51 ? 0.83147 0.57625 0.80788 -0.27717 -0.05210 0.05887  62 GLN A N   
420 C CA  . GLN A 51 ? 0.80023 0.52131 0.76726 -0.32071 -0.03667 0.04029  62 GLN A CA  
421 C C   . GLN A 51 ? 0.82729 0.61925 0.78067 -0.35713 -0.03107 0.04082  62 GLN A C   
422 O O   . GLN A 51 ? 0.77218 0.61820 0.72772 -0.37955 -0.02272 0.01040  62 GLN A O   
423 C CB  . GLN A 51 ? 1.01603 0.63250 0.97638 -0.31590 -0.02587 0.05772  62 GLN A CB  
424 C CG  . GLN A 51 ? 1.09236 0.67232 1.03722 -0.30364 -0.02953 0.10381  62 GLN A CG  
425 C CD  . GLN A 51 ? 1.22786 0.71334 1.16360 -0.30056 -0.01267 0.11957  62 GLN A CD  
426 O OE1 . GLN A 51 ? 1.30149 0.74624 1.24387 -0.31154 0.00094  0.09594  62 GLN A OE1 
427 N NE2 . GLN A 51 ? 1.28095 0.73534 1.20181 -0.28416 -0.01359 0.15988  62 GLN A NE2 
428 N N   . ASP A 52 ? 0.78193 0.57749 0.72018 -0.35947 -0.03588 0.07580  63 ASP A N   
429 C CA  . ASP A 52 ? 0.81928 0.68090 0.74222 -0.38946 -0.03084 0.07928  63 ASP A CA  
430 C C   . ASP A 52 ? 0.71478 0.68755 0.64048 -0.38210 -0.03788 0.06917  63 ASP A C   
431 O O   . ASP A 52 ? 0.67007 0.71464 0.58879 -0.40207 -0.03056 0.05295  63 ASP A O   
432 C CB  . ASP A 52 ? 0.88559 0.70361 0.78811 -0.39491 -0.03034 0.11959  63 ASP A CB  
433 C CG  . ASP A 52 ? 1.09961 0.81511 0.99527 -0.40285 -0.01670 0.12868  63 ASP A CG  
434 O OD1 . ASP A 52 ? 1.17623 0.87360 1.07647 -0.42503 -0.00373 0.10081  63 ASP A OD1 
435 O OD2 . ASP A 52 ? 1.24203 0.89823 1.12724 -0.38427 -0.01801 0.16355  63 ASP A OD2 
436 N N   . PHE A 53 ? 0.60956 0.59580 0.54324 -0.34938 -0.05077 0.07978  64 PHE A N   
437 C CA  . PHE A 53 ? 0.53856 0.61961 0.46944 -0.32882 -0.05412 0.07385  64 PHE A CA  
438 C C   . PHE A 53 ? 0.54754 0.68689 0.49217 -0.30208 -0.05137 0.03829  64 PHE A C   
439 O O   . PHE A 53 ? 0.58906 0.80747 0.52607 -0.28669 -0.04946 0.03127  64 PHE A O   
440 C CB  . PHE A 53 ? 0.51321 0.58306 0.43673 -0.29681 -0.06540 0.10278  64 PHE A CB  
441 C CG  . PHE A 53 ? 0.55734 0.61434 0.45992 -0.32266 -0.06708 0.13783  64 PHE A CG  
442 C CD1 . PHE A 53 ? 0.73121 0.70233 0.62886 -0.33369 -0.06838 0.16466  64 PHE A CD1 
443 C CD2 . PHE A 53 ? 0.57988 0.71052 0.46470 -0.33515 -0.06505 0.14452  64 PHE A CD2 
444 C CE1 . PHE A 53 ? 0.66818 0.62865 0.54477 -0.34541 -0.06790 0.19300  64 PHE A CE1 
445 C CE2 . PHE A 53 ? 0.62728 0.74711 0.49161 -0.35097 -0.06631 0.17221  64 PHE A CE2 
446 C CZ  . PHE A 53 ? 0.69262 0.72829 0.55379 -0.35531 -0.06777 0.19566  64 PHE A CZ  
447 N N   . GLY A 54 ? 0.53093 0.63065 0.49212 -0.29499 -0.04943 0.01653  65 GLY A N   
448 C CA  . GLY A 54 ? 0.50177 0.64955 0.47458 -0.26419 -0.04670 -0.01426 65 GLY A CA  
449 C C   . GLY A 54 ? 0.43874 0.58048 0.41388 -0.21339 -0.05241 -0.00674 65 GLY A C   
450 O O   . GLY A 54 ? 0.41680 0.49190 0.39870 -0.19748 -0.05991 0.01075  65 GLY A O   
451 N N   . VAL A 55 ? 0.36907 0.58124 0.33679 -0.18728 -0.04742 -0.01988 66 VAL A N   
452 C CA  . VAL A 55 ? 0.30077 0.50194 0.26638 -0.14282 -0.04855 -0.01669 66 VAL A CA  
453 C C   . VAL A 55 ? 0.31049 0.49000 0.26341 -0.14255 -0.05610 0.01275  66 VAL A C   
454 O O   . VAL A 55 ? 0.33605 0.55376 0.27049 -0.16027 -0.05545 0.02551  66 VAL A O   
455 C CB  . VAL A 55 ? 0.33488 0.60773 0.28670 -0.11257 -0.03715 -0.03490 66 VAL A CB  
456 C CG1 . VAL A 55 ? 0.31963 0.56830 0.26327 -0.07239 -0.03455 -0.03101 66 VAL A CG1 
457 C CG2 . VAL A 55 ? 0.37156 0.67451 0.33533 -0.10731 -0.03045 -0.06410 66 VAL A CG2 
458 N N   . VAL A 56 ? 0.30581 0.43003 0.26896 -0.12356 -0.06346 0.02298  67 VAL A N   
459 C CA  . VAL A 56 ? 0.30891 0.42204 0.26015 -0.12033 -0.07131 0.04753  67 VAL A CA  
460 C C   . VAL A 56 ? 0.30696 0.40517 0.26177 -0.08678 -0.07121 0.04161  67 VAL A C   
461 O O   . VAL A 56 ? 0.27832 0.36246 0.24811 -0.06615 -0.06614 0.02306  67 VAL A O   
462 C CB  . VAL A 56 ? 0.35254 0.41222 0.31144 -0.13933 -0.08313 0.07496  67 VAL A CB  
463 C CG1 . VAL A 56 ? 0.41347 0.47595 0.36488 -0.17857 -0.08027 0.08246  67 VAL A CG1 
464 C CG2 . VAL A 56 ? 0.40438 0.40505 0.38867 -0.12139 -0.08747 0.07177  67 VAL A CG2 
465 N N   . LYS A 57 ? 0.29054 0.39407 0.23019 -0.08425 -0.07580 0.05663  68 LYS A N   
466 C CA  . LYS A 57 ? 0.27227 0.36043 0.21420 -0.06132 -0.07596 0.05215  68 LYS A CA  
467 C C   . LYS A 57 ? 0.30662 0.36249 0.26570 -0.06565 -0.09229 0.07450  68 LYS A C   
468 O O   . LYS A 57 ? 0.31621 0.38182 0.26246 -0.07919 -0.10142 0.09597  68 LYS A O   
469 C CB  . LYS A 57 ? 0.30747 0.42677 0.21606 -0.05707 -0.06789 0.04972  68 LYS A CB  
470 C CG  . LYS A 57 ? 0.31364 0.46881 0.19985 -0.04552 -0.04969 0.03120  68 LYS A CG  
471 C CD  . LYS A 57 ? 0.36610 0.52162 0.23397 -0.03497 -0.03421 0.02673  68 LYS A CD  
472 C CE  . LYS A 57 ? 0.37985 0.54417 0.24577 -0.01427 -0.01397 0.01063  68 LYS A CE  
473 N NZ  . LYS A 57 ? 0.42767 0.57773 0.27801 -0.00832 -0.00470 0.00995  68 LYS A NZ  
474 N N   . GLU A 58 ? 0.28274 0.30530 0.26916 -0.05045 -0.09533 0.06947  69 GLU A N   
475 C CA  . GLU A 58 ? 0.30881 0.30132 0.31396 -0.04891 -0.10986 0.09222  69 GLU A CA  
476 C C   . GLU A 58 ? 0.29497 0.29815 0.30718 -0.03398 -0.11529 0.09321  69 GLU A C   
477 O O   . GLU A 58 ? 0.28443 0.28819 0.30539 -0.01803 -0.10656 0.07177  69 GLU A O   
478 C CB  . GLU A 58 ? 0.32979 0.27867 0.36014 -0.03989 -0.10893 0.08666  69 GLU A CB  
479 C CG  . GLU A 58 ? 0.41380 0.32738 0.46082 -0.03031 -0.12123 0.11108  69 GLU A CG  
480 C CD  . GLU A 58 ? 0.70355 0.56569 0.76976 -0.02060 -0.11734 0.10448  69 GLU A CD  
481 O OE1 . GLU A 58 ? 0.74451 0.59762 0.80747 -0.03256 -0.10708 0.08466  69 GLU A OE1 
482 O OE2 . GLU A 58 ? 0.68807 0.52210 0.77132 -0.00035 -0.12396 0.11834  69 GLU A OE2 
483 N N   . GLU A 59 ? 0.31452 0.32949 0.32230 -0.04016 -0.12889 0.11771  70 GLU A N   
484 C CA  . GLU A 59 ? 0.30384 0.34127 0.31909 -0.03071 -0.13500 0.11695  70 GLU A CA  
485 C C   . GLU A 59 ? 0.30878 0.32532 0.35870 -0.00905 -0.14106 0.12062  70 GLU A C   
486 O O   . GLU A 59 ? 0.33983 0.32620 0.40137 -0.00263 -0.14825 0.14089  70 GLU A O   
487 C CB  . GLU A 59 ? 0.32443 0.39338 0.32278 -0.04371 -0.14862 0.14123  70 GLU A CB  
488 C CG  . GLU A 59 ? 0.42592 0.53233 0.42445 -0.04282 -0.15152 0.13184  70 GLU A CG  
489 C CD  . GLU A 59 ? 0.56616 0.68774 0.58581 -0.03131 -0.16303 0.14912  70 GLU A CD  
490 O OE1 . GLU A 59 ? 0.65583 0.75498 0.68420 -0.02210 -0.16937 0.17297  70 GLU A OE1 
491 O OE2 . GLU A 59 ? 0.52810 0.68507 0.55243 -0.03190 -0.16453 0.13850  70 GLU A OE2 
492 N N   . ILE A 60 ? 0.38730 0.24995 0.29365 -0.04766 -0.10027 0.02055  71 ILE A N   
493 C CA  . ILE A 60 ? 0.40427 0.27698 0.34005 -0.02653 -0.10870 0.02945  71 ILE A CA  
494 C C   . ILE A 60 ? 0.33758 0.24242 0.29941 -0.02404 -0.12643 0.03110  71 ILE A C   
495 O O   . ILE A 60 ? 0.34210 0.27076 0.32295 -0.03446 -0.12292 0.02174  71 ILE A O   
496 C CB  . ILE A 60 ? 0.35659 0.24350 0.32271 -0.01882 -0.09182 0.02244  71 ILE A CB  
497 C CG1 . ILE A 60 ? 0.38722 0.24467 0.32871 -0.02307 -0.07688 0.01746  71 ILE A CG1 
498 C CG2 . ILE A 60 ? 0.36979 0.27395 0.37066 0.00175  -0.09635 0.02745  71 ILE A CG2 
499 C CD1 . ILE A 60 ? 0.44515 0.31367 0.40648 -0.01624 -0.06249 0.00947  71 ILE A CD1 
500 N N   . SER A 61 ? 0.39246 0.29364 0.35040 -0.01294 -0.14790 0.04275  72 SER A N   
501 C CA  . SER A 61 ? 0.38970 0.32574 0.37796 -0.00954 -0.16851 0.04320  72 SER A CA  
502 C C   . SER A 61 ? 0.38568 0.35388 0.43124 0.01180  -0.17624 0.04610  72 SER A C   
503 O O   . SER A 61 ? 0.40269 0.40729 0.48321 0.01124  -0.19037 0.04291  72 SER A O   
504 C CB  . SER A 61 ? 0.50386 0.42332 0.44922 -0.01494 -0.19332 0.05178  72 SER A CB  
505 O OG  . SER A 61 ? 0.57819 0.46773 0.50458 0.00198  -0.20618 0.06887  72 SER A OG  
506 N N   . ASP A 62 ? 0.34282 0.30060 0.40159 0.02881  -0.16486 0.04868  73 ASP A N   
507 C CA  . ASP A 62 ? 0.33864 0.32561 0.45195 0.05134  -0.16957 0.04902  73 ASP A CA  
508 C C   . ASP A 62 ? 0.29666 0.31639 0.44925 0.04802  -0.14350 0.03761  73 ASP A C   
509 O O   . ASP A 62 ? 0.29565 0.29848 0.43137 0.04478  -0.12104 0.03312  73 ASP A O   
510 C CB  . ASP A 62 ? 0.40720 0.35890 0.51030 0.07291  -0.17141 0.05640  73 ASP A CB  
511 C CG  . ASP A 62 ? 0.43445 0.41576 0.59869 0.09990  -0.17631 0.05367  73 ASP A CG  
512 O OD1 . ASP A 62 ? 0.37858 0.41137 0.59576 0.10033  -0.17034 0.04450  73 ASP A OD1 
513 O OD2 . ASP A 62 ? 0.49257 0.44418 0.65445 0.12089  -0.18498 0.06025  73 ASP A OD2 
514 N N   . ASP A 63 ? 0.29760 0.36439 0.50131 0.04745  -0.14722 0.03322  74 ASP A N   
515 C CA  . ASP A 63 ? 0.24755 0.34509 0.48596 0.04144  -0.12161 0.02547  74 ASP A CA  
516 C C   . ASP A 63 ? 0.29666 0.39088 0.54356 0.05699  -0.09899 0.02118  74 ASP A C   
517 O O   . ASP A 63 ? 0.26677 0.36748 0.51215 0.04849  -0.07440 0.01665  74 ASP A O   
518 C CB  . ASP A 63 ? 0.23659 0.38696 0.53625 0.03957  -0.12919 0.02164  74 ASP A CB  
519 C CG  . ASP A 63 ? 0.33031 0.48809 0.62550 0.01843  -0.14511 0.02058  74 ASP A CG  
520 O OD1 . ASP A 63 ? 0.37048 0.49447 0.61625 0.00525  -0.14600 0.02162  74 ASP A OD1 
521 O OD2 . ASP A 63 ? 0.28532 0.48498 0.63000 0.01437  -0.15566 0.01606  74 ASP A OD2 
522 N N   . ASN A 64 ? 0.27367 0.35635 0.52827 0.08000  -0.10807 0.02198  75 ASN A N   
523 C CA  . ASN A 64 ? 0.30087 0.37830 0.56423 0.09546  -0.08612 0.01338  75 ASN A CA  
524 C C   . ASN A 64 ? 0.35656 0.38349 0.56405 0.09172  -0.07520 0.01245  75 ASN A C   
525 O O   . ASN A 64 ? 0.33107 0.34980 0.53893 0.10181  -0.05657 0.00246  75 ASN A O   
526 C CB  . ASN A 64 ? 0.33010 0.41680 0.63580 0.12464  -0.09897 0.01124  75 ASN A CB  
527 C CG  . ASN A 64 ? 0.35907 0.50917 0.73717 0.13097  -0.09733 0.00372  75 ASN A CG  
528 O OD1 . ASN A 64 ? 0.40412 0.58818 0.80040 0.11531  -0.07450 -0.00268 75 ASN A OD1 
529 N ND2 . ASN A 64 ? 0.40121 0.56744 0.82225 0.15337  -0.12211 0.00516  75 ASN A ND2 
530 N N   . ALA A 65 ? 0.31962 0.31524 0.48124 0.07596  -0.08543 0.02027  76 ALA A N   
531 C CA  . ALA A 65 ? 0.35097 0.30162 0.46481 0.07006  -0.07623 0.01835  76 ALA A CA  
532 C C   . ALA A 65 ? 0.35305 0.31101 0.45344 0.05552  -0.05405 0.00976  76 ALA A C   
533 O O   . ALA A 65 ? 0.30972 0.29114 0.41665 0.04140  -0.05143 0.01132  76 ALA A O   
534 C CB  . ALA A 65 ? 0.39577 0.31269 0.46754 0.05796  -0.09291 0.02834  76 ALA A CB  
535 N N   . ARG A 66 ? 0.37332 0.30864 0.45414 0.05896  -0.03991 0.00066  77 ARG A N   
536 C CA  . ARG A 66 ? 0.30082 0.24172 0.36416 0.04644  -0.02328 -0.00686 77 ARG A CA  
537 C C   . ARG A 66 ? 0.33315 0.25615 0.36571 0.02766  -0.02952 -0.00372 77 ARG A C   
538 O O   . ARG A 66 ? 0.40328 0.29808 0.41614 0.02388  -0.03961 -0.00023 77 ARG A O   
539 C CB  . ARG A 66 ? 0.40141 0.32509 0.45190 0.05493  -0.00850 -0.02095 77 ARG A CB  
540 C CG  . ARG A 66 ? 0.56579 0.51253 0.64978 0.07337  0.00347  -0.02944 77 ARG A CG  
541 C CD  . ARG A 66 ? 0.70091 0.65706 0.77063 0.07122  0.02583  -0.04442 77 ARG A CD  
542 N NE  . ARG A 66 ? 0.77398 0.76452 0.87790 0.08403  0.04260  -0.05304 77 ARG A NE  
543 C CZ  . ARG A 66 ? 0.83311 0.81978 0.94190 0.09815  0.05827  -0.07230 77 ARG A CZ  
544 N NH1 . ARG A 66 ? 0.86416 0.81033 0.94441 0.10059  0.05762  -0.08429 77 ARG A NH1 
545 N NH2 . ARG A 66 ? 0.87343 0.89764 1.01793 0.10867  0.07632  -0.08199 77 ARG A NH2 
546 N N   . LEU A 67 ? 0.29554 0.23543 0.32543 0.01595  -0.02311 -0.00445 78 LEU A N   
547 C CA  . LEU A 67 ? 0.27842 0.20717 0.28851 0.00026  -0.02777 -0.00488 78 LEU A CA  
548 C C   . LEU A 67 ? 0.31908 0.23138 0.30504 -0.00365 -0.02046 -0.01556 78 LEU A C   
549 O O   . LEU A 67 ? 0.35694 0.27712 0.33944 0.00111  -0.01075 -0.02114 78 LEU A O   
550 C CB  . LEU A 67 ? 0.28435 0.23685 0.30920 -0.00852 -0.02820 0.00056  78 LEU A CB  
551 C CG  . LEU A 67 ? 0.27051 0.24399 0.32430 -0.00864 -0.03552 0.00835  78 LEU A CG  
552 C CD1 . LEU A 67 ? 0.29291 0.28091 0.35948 -0.02017 -0.03485 0.01273  78 LEU A CD1 
553 C CD2 . LEU A 67 ? 0.29298 0.25281 0.33971 -0.01061 -0.05038 0.00940  78 LEU A CD2 
554 N N   . PRO A 68 ? 0.32123 0.21317 0.29011 -0.01415 -0.02449 -0.02006 79 PRO A N   
555 C CA  . PRO A 68 ? 0.33659 0.21923 0.28958 -0.02070 -0.01978 -0.03244 79 PRO A CA  
556 C C   . PRO A 68 ? 0.26415 0.16857 0.22189 -0.02508 -0.02102 -0.03304 79 PRO A C   
557 O O   . PRO A 68 ? 0.29605 0.21338 0.26717 -0.02901 -0.02632 -0.02564 79 PRO A O   
558 C CB  . PRO A 68 ? 0.35718 0.21910 0.29842 -0.03374 -0.02237 -0.03606 79 PRO A CB  
559 C CG  . PRO A 68 ? 0.38248 0.25106 0.33066 -0.03696 -0.02939 -0.02626 79 PRO A CG  
560 C CD  . PRO A 68 ? 0.35347 0.23533 0.31770 -0.02298 -0.03293 -0.01549 79 PRO A CD  
561 N N   . SER A 69 ? 0.31852 0.22434 0.26374 -0.02445 -0.01795 -0.04231 80 SER A N   
562 C CA  . SER A 69 ? 0.33857 0.26216 0.28287 -0.02649 -0.02263 -0.03986 80 SER A CA  
563 C C   . SER A 69 ? 0.34631 0.26709 0.27540 -0.03048 -0.02595 -0.05478 80 SER A C   
564 O O   . SER A 69 ? 0.38955 0.29512 0.30813 -0.03180 -0.02103 -0.06840 80 SER A O   
565 C CB  . SER A 69 ? 0.35339 0.29205 0.29506 -0.01938 -0.01588 -0.02928 80 SER A CB  
566 O OG  . SER A 69 ? 0.38374 0.31898 0.30888 -0.01300 -0.00576 -0.03932 80 SER A OG  
567 N N   . PHE A 70 ? 0.32300 0.25740 0.25320 -0.03254 -0.03624 -0.05261 81 PHE A N   
568 C CA  . PHE A 70 ? 0.35185 0.29059 0.26907 -0.03518 -0.04434 -0.06637 81 PHE A CA  
569 C C   . PHE A 70 ? 0.34518 0.29722 0.24780 -0.03034 -0.05304 -0.05399 81 PHE A C   
570 O O   . PHE A 70 ? 0.33785 0.29555 0.25520 -0.02910 -0.06130 -0.03934 81 PHE A O   
571 C CB  . PHE A 70 ? 0.33274 0.27504 0.27183 -0.04341 -0.05347 -0.07804 81 PHE A CB  
572 C CG  . PHE A 70 ? 0.35412 0.30571 0.28817 -0.04726 -0.06435 -0.09555 81 PHE A CG  
573 C CD1 . PHE A 70 ? 0.38999 0.33080 0.31481 -0.05464 -0.05798 -0.11497 81 PHE A CD1 
574 C CD2 . PHE A 70 ? 0.46568 0.43553 0.40588 -0.04335 -0.08302 -0.09249 81 PHE A CD2 
575 C CE1 . PHE A 70 ? 0.49243 0.44202 0.41456 -0.05804 -0.06669 -0.12466 81 PHE A CE1 
576 C CE2 . PHE A 70 ? 0.41403 0.39668 0.35169 -0.04633 -0.09729 -0.10974 81 PHE A CE2 
577 C CZ  . PHE A 70 ? 0.41945 0.39391 0.34894 -0.05514 -0.08599 -0.12419 81 PHE A CZ  
578 N N   . ASN A 71 ? 0.36146 0.31573 0.23271 -0.02838 -0.05114 -0.06006 82 ASN A N   
579 C CA  . ASN A 71 ? 0.36749 0.33127 0.21234 -0.02563 -0.05909 -0.04651 82 ASN A CA  
580 C C   . ASN A 71 ? 0.34563 0.31065 0.19602 -0.02365 -0.05273 -0.02069 82 ASN A C   
581 O O   . ASN A 71 ? 0.40052 0.36717 0.24731 -0.02315 -0.06536 -0.00321 82 ASN A O   
582 C CB  . ASN A 71 ? 0.40802 0.38003 0.25645 -0.02638 -0.08408 -0.04921 82 ASN A CB  
583 C CG  . ASN A 71 ? 0.42992 0.40582 0.26826 -0.03067 -0.09103 -0.07570 82 ASN A CG  
584 O OD1 . ASN A 71 ? 0.43305 0.39996 0.26149 -0.03367 -0.07594 -0.09199 82 ASN A OD1 
585 N ND2 . ASN A 71 ? 0.45234 0.44130 0.29636 -0.03072 -0.11498 -0.08114 82 ASN A ND2 
586 N N   . GLY A 72 ? 0.35240 0.31590 0.21461 -0.02245 -0.03438 -0.01885 83 GLY A N   
587 C CA  . GLY A 72 ? 0.37036 0.33873 0.24131 -0.02292 -0.02493 0.00208  83 GLY A CA  
588 C C   . GLY A 72 ? 0.33641 0.30157 0.24302 -0.02529 -0.03362 0.01266  83 GLY A C   
589 O O   . GLY A 72 ? 0.36757 0.33551 0.28462 -0.02811 -0.02892 0.03023  83 GLY A O   
590 N N   . ARG A 73 ? 0.31157 0.40220 0.17544 -0.08955 0.06984  0.01102  84 ARG A N   
591 C CA  . ARG A 73 ? 0.31467 0.36404 0.16789 -0.06326 0.04850  0.02678  84 ARG A CA  
592 C C   . ARG A 73 ? 0.28699 0.34970 0.19101 -0.03878 0.04416  0.01459  84 ARG A C   
593 O O   . ARG A 73 ? 0.27750 0.36799 0.20701 -0.02456 0.04545  0.00723  84 ARG A O   
594 C CB  . ARG A 73 ? 0.37417 0.40046 0.18647 -0.03898 0.02710  0.05059  84 ARG A CB  
595 C CG  . ARG A 73 ? 0.47571 0.47817 0.22991 -0.06004 0.02180  0.06979  84 ARG A CG  
596 C CD  . ARG A 73 ? 0.67849 0.68106 0.42155 -0.03011 0.00182  0.08263  84 ARG A CD  
597 N NE  . ARG A 73 ? 0.70103 0.67332 0.43845 0.00579  -0.02051 0.09411  84 ARG A NE  
598 C CZ  . ARG A 73 ? 0.78469 0.71790 0.50461 0.01421  -0.03866 0.11282  84 ARG A CZ  
599 N NH1 . ARG A 73 ? 0.79698 0.69882 0.48060 -0.00856 -0.03858 0.12461  84 ARG A NH1 
600 N NH2 . ARG A 73 ? 0.74338 0.65664 0.48218 0.04344  -0.05459 0.11211  84 ARG A NH2 
601 N N   . VAL A 74 ? 0.26155 0.30079 0.17436 -0.03693 0.03765  0.01365  85 VAL A N   
602 C CA  . VAL A 74 ? 0.24625 0.28944 0.19481 -0.01587 0.02725  0.00757  85 VAL A CA  
603 C C   . VAL A 74 ? 0.24117 0.24540 0.15733 0.00429  0.01011  0.02287  85 VAL A C   
604 O O   . VAL A 74 ? 0.29886 0.26614 0.17921 -0.00238 0.00685  0.03349  85 VAL A O   
605 C CB  . VAL A 74 ? 0.24238 0.29596 0.23057 -0.03153 0.03186  -0.00889 85 VAL A CB  
606 C CG1 . VAL A 74 ? 0.24635 0.29565 0.25990 -0.01193 0.01400  -0.00950 85 VAL A CG1 
607 C CG2 . VAL A 74 ? 0.22162 0.31975 0.25593 -0.04812 0.05023  -0.03167 85 VAL A CG2 
608 N N   . VAL A 75 ? 0.23438 0.24368 0.16035 0.02640  0.00020  0.02241  86 VAL A N   
609 C CA  . VAL A 75 ? 0.25113 0.22993 0.15434 0.04378  -0.01242 0.02897  86 VAL A CA  
610 C C   . VAL A 75 ? 0.25553 0.23363 0.17894 0.04435  -0.01975 0.02138  86 VAL A C   
611 O O   . VAL A 75 ? 0.26057 0.26252 0.20851 0.04569  -0.02176 0.01575  86 VAL A O   
612 C CB  . VAL A 75 ? 0.31509 0.30443 0.20459 0.06545  -0.01687 0.03185  86 VAL A CB  
613 C CG1 . VAL A 75 ? 0.38427 0.34537 0.25756 0.08323  -0.02693 0.03180  86 VAL A CG1 
614 C CG2 . VAL A 75 ? 0.34645 0.34099 0.21617 0.06338  -0.01456 0.04144  86 VAL A CG2 
615 N N   . SER A 76 ? 0.27858 0.22548 0.18844 0.04075  -0.02545 0.02200  87 SER A N   
616 C CA  . SER A 76 ? 0.28309 0.23098 0.20874 0.03482  -0.03427 0.01571  87 SER A CA  
617 C C   . SER A 76 ? 0.30130 0.21851 0.19949 0.04072  -0.04035 0.01449  87 SER A C   
618 O O   . SER A 76 ? 0.33962 0.22641 0.21267 0.04755  -0.03732 0.01727  87 SER A O   
619 C CB  . SER A 76 ? 0.30790 0.25938 0.25402 0.01395  -0.03193 0.01031  87 SER A CB  
620 O OG  . SER A 76 ? 0.30441 0.26313 0.27026 0.00810  -0.04501 0.00481  87 SER A OG  
621 N N   . TRP A 77 ? 0.32335 0.24691 0.22605 0.03710  -0.04996 0.00980  88 TRP A N   
622 C CA  . TRP A 77 ? 0.34411 0.24277 0.22253 0.03421  -0.05352 0.00350  88 TRP A CA  
623 C C   . TRP A 77 ? 0.31198 0.21198 0.20004 0.01439  -0.06420 0.00147  88 TRP A C   
624 O O   . TRP A 77 ? 0.35054 0.27531 0.26185 0.00965  -0.07634 0.00449  88 TRP A O   
625 C CB  . TRP A 77 ? 0.36504 0.27409 0.23037 0.04122  -0.05513 -0.00262 88 TRP A CB  
626 C CG  . TRP A 77 ? 0.33038 0.24528 0.19065 0.06146  -0.04573 -0.00531 88 TRP A CG  
627 C CD1 . TRP A 77 ? 0.41619 0.31470 0.26331 0.07533  -0.04048 -0.01558 88 TRP A CD1 
628 C CD2 . TRP A 77 ? 0.31133 0.25329 0.18448 0.07097  -0.04185 0.00028  88 TRP A CD2 
629 N NE1 . TRP A 77 ? 0.41749 0.33496 0.27095 0.09489  -0.03676 -0.01545 88 TRP A NE1 
630 C CE2 . TRP A 77 ? 0.39898 0.34388 0.26494 0.09003  -0.03667 -0.00540 88 TRP A CE2 
631 C CE3 . TRP A 77 ? 0.34256 0.30770 0.23564 0.06521  -0.04225 0.00700  88 TRP A CE3 
632 C CZ2 . TRP A 77 ? 0.46154 0.43491 0.33515 0.10052  -0.03293 -0.00269 88 TRP A CZ2 
633 C CZ3 . TRP A 77 ? 0.35034 0.33909 0.24866 0.07395  -0.03480 0.00817  88 TRP A CZ3 
634 C CH2 . TRP A 77 ? 0.42873 0.42318 0.31519 0.08999  -0.03068 0.00423  88 TRP A CH2 
635 N N   . LEU A 78 ? 0.38569 0.25809 0.25702 0.00297  -0.06167 -0.00394 89 LEU A N   
636 C CA  . LEU A 78 ? 0.37464 0.25232 0.25315 -0.01854 -0.07261 -0.00802 89 LEU A CA  
637 C C   . LEU A 78 ? 0.43199 0.29518 0.28063 -0.02690 -0.07765 -0.01551 89 LEU A C   
638 O O   . LEU A 78 ? 0.48818 0.32288 0.31074 -0.02082 -0.06570 -0.02407 89 LEU A O   
639 C CB  . LEU A 78 ? 0.41767 0.27508 0.29266 -0.03428 -0.06367 -0.01236 89 LEU A CB  
640 C CG  . LEU A 78 ? 0.50219 0.38528 0.41054 -0.04231 -0.05965 -0.01158 89 LEU A CG  
641 C CD1 . LEU A 78 ? 0.42162 0.30848 0.33290 -0.02604 -0.04944 -0.00386 89 LEU A CD1 
642 C CD2 . LEU A 78 ? 0.54686 0.40787 0.44238 -0.06716 -0.04944 -0.01882 89 LEU A CD2 
643 N N   . VAL A 79 ? 0.44304 0.32525 0.29591 -0.04180 -0.09642 -0.01373 90 VAL A N   
644 C CA  . VAL A 79 ? 0.48110 0.35120 0.29910 -0.06019 -0.10167 -0.02204 90 VAL A CA  
645 C C   . VAL A 79 ? 0.51040 0.38648 0.33242 -0.08543 -0.11569 -0.02437 90 VAL A C   
646 O O   . VAL A 79 ? 0.56679 0.47137 0.41684 -0.09004 -0.13851 -0.01519 90 VAL A O   
647 C CB  . VAL A 79 ? 0.53586 0.41929 0.33895 -0.06322 -0.11528 -0.01572 90 VAL A CB  
648 C CG1 . VAL A 79 ? 0.62731 0.49775 0.38515 -0.08867 -0.11565 -0.02789 90 VAL A CG1 
649 C CG2 . VAL A 79 ? 0.64322 0.53096 0.44852 -0.04066 -0.10181 -0.01476 90 VAL A CG2 
650 N N   . SER A 80 ? 0.55921 0.40905 0.35654 -0.10106 -0.10315 -0.03847 91 SER A N   
651 C CA  . SER A 80 ? 0.57400 0.43111 0.37319 -0.12876 -0.11303 -0.04417 91 SER A CA  
652 C C   . SER A 80 ? 0.71713 0.58915 0.49412 -0.15239 -0.13594 -0.04333 91 SER A C   
653 O O   . SER A 80 ? 0.73010 0.59616 0.48115 -0.15056 -0.13118 -0.04317 91 SER A O   
654 C CB  . SER A 80 ? 0.77818 0.59462 0.55301 -0.14066 -0.08984 -0.06029 91 SER A CB  
655 O OG  . SER A 80 ? 0.88176 0.66537 0.62057 -0.13799 -0.07489 -0.07317 91 SER A OG  
656 N N   . SER A 81 ? 0.70841 0.60923 0.50796 -0.16790 -0.15292 -0.04039 92 SER A N   
657 C CA  . SER A 81 ? 0.81646 0.73636 0.60738 -0.17987 -0.16756 -0.03282 92 SER A CA  
658 C C   . SER A 81 ? 0.84493 0.74394 0.59374 -0.20417 -0.14924 -0.04850 92 SER A C   
659 O O   . SER A 81 ? 0.96347 0.86359 0.71314 -0.22229 -0.14434 -0.05992 92 SER A O   
660 C CB  . SER A 81 ? 0.85680 0.81752 0.69198 -0.18239 -0.19323 -0.02617 92 SER A CB  
661 O OG  . SER A 81 ? 0.99210 0.95952 0.83758 -0.20047 -0.18467 -0.04293 92 SER A OG  
# 
loop_
_pdbx_poly_seq_scheme.asym_id 
_pdbx_poly_seq_scheme.entity_id 
_pdbx_poly_seq_scheme.seq_id 
_pdbx_poly_seq_scheme.mon_id 
_pdbx_poly_seq_scheme.ndb_seq_num 
_pdbx_poly_seq_scheme.pdb_seq_num 
_pdbx_poly_seq_scheme.auth_seq_num 
_pdbx_poly_seq_scheme.pdb_mon_id 
_pdbx_poly_seq_scheme.auth_mon_id 
_pdbx_poly_seq_scheme.pdb_strand_id 
_pdbx_poly_seq_scheme.pdb_ins_code 
_pdbx_poly_seq_scheme.hetero 
A 1 1  GLY 1  12 12 GLY GLY A . n 
A 1 2  GLU 2  13 13 GLU GLU A . n 
A 1 3  THR 3  14 14 THR THR A . n 
A 1 4  LYS 4  15 15 LYS LYS A . n 
A 1 5  VAL 5  16 16 VAL VAL A . n 
A 1 6  ILE 6  17 17 ILE ILE A . n 
A 1 7  TYR 7  18 18 TYR TYR A . n 
A 1 8  HIS 8  19 19 HIS HIS A . n 
A 1 9  LEU 9  20 20 LEU LEU A . n 
A 1 10 ASP 10 21 21 ASP ASP A . n 
A 1 11 GLU 11 22 22 GLU GLU A . n 
A 1 12 GLU 12 23 23 GLU GLU A . n 
A 1 13 GLU 13 24 24 GLU GLU A . n 
A 1 14 THR 14 25 25 THR THR A . n 
A 1 15 PRO 15 26 26 PRO PRO A . n 
A 1 16 TRP 16 27 27 TRP TRP A . n 
A 1 17 LEU 17 28 28 LEU LEU A . n 
A 1 18 VAL 18 29 29 VAL VAL A . n 
A 1 19 LYS 19 30 30 LYS LYS A . n 
A 1 20 ILE 20 31 31 ILE ILE A . n 
A 1 21 PRO 21 32 32 PRO PRO A . n 
A 1 22 VAL 22 33 33 VAL VAL A . n 
A 1 23 PRO 23 34 34 PRO PRO A . n 
A 1 24 ALA 24 35 35 ALA ALA A . n 
A 1 25 GLU 25 36 36 GLU GLU A . n 
A 1 26 ARG 26 37 37 ARG ARG A . n 
A 1 27 ILE 27 38 38 ILE ILE A . n 
A 1 28 THR 28 39 39 THR THR A . n 
A 1 29 LEU 29 40 40 LEU LEU A . n 
A 1 30 GLY 30 41 41 GLY GLY A . n 
A 1 31 ASP 31 42 42 ASP ASP A . n 
A 1 32 PHE 32 43 43 PHE PHE A . n 
A 1 33 LYS 33 44 44 LYS LYS A . n 
A 1 34 SER 34 45 45 SER SER A . n 
A 1 35 VAL 35 46 46 VAL VAL A . n 
A 1 36 LEU 36 47 47 LEU LEU A . n 
A 1 37 GLN 37 48 48 GLN GLN A . n 
A 1 38 ARG 38 49 49 ARG ARG A . n 
A 1 39 PRO 39 50 50 PRO PRO A . n 
A 1 40 ALA 40 51 51 ALA ALA A . n 
A 1 41 GLY 41 52 52 GLY GLY A . n 
A 1 42 ALA 42 53 53 ALA ALA A . n 
A 1 43 LYS 43 54 54 LYS LYS A . n 
A 1 44 TYR 44 55 55 TYR TYR A . n 
A 1 45 PHE 45 56 56 PHE PHE A . n 
A 1 46 PHE 46 57 57 PHE PHE A . n 
A 1 47 LYS 47 58 58 LYS LYS A . n 
A 1 48 SER 48 59 59 SER SER A . n 
A 1 49 MET 49 60 60 MET MET A . n 
A 1 50 ASP 50 61 61 ASP ASP A . n 
A 1 51 GLN 51 62 62 GLN GLN A . n 
A 1 52 ASP 52 63 63 ASP ASP A . n 
A 1 53 PHE 53 64 64 PHE PHE A . n 
A 1 54 GLY 54 65 65 GLY GLY A . n 
A 1 55 VAL 55 66 66 VAL VAL A . n 
A 1 56 VAL 56 67 67 VAL VAL A . n 
A 1 57 LYS 57 68 68 LYS LYS A . n 
A 1 58 GLU 58 69 69 GLU GLU A . n 
A 1 59 GLU 59 70 70 GLU GLU A . n 
A 1 60 ILE 60 71 71 ILE ILE A . n 
A 1 61 SER 61 72 72 SER SER A . n 
A 1 62 ASP 62 73 73 ASP ASP A . n 
A 1 63 ASP 63 74 74 ASP ASP A . n 
A 1 64 ASN 64 75 75 ASN ASN A . n 
A 1 65 ALA 65 76 76 ALA ALA A . n 
A 1 66 ARG 66 77 77 ARG ARG A . n 
A 1 67 LEU 67 78 78 LEU LEU A . n 
A 1 68 PRO 68 79 79 PRO PRO A . n 
A 1 69 SER 69 80 80 SER SER A . n 
A 1 70 PHE 70 81 81 PHE PHE A . n 
A 1 71 ASN 71 82 82 ASN ASN A . n 
A 1 72 GLY 72 83 83 GLY GLY A . n 
A 1 73 ARG 73 84 84 ARG ARG A . n 
A 1 74 VAL 74 85 85 VAL VAL A . n 
A 1 75 VAL 75 86 86 VAL VAL A . n 
A 1 76 SER 76 87 87 SER SER A . n 
A 1 77 TRP 77 88 88 TRP TRP A . n 
A 1 78 LEU 78 89 89 LEU LEU A . n 
A 1 79 VAL 79 90 90 VAL VAL A . n 
A 1 80 SER 80 91 91 SER SER A . n 
A 1 81 SER 81 92 92 SER SER A . n 
A 1 82 ASP 82 93 ?  ?   ?   A . n 
# 
loop_
_pdbx_nonpoly_scheme.asym_id 
_pdbx_nonpoly_scheme.entity_id 
_pdbx_nonpoly_scheme.mon_id 
_pdbx_nonpoly_scheme.ndb_seq_num 
_pdbx_nonpoly_scheme.pdb_seq_num 
_pdbx_nonpoly_scheme.auth_seq_num 
_pdbx_nonpoly_scheme.pdb_mon_id 
_pdbx_nonpoly_scheme.auth_mon_id 
_pdbx_nonpoly_scheme.pdb_strand_id 
_pdbx_nonpoly_scheme.pdb_ins_code 
B 2 HOH 1  101 59 HOH HOH A . 
B 2 HOH 2  102 52 HOH HOH A . 
B 2 HOH 3  103 49 HOH HOH A . 
B 2 HOH 4  104 35 HOH HOH A . 
B 2 HOH 5  105 36 HOH HOH A . 
B 2 HOH 6  106 37 HOH HOH A . 
B 2 HOH 7  107 26 HOH HOH A . 
B 2 HOH 8  108 13 HOH HOH A . 
B 2 HOH 9  109 18 HOH HOH A . 
B 2 HOH 10 110 47 HOH HOH A . 
B 2 HOH 11 111 31 HOH HOH A . 
B 2 HOH 12 112 20 HOH HOH A . 
B 2 HOH 13 113 25 HOH HOH A . 
B 2 HOH 14 114 21 HOH HOH A . 
B 2 HOH 15 115 43 HOH HOH A . 
B 2 HOH 16 116 19 HOH HOH A . 
B 2 HOH 17 117 38 HOH HOH A . 
B 2 HOH 18 118 42 HOH HOH A . 
B 2 HOH 19 119 11 HOH HOH A . 
B 2 HOH 20 120 1  HOH HOH A . 
B 2 HOH 21 121 3  HOH HOH A . 
B 2 HOH 22 122 2  HOH HOH A . 
B 2 HOH 23 123 7  HOH HOH A . 
B 2 HOH 24 124 27 HOH HOH A . 
B 2 HOH 25 125 12 HOH HOH A . 
B 2 HOH 26 126 4  HOH HOH A . 
B 2 HOH 27 127 9  HOH HOH A . 
B 2 HOH 28 128 28 HOH HOH A . 
B 2 HOH 29 129 22 HOH HOH A . 
B 2 HOH 30 130 8  HOH HOH A . 
B 2 HOH 31 131 44 HOH HOH A . 
B 2 HOH 32 132 6  HOH HOH A . 
B 2 HOH 33 133 33 HOH HOH A . 
B 2 HOH 34 134 30 HOH HOH A . 
B 2 HOH 35 135 41 HOH HOH A . 
B 2 HOH 36 136 17 HOH HOH A . 
B 2 HOH 37 137 40 HOH HOH A . 
B 2 HOH 38 138 56 HOH HOH A . 
B 2 HOH 39 139 10 HOH HOH A . 
B 2 HOH 40 140 29 HOH HOH A . 
B 2 HOH 41 141 15 HOH HOH A . 
B 2 HOH 42 142 55 HOH HOH A . 
B 2 HOH 43 143 5  HOH HOH A . 
B 2 HOH 44 144 34 HOH HOH A . 
B 2 HOH 45 145 45 HOH HOH A . 
B 2 HOH 46 146 16 HOH HOH A . 
B 2 HOH 47 147 14 HOH HOH A . 
B 2 HOH 48 148 46 HOH HOH A . 
B 2 HOH 49 149 23 HOH HOH A . 
B 2 HOH 50 150 53 HOH HOH A . 
B 2 HOH 51 151 48 HOH HOH A . 
B 2 HOH 52 152 57 HOH HOH A . 
B 2 HOH 53 153 32 HOH HOH A . 
B 2 HOH 54 154 58 HOH HOH A . 
B 2 HOH 55 155 51 HOH HOH A . 
B 2 HOH 56 156 39 HOH HOH A . 
B 2 HOH 57 157 54 HOH HOH A . 
B 2 HOH 58 158 24 HOH HOH A . 
B 2 HOH 59 159 50 HOH HOH A . 
# 
_pdbx_struct_assembly.id                   1 
_pdbx_struct_assembly.details              author_defined_assembly 
_pdbx_struct_assembly.method_details       ? 
_pdbx_struct_assembly.oligomeric_details   hexameric 
_pdbx_struct_assembly.oligomeric_count     6 
# 
_pdbx_struct_assembly_gen.assembly_id       1 
_pdbx_struct_assembly_gen.oper_expression   1,2,3,4,5,6 
_pdbx_struct_assembly_gen.asym_id_list      A,B 
# 
loop_
_pdbx_struct_oper_list.id 
_pdbx_struct_oper_list.type 
_pdbx_struct_oper_list.name 
_pdbx_struct_oper_list.symmetry_operation 
_pdbx_struct_oper_list.matrix[1][1] 
_pdbx_struct_oper_list.matrix[1][2] 
_pdbx_struct_oper_list.matrix[1][3] 
_pdbx_struct_oper_list.vector[1] 
_pdbx_struct_oper_list.matrix[2][1] 
_pdbx_struct_oper_list.matrix[2][2] 
_pdbx_struct_oper_list.matrix[2][3] 
_pdbx_struct_oper_list.vector[2] 
_pdbx_struct_oper_list.matrix[3][1] 
_pdbx_struct_oper_list.matrix[3][2] 
_pdbx_struct_oper_list.matrix[3][3] 
_pdbx_struct_oper_list.vector[3] 
1 'identity operation'         1_555 x,y,z         1.0000000000 0.0000000000 0.0000000000  0.0000000000   0.0000000000 1.0000000000  0.0000000000  0.0000000000   0.0000000000  0.0000000000  1.0000000000  0.0000000000  
2 'crystal symmetry operation' 2_555 -y,x-y,z+1/3  0.4094384849 0.6524742538 -0.6376813274 -26.8074458405 0.7997239803 0.0797202742  0.5950514543  -8.8626370427  0.4390918838  -0.7536060152 -0.4891587590 33.3286790656 
3 'crystal symmetry operation' 3_555 -x+y,-x,z+2/3 0.4094384849 0.7997239803 0.4390918838  -64.8191646456 0.6524742538 0.0797202742  -0.7536060152 -11.1754472411 -0.6376813274 0.5950514543  -0.4891587590 11.9336684651 
4 'crystal symmetry operation' 4_555 -x,-y,z+1/2   0.2125846465 0.9681321561 -0.1323929624 -49.7096610657 0.9681321561 -0.2270396345 -0.1057030406 -4.2770827998  -0.1323929624 -0.1057030406 -0.9855450120 28.9329757270 
5 'crystal symmetry operation' 5_555 y,-x+y,z+5/6  0.8031461616 0.3156579023 0.5052883650  -68.4011989252 0.1684081757 0.6932400914  -0.7007544949 -31.7410059816 -0.5714848462 0.6479029746  0.5036137470  0.5719871686  
6 'crystal symmetry operation' 6_555 x-y,x,z+1/6   0.8031461616 0.1684081757 -0.5714848462 -7.6399882701  0.3156579023 0.6932400914  0.6479029746  -11.2649156709 0.5052883650  -0.7007544949 0.5036137470  19.4831525154 
# 
loop_
_pdbx_audit_revision_history.ordinal 
_pdbx_audit_revision_history.data_content_type 
_pdbx_audit_revision_history.major_revision 
_pdbx_audit_revision_history.minor_revision 
_pdbx_audit_revision_history.revision_date 
1 'Structure model' 1 0 2019-02-20 
2 'Structure model' 1 1 2023-11-22 
# 
_pdbx_audit_revision_details.ordinal             1 
_pdbx_audit_revision_details.revision_ordinal    1 
_pdbx_audit_revision_details.data_content_type   'Structure model' 
_pdbx_audit_revision_details.provider            repository 
_pdbx_audit_revision_details.type                'Initial release' 
_pdbx_audit_revision_details.description         ? 
_pdbx_audit_revision_details.details             ? 
# 
loop_
_pdbx_audit_revision_group.ordinal 
_pdbx_audit_revision_group.revision_ordinal 
_pdbx_audit_revision_group.data_content_type 
_pdbx_audit_revision_group.group 
1 2 'Structure model' 'Data collection'        
2 2 'Structure model' 'Database references'    
3 2 'Structure model' 'Refinement description' 
# 
loop_
_pdbx_audit_revision_category.ordinal 
_pdbx_audit_revision_category.revision_ordinal 
_pdbx_audit_revision_category.data_content_type 
_pdbx_audit_revision_category.category 
1 2 'Structure model' chem_comp_atom                
2 2 'Structure model' chem_comp_bond                
3 2 'Structure model' database_2                    
4 2 'Structure model' pdbx_initial_refinement_model 
# 
loop_
_pdbx_audit_revision_item.ordinal 
_pdbx_audit_revision_item.revision_ordinal 
_pdbx_audit_revision_item.data_content_type 
_pdbx_audit_revision_item.item 
1 2 'Structure model' '_database_2.pdbx_DOI'                
2 2 'Structure model' '_database_2.pdbx_database_accession' 
# 
loop_
_space_group_symop.id 
_space_group_symop.operation_xyz 
1 x,y,z         
2 x-y,x,z+1/6   
3 y,-x+y,z+5/6  
4 -y,x-y,z+1/3  
5 -x+y,-x,z+2/3 
6 -x,-y,z+1/2   
# 
loop_
_pdbx_refine_tls.id 
_pdbx_refine_tls.details 
_pdbx_refine_tls.method 
_pdbx_refine_tls.origin_x 
_pdbx_refine_tls.origin_y 
_pdbx_refine_tls.origin_z 
_pdbx_refine_tls.T[1][1] 
_pdbx_refine_tls.T[2][2] 
_pdbx_refine_tls.T[3][3] 
_pdbx_refine_tls.T[1][2] 
_pdbx_refine_tls.T[1][3] 
_pdbx_refine_tls.T[2][3] 
_pdbx_refine_tls.L[1][1] 
_pdbx_refine_tls.L[2][2] 
_pdbx_refine_tls.L[3][3] 
_pdbx_refine_tls.L[1][2] 
_pdbx_refine_tls.L[1][3] 
_pdbx_refine_tls.L[2][3] 
_pdbx_refine_tls.S[1][1] 
_pdbx_refine_tls.S[1][2] 
_pdbx_refine_tls.S[1][3] 
_pdbx_refine_tls.S[2][1] 
_pdbx_refine_tls.S[2][2] 
_pdbx_refine_tls.S[2][3] 
_pdbx_refine_tls.S[3][1] 
_pdbx_refine_tls.S[3][2] 
_pdbx_refine_tls.S[3][3] 
_pdbx_refine_tls.pdbx_refine_id 
1 ? refined -1.5068480481  4.66563515537  -4.20689256684 0.301770053186 0.203342250845 0.226706164223 0.031845341130  -0.037866141916 0.020454255077  7.27399242111 1.76150380593  9.7046530084  2.48322649561  -2.253901935    -3.31959846378  -0.207337998871 0.599576099072  0.217663972657  0.041073030974  0.16349330987   -0.148122712543 0.264229720543  -0.584813668680 -0.025728112556 'X-RAY DIFFRACTION' 
2 ? refined -7.66881687970 10.6768567027  6.27202524517  0.51566009693  0.418939369163 0.444837646814 0.101337242276  0.089560588399  0.084376842802  1.50883790774 2.22738774481  5.24250915588 1.65763320771  -0.181821431797 -0.583549735213 0.417936401033  -1.045259091999 0.508545831159  1.43986224723   0.488781977266  0.61319340272   -0.954843854477 -1.39976178286  -0.931048349163 'X-RAY DIFFRACTION' 
3 ? refined -0.1141162727  8.28548448143  -5.364462555   0.315313322923 0.191183704296 0.202495554141 -0.019602115216 -0.013142615902 0.015636522786  8.82582405322 2.18230648593  6.37185806476 1.715493665038 -0.06947577838  -2.415272985375 -0.288790446196 0.444167525448  0.057890968715  -0.447219847009 0.192323261210  -0.242791094563 -0.639790614463 -0.134741386179 0.072980084934  'X-RAY DIFFRACTION' 
4 ? refined 5.5471442172   -3.90362522884 -9.58308963754 0.346593984306 0.353513817205 0.394959891800 -0.008476681373 0.122368697749  -0.096419548670 1.89896879299 4.58215618319  5.62109369668 1.65656355710  2.09213852422   -1.39468565395  0.0092104784    0.637215964069  -0.163506094561 -1.217672395441 0.317481377698  -1.18136057904  1.0695971527    0.42507264303   -0.495771142156 'X-RAY DIFFRACTION' 
5 ? refined 7.7842607790   1.996527196254 -0.9122934227  0.249779159163 0.298965989638 0.379018773246 -0.027617210704 -0.025695433215 0.033261084328  2.06227750768 6.91481336625  3.99248814352 -2.45148591094 2.09091386554   -3.49551788639  -0.094643535408 0.50354310760   0.441111464995  -0.297220205721 0.000927072103  -1.46178280174  -0.314266672292 0.385644938140  0.107534649086  'X-RAY DIFFRACTION' 
6 ? refined 7.9173211539   8.14125335053  5.9818616446   0.499315961981 0.563851413268 0.846017296361 0.005036440304  -0.120629026300 -0.026988820426 1.82847050425 11.02839723343 2.5372821855  -0.64239256071 -1.67721248597  1.20814660361   0.369286342831  -1.69698023243  1.737605079828  0.88579158640   -0.93208830747  -1.410809786844 -0.81017814077  0.2855925547    0.704591201040  'X-RAY DIFFRACTION' 
7 ? refined -6.2033979152  -7.54301037535 4.79254145888  0.314380404704 0.31966940601  0.30591672398  -0.075856911522 -0.092625018551 0.069758216744  3.12965974946 0.99717345117  6.71319566285 -0.44459442084 -2.19937268705  0.175857269925  0.303966977670  -0.534704532647 -1.037503044369 0.353365041371  -0.285333458935 -0.346539388402 0.78315755663   -0.632776382524 0.023992210708  'X-RAY DIFFRACTION' 
8 ? refined 2.2697511253   -6.01581663192 -2.2059123638  0.242848551401 0.179770289513 0.265604966520 0.006532237275  -0.028175766553 -0.002262784912 4.32294308980 4.56881882052  3.36515633983 0.861708030738 0.114802677610  1.344962122011  0.028587492533  0.207392194965  -0.222055859256 0.025214563509  -0.117119312123 -0.57099662598  0.456746053257  0.417529662917  0.092412052414  'X-RAY DIFFRACTION' 
9 ? refined -2.9247404293  2.48846344266  3.58385604220  0.281312263160 0.189945283514 0.183943101704 0.026227279446  -0.046290440465 0.010184301235  4.10918805603 4.19637913494  5.18050991182 3.38848329743  0.31325915295   2.53812954488   -0.011024264111 -0.09097730251  0.212095313352  0.026201138237  -0.051692192506 -0.406300737606 -0.752133088361 0.149804185609  -0.091127472861 'X-RAY DIFFRACTION' 
# 
loop_
_pdbx_refine_tls_group.pdbx_refine_id 
_pdbx_refine_tls_group.id 
_pdbx_refine_tls_group.refine_tls_id 
_pdbx_refine_tls_group.beg_auth_asym_id 
_pdbx_refine_tls_group.beg_auth_seq_id 
_pdbx_refine_tls_group.end_auth_asym_id 
_pdbx_refine_tls_group.end_auth_seq_id 
_pdbx_refine_tls_group.selection_details 
_pdbx_refine_tls_group.beg_label_asym_id 
_pdbx_refine_tls_group.beg_label_seq_id 
_pdbx_refine_tls_group.end_label_asym_id 
_pdbx_refine_tls_group.end_label_seq_id 
_pdbx_refine_tls_group.selection 
'X-RAY DIFFRACTION' 1 1 A 12 A 20 
;chain 'A' and (resid   12  through   20 )
;
? ? ? ? ? 
'X-RAY DIFFRACTION' 2 2 A 21 A 26 
;chain 'A' and (resid   21  through   26 )
;
? ? ? ? ? 
'X-RAY DIFFRACTION' 3 3 A 27 A 31 
;chain 'A' and (resid   27  through   31 )
;
? ? ? ? ? 
'X-RAY DIFFRACTION' 4 4 A 32 A 39 
;chain 'A' and (resid   32  through   39 )
;
? ? ? ? ? 
'X-RAY DIFFRACTION' 5 5 A 40 A 46 
;chain 'A' and (resid   40  through   46 )
;
? ? ? ? ? 
'X-RAY DIFFRACTION' 6 6 A 47 A 53 
;chain 'A' and (resid   47  through   53 )
;
? ? ? ? ? 
'X-RAY DIFFRACTION' 7 7 A 54 A 70 
;chain 'A' and (resid   54  through   70 )
;
? ? ? ? ? 
'X-RAY DIFFRACTION' 8 8 A 71 A 83 
;chain 'A' and (resid   71  through   83 )
;
? ? ? ? ? 
'X-RAY DIFFRACTION' 9 9 A 84 A 92 
;chain 'A' and (resid   84  through   92 )
;
? ? ? ? ? 
# 
loop_
_software.citation_id 
_software.classification 
_software.compiler_name 
_software.compiler_version 
_software.contact_author 
_software.contact_author_email 
_software.date 
_software.description 
_software.dependencies 
_software.hardware 
_software.language 
_software.location 
_software.mods 
_software.name 
_software.os 
_software.os_version 
_software.type 
_software.version 
_software.pdbx_ordinal 
? refinement       ? ? ? ? ? ? ? ? ? ? ? PHENIX ? ? ? 1.8.2_1309 1 
? 'data reduction' ? ? ? ? ? ? ? ? ? ? ? XDS    ? ? ? .          2 
? 'data scaling'   ? ? ? ? ? ? ? ? ? ? ? XDS    ? ? ? .          3 
? phasing          ? ? ? ? ? ? ? ? ? ? ? PHASER ? ? ? .          4 
# 
_pdbx_validate_torsion.id              1 
_pdbx_validate_torsion.PDB_model_num   1 
_pdbx_validate_torsion.auth_comp_id    ASP 
_pdbx_validate_torsion.auth_asym_id    A 
_pdbx_validate_torsion.auth_seq_id     21 
_pdbx_validate_torsion.PDB_ins_code    ? 
_pdbx_validate_torsion.label_alt_id    ? 
_pdbx_validate_torsion.phi             46.07 
_pdbx_validate_torsion.psi             -126.28 
# 
_pdbx_unobs_or_zero_occ_residues.id               1 
_pdbx_unobs_or_zero_occ_residues.PDB_model_num    1 
_pdbx_unobs_or_zero_occ_residues.polymer_flag     Y 
_pdbx_unobs_or_zero_occ_residues.occupancy_flag   1 
_pdbx_unobs_or_zero_occ_residues.auth_asym_id     A 
_pdbx_unobs_or_zero_occ_residues.auth_comp_id     ASP 
_pdbx_unobs_or_zero_occ_residues.auth_seq_id      93 
_pdbx_unobs_or_zero_occ_residues.PDB_ins_code     ? 
_pdbx_unobs_or_zero_occ_residues.label_asym_id    A 
_pdbx_unobs_or_zero_occ_residues.label_comp_id    ASP 
_pdbx_unobs_or_zero_occ_residues.label_seq_id     82 
# 
loop_
_chem_comp_atom.comp_id 
_chem_comp_atom.atom_id 
_chem_comp_atom.type_symbol 
_chem_comp_atom.pdbx_aromatic_flag 
_chem_comp_atom.pdbx_stereo_config 
_chem_comp_atom.pdbx_ordinal 
ALA N    N N N 1   
ALA CA   C N S 2   
ALA C    C N N 3   
ALA O    O N N 4   
ALA CB   C N N 5   
ALA OXT  O N N 6   
ALA H    H N N 7   
ALA H2   H N N 8   
ALA HA   H N N 9   
ALA HB1  H N N 10  
ALA HB2  H N N 11  
ALA HB3  H N N 12  
ALA HXT  H N N 13  
ARG N    N N N 14  
ARG CA   C N S 15  
ARG C    C N N 16  
ARG O    O N N 17  
ARG CB   C N N 18  
ARG CG   C N N 19  
ARG CD   C N N 20  
ARG NE   N N N 21  
ARG CZ   C N N 22  
ARG NH1  N N N 23  
ARG NH2  N N N 24  
ARG OXT  O N N 25  
ARG H    H N N 26  
ARG H2   H N N 27  
ARG HA   H N N 28  
ARG HB2  H N N 29  
ARG HB3  H N N 30  
ARG HG2  H N N 31  
ARG HG3  H N N 32  
ARG HD2  H N N 33  
ARG HD3  H N N 34  
ARG HE   H N N 35  
ARG HH11 H N N 36  
ARG HH12 H N N 37  
ARG HH21 H N N 38  
ARG HH22 H N N 39  
ARG HXT  H N N 40  
ASN N    N N N 41  
ASN CA   C N S 42  
ASN C    C N N 43  
ASN O    O N N 44  
ASN CB   C N N 45  
ASN CG   C N N 46  
ASN OD1  O N N 47  
ASN ND2  N N N 48  
ASN OXT  O N N 49  
ASN H    H N N 50  
ASN H2   H N N 51  
ASN HA   H N N 52  
ASN HB2  H N N 53  
ASN HB3  H N N 54  
ASN HD21 H N N 55  
ASN HD22 H N N 56  
ASN HXT  H N N 57  
ASP N    N N N 58  
ASP CA   C N S 59  
ASP C    C N N 60  
ASP O    O N N 61  
ASP CB   C N N 62  
ASP CG   C N N 63  
ASP OD1  O N N 64  
ASP OD2  O N N 65  
ASP OXT  O N N 66  
ASP H    H N N 67  
ASP H2   H N N 68  
ASP HA   H N N 69  
ASP HB2  H N N 70  
ASP HB3  H N N 71  
ASP HD2  H N N 72  
ASP HXT  H N N 73  
CYS N    N N N 74  
CYS CA   C N R 75  
CYS C    C N N 76  
CYS O    O N N 77  
CYS CB   C N N 78  
CYS SG   S N N 79  
CYS OXT  O N N 80  
CYS H    H N N 81  
CYS H2   H N N 82  
CYS HA   H N N 83  
CYS HB2  H N N 84  
CYS HB3  H N N 85  
CYS HG   H N N 86  
CYS HXT  H N N 87  
GLN N    N N N 88  
GLN CA   C N S 89  
GLN C    C N N 90  
GLN O    O N N 91  
GLN CB   C N N 92  
GLN CG   C N N 93  
GLN CD   C N N 94  
GLN OE1  O N N 95  
GLN NE2  N N N 96  
GLN OXT  O N N 97  
GLN H    H N N 98  
GLN H2   H N N 99  
GLN HA   H N N 100 
GLN HB2  H N N 101 
GLN HB3  H N N 102 
GLN HG2  H N N 103 
GLN HG3  H N N 104 
GLN HE21 H N N 105 
GLN HE22 H N N 106 
GLN HXT  H N N 107 
GLU N    N N N 108 
GLU CA   C N S 109 
GLU C    C N N 110 
GLU O    O N N 111 
GLU CB   C N N 112 
GLU CG   C N N 113 
GLU CD   C N N 114 
GLU OE1  O N N 115 
GLU OE2  O N N 116 
GLU OXT  O N N 117 
GLU H    H N N 118 
GLU H2   H N N 119 
GLU HA   H N N 120 
GLU HB2  H N N 121 
GLU HB3  H N N 122 
GLU HG2  H N N 123 
GLU HG3  H N N 124 
GLU HE2  H N N 125 
GLU HXT  H N N 126 
GLY N    N N N 127 
GLY CA   C N N 128 
GLY C    C N N 129 
GLY O    O N N 130 
GLY OXT  O N N 131 
GLY H    H N N 132 
GLY H2   H N N 133 
GLY HA2  H N N 134 
GLY HA3  H N N 135 
GLY HXT  H N N 136 
HIS N    N N N 137 
HIS CA   C N S 138 
HIS C    C N N 139 
HIS O    O N N 140 
HIS CB   C N N 141 
HIS CG   C Y N 142 
HIS ND1  N Y N 143 
HIS CD2  C Y N 144 
HIS CE1  C Y N 145 
HIS NE2  N Y N 146 
HIS OXT  O N N 147 
HIS H    H N N 148 
HIS H2   H N N 149 
HIS HA   H N N 150 
HIS HB2  H N N 151 
HIS HB3  H N N 152 
HIS HD1  H N N 153 
HIS HD2  H N N 154 
HIS HE1  H N N 155 
HIS HE2  H N N 156 
HIS HXT  H N N 157 
HOH O    O N N 158 
HOH H1   H N N 159 
HOH H2   H N N 160 
ILE N    N N N 161 
ILE CA   C N S 162 
ILE C    C N N 163 
ILE O    O N N 164 
ILE CB   C N S 165 
ILE CG1  C N N 166 
ILE CG2  C N N 167 
ILE CD1  C N N 168 
ILE OXT  O N N 169 
ILE H    H N N 170 
ILE H2   H N N 171 
ILE HA   H N N 172 
ILE HB   H N N 173 
ILE HG12 H N N 174 
ILE HG13 H N N 175 
ILE HG21 H N N 176 
ILE HG22 H N N 177 
ILE HG23 H N N 178 
ILE HD11 H N N 179 
ILE HD12 H N N 180 
ILE HD13 H N N 181 
ILE HXT  H N N 182 
LEU N    N N N 183 
LEU CA   C N S 184 
LEU C    C N N 185 
LEU O    O N N 186 
LEU CB   C N N 187 
LEU CG   C N N 188 
LEU CD1  C N N 189 
LEU CD2  C N N 190 
LEU OXT  O N N 191 
LEU H    H N N 192 
LEU H2   H N N 193 
LEU HA   H N N 194 
LEU HB2  H N N 195 
LEU HB3  H N N 196 
LEU HG   H N N 197 
LEU HD11 H N N 198 
LEU HD12 H N N 199 
LEU HD13 H N N 200 
LEU HD21 H N N 201 
LEU HD22 H N N 202 
LEU HD23 H N N 203 
LEU HXT  H N N 204 
LYS N    N N N 205 
LYS CA   C N S 206 
LYS C    C N N 207 
LYS O    O N N 208 
LYS CB   C N N 209 
LYS CG   C N N 210 
LYS CD   C N N 211 
LYS CE   C N N 212 
LYS NZ   N N N 213 
LYS OXT  O N N 214 
LYS H    H N N 215 
LYS H2   H N N 216 
LYS HA   H N N 217 
LYS HB2  H N N 218 
LYS HB3  H N N 219 
LYS HG2  H N N 220 
LYS HG3  H N N 221 
LYS HD2  H N N 222 
LYS HD3  H N N 223 
LYS HE2  H N N 224 
LYS HE3  H N N 225 
LYS HZ1  H N N 226 
LYS HZ2  H N N 227 
LYS HZ3  H N N 228 
LYS HXT  H N N 229 
MET N    N N N 230 
MET CA   C N S 231 
MET C    C N N 232 
MET O    O N N 233 
MET CB   C N N 234 
MET CG   C N N 235 
MET SD   S N N 236 
MET CE   C N N 237 
MET OXT  O N N 238 
MET H    H N N 239 
MET H2   H N N 240 
MET HA   H N N 241 
MET HB2  H N N 242 
MET HB3  H N N 243 
MET HG2  H N N 244 
MET HG3  H N N 245 
MET HE1  H N N 246 
MET HE2  H N N 247 
MET HE3  H N N 248 
MET HXT  H N N 249 
PHE N    N N N 250 
PHE CA   C N S 251 
PHE C    C N N 252 
PHE O    O N N 253 
PHE CB   C N N 254 
PHE CG   C Y N 255 
PHE CD1  C Y N 256 
PHE CD2  C Y N 257 
PHE CE1  C Y N 258 
PHE CE2  C Y N 259 
PHE CZ   C Y N 260 
PHE OXT  O N N 261 
PHE H    H N N 262 
PHE H2   H N N 263 
PHE HA   H N N 264 
PHE HB2  H N N 265 
PHE HB3  H N N 266 
PHE HD1  H N N 267 
PHE HD2  H N N 268 
PHE HE1  H N N 269 
PHE HE2  H N N 270 
PHE HZ   H N N 271 
PHE HXT  H N N 272 
PRO N    N N N 273 
PRO CA   C N S 274 
PRO C    C N N 275 
PRO O    O N N 276 
PRO CB   C N N 277 
PRO CG   C N N 278 
PRO CD   C N N 279 
PRO OXT  O N N 280 
PRO H    H N N 281 
PRO HA   H N N 282 
PRO HB2  H N N 283 
PRO HB3  H N N 284 
PRO HG2  H N N 285 
PRO HG3  H N N 286 
PRO HD2  H N N 287 
PRO HD3  H N N 288 
PRO HXT  H N N 289 
SER N    N N N 290 
SER CA   C N S 291 
SER C    C N N 292 
SER O    O N N 293 
SER CB   C N N 294 
SER OG   O N N 295 
SER OXT  O N N 296 
SER H    H N N 297 
SER H2   H N N 298 
SER HA   H N N 299 
SER HB2  H N N 300 
SER HB3  H N N 301 
SER HG   H N N 302 
SER HXT  H N N 303 
THR N    N N N 304 
THR CA   C N S 305 
THR C    C N N 306 
THR O    O N N 307 
THR CB   C N R 308 
THR OG1  O N N 309 
THR CG2  C N N 310 
THR OXT  O N N 311 
THR H    H N N 312 
THR H2   H N N 313 
THR HA   H N N 314 
THR HB   H N N 315 
THR HG1  H N N 316 
THR HG21 H N N 317 
THR HG22 H N N 318 
THR HG23 H N N 319 
THR HXT  H N N 320 
TRP N    N N N 321 
TRP CA   C N S 322 
TRP C    C N N 323 
TRP O    O N N 324 
TRP CB   C N N 325 
TRP CG   C Y N 326 
TRP CD1  C Y N 327 
TRP CD2  C Y N 328 
TRP NE1  N Y N 329 
TRP CE2  C Y N 330 
TRP CE3  C Y N 331 
TRP CZ2  C Y N 332 
TRP CZ3  C Y N 333 
TRP CH2  C Y N 334 
TRP OXT  O N N 335 
TRP H    H N N 336 
TRP H2   H N N 337 
TRP HA   H N N 338 
TRP HB2  H N N 339 
TRP HB3  H N N 340 
TRP HD1  H N N 341 
TRP HE1  H N N 342 
TRP HE3  H N N 343 
TRP HZ2  H N N 344 
TRP HZ3  H N N 345 
TRP HH2  H N N 346 
TRP HXT  H N N 347 
TYR N    N N N 348 
TYR CA   C N S 349 
TYR C    C N N 350 
TYR O    O N N 351 
TYR CB   C N N 352 
TYR CG   C Y N 353 
TYR CD1  C Y N 354 
TYR CD2  C Y N 355 
TYR CE1  C Y N 356 
TYR CE2  C Y N 357 
TYR CZ   C Y N 358 
TYR OH   O N N 359 
TYR OXT  O N N 360 
TYR H    H N N 361 
TYR H2   H N N 362 
TYR HA   H N N 363 
TYR HB2  H N N 364 
TYR HB3  H N N 365 
TYR HD1  H N N 366 
TYR HD2  H N N 367 
TYR HE1  H N N 368 
TYR HE2  H N N 369 
TYR HH   H N N 370 
TYR HXT  H N N 371 
VAL N    N N N 372 
VAL CA   C N S 373 
VAL C    C N N 374 
VAL O    O N N 375 
VAL CB   C N N 376 
VAL CG1  C N N 377 
VAL CG2  C N N 378 
VAL OXT  O N N 379 
VAL H    H N N 380 
VAL H2   H N N 381 
VAL HA   H N N 382 
VAL HB   H N N 383 
VAL HG11 H N N 384 
VAL HG12 H N N 385 
VAL HG13 H N N 386 
VAL HG21 H N N 387 
VAL HG22 H N N 388 
VAL HG23 H N N 389 
VAL HXT  H N N 390 
# 
loop_
_chem_comp_bond.comp_id 
_chem_comp_bond.atom_id_1 
_chem_comp_bond.atom_id_2 
_chem_comp_bond.value_order 
_chem_comp_bond.pdbx_aromatic_flag 
_chem_comp_bond.pdbx_stereo_config 
_chem_comp_bond.pdbx_ordinal 
ALA N   CA   sing N N 1   
ALA N   H    sing N N 2   
ALA N   H2   sing N N 3   
ALA CA  C    sing N N 4   
ALA CA  CB   sing N N 5   
ALA CA  HA   sing N N 6   
ALA C   O    doub N N 7   
ALA C   OXT  sing N N 8   
ALA CB  HB1  sing N N 9   
ALA CB  HB2  sing N N 10  
ALA CB  HB3  sing N N 11  
ALA OXT HXT  sing N N 12  
ARG N   CA   sing N N 13  
ARG N   H    sing N N 14  
ARG N   H2   sing N N 15  
ARG CA  C    sing N N 16  
ARG CA  CB   sing N N 17  
ARG CA  HA   sing N N 18  
ARG C   O    doub N N 19  
ARG C   OXT  sing N N 20  
ARG CB  CG   sing N N 21  
ARG CB  HB2  sing N N 22  
ARG CB  HB3  sing N N 23  
ARG CG  CD   sing N N 24  
ARG CG  HG2  sing N N 25  
ARG CG  HG3  sing N N 26  
ARG CD  NE   sing N N 27  
ARG CD  HD2  sing N N 28  
ARG CD  HD3  sing N N 29  
ARG NE  CZ   sing N N 30  
ARG NE  HE   sing N N 31  
ARG CZ  NH1  sing N N 32  
ARG CZ  NH2  doub N N 33  
ARG NH1 HH11 sing N N 34  
ARG NH1 HH12 sing N N 35  
ARG NH2 HH21 sing N N 36  
ARG NH2 HH22 sing N N 37  
ARG OXT HXT  sing N N 38  
ASN N   CA   sing N N 39  
ASN N   H    sing N N 40  
ASN N   H2   sing N N 41  
ASN CA  C    sing N N 42  
ASN CA  CB   sing N N 43  
ASN CA  HA   sing N N 44  
ASN C   O    doub N N 45  
ASN C   OXT  sing N N 46  
ASN CB  CG   sing N N 47  
ASN CB  HB2  sing N N 48  
ASN CB  HB3  sing N N 49  
ASN CG  OD1  doub N N 50  
ASN CG  ND2  sing N N 51  
ASN ND2 HD21 sing N N 52  
ASN ND2 HD22 sing N N 53  
ASN OXT HXT  sing N N 54  
ASP N   CA   sing N N 55  
ASP N   H    sing N N 56  
ASP N   H2   sing N N 57  
ASP CA  C    sing N N 58  
ASP CA  CB   sing N N 59  
ASP CA  HA   sing N N 60  
ASP C   O    doub N N 61  
ASP C   OXT  sing N N 62  
ASP CB  CG   sing N N 63  
ASP CB  HB2  sing N N 64  
ASP CB  HB3  sing N N 65  
ASP CG  OD1  doub N N 66  
ASP CG  OD2  sing N N 67  
ASP OD2 HD2  sing N N 68  
ASP OXT HXT  sing N N 69  
CYS N   CA   sing N N 70  
CYS N   H    sing N N 71  
CYS N   H2   sing N N 72  
CYS CA  C    sing N N 73  
CYS CA  CB   sing N N 74  
CYS CA  HA   sing N N 75  
CYS C   O    doub N N 76  
CYS C   OXT  sing N N 77  
CYS CB  SG   sing N N 78  
CYS CB  HB2  sing N N 79  
CYS CB  HB3  sing N N 80  
CYS SG  HG   sing N N 81  
CYS OXT HXT  sing N N 82  
GLN N   CA   sing N N 83  
GLN N   H    sing N N 84  
GLN N   H2   sing N N 85  
GLN CA  C    sing N N 86  
GLN CA  CB   sing N N 87  
GLN CA  HA   sing N N 88  
GLN C   O    doub N N 89  
GLN C   OXT  sing N N 90  
GLN CB  CG   sing N N 91  
GLN CB  HB2  sing N N 92  
GLN CB  HB3  sing N N 93  
GLN CG  CD   sing N N 94  
GLN CG  HG2  sing N N 95  
GLN CG  HG3  sing N N 96  
GLN CD  OE1  doub N N 97  
GLN CD  NE2  sing N N 98  
GLN NE2 HE21 sing N N 99  
GLN NE2 HE22 sing N N 100 
GLN OXT HXT  sing N N 101 
GLU N   CA   sing N N 102 
GLU N   H    sing N N 103 
GLU N   H2   sing N N 104 
GLU CA  C    sing N N 105 
GLU CA  CB   sing N N 106 
GLU CA  HA   sing N N 107 
GLU C   O    doub N N 108 
GLU C   OXT  sing N N 109 
GLU CB  CG   sing N N 110 
GLU CB  HB2  sing N N 111 
GLU CB  HB3  sing N N 112 
GLU CG  CD   sing N N 113 
GLU CG  HG2  sing N N 114 
GLU CG  HG3  sing N N 115 
GLU CD  OE1  doub N N 116 
GLU CD  OE2  sing N N 117 
GLU OE2 HE2  sing N N 118 
GLU OXT HXT  sing N N 119 
GLY N   CA   sing N N 120 
GLY N   H    sing N N 121 
GLY N   H2   sing N N 122 
GLY CA  C    sing N N 123 
GLY CA  HA2  sing N N 124 
GLY CA  HA3  sing N N 125 
GLY C   O    doub N N 126 
GLY C   OXT  sing N N 127 
GLY OXT HXT  sing N N 128 
HIS N   CA   sing N N 129 
HIS N   H    sing N N 130 
HIS N   H2   sing N N 131 
HIS CA  C    sing N N 132 
HIS CA  CB   sing N N 133 
HIS CA  HA   sing N N 134 
HIS C   O    doub N N 135 
HIS C   OXT  sing N N 136 
HIS CB  CG   sing N N 137 
HIS CB  HB2  sing N N 138 
HIS CB  HB3  sing N N 139 
HIS CG  ND1  sing Y N 140 
HIS CG  CD2  doub Y N 141 
HIS ND1 CE1  doub Y N 142 
HIS ND1 HD1  sing N N 143 
HIS CD2 NE2  sing Y N 144 
HIS CD2 HD2  sing N N 145 
HIS CE1 NE2  sing Y N 146 
HIS CE1 HE1  sing N N 147 
HIS NE2 HE2  sing N N 148 
HIS OXT HXT  sing N N 149 
HOH O   H1   sing N N 150 
HOH O   H2   sing N N 151 
ILE N   CA   sing N N 152 
ILE N   H    sing N N 153 
ILE N   H2   sing N N 154 
ILE CA  C    sing N N 155 
ILE CA  CB   sing N N 156 
ILE CA  HA   sing N N 157 
ILE C   O    doub N N 158 
ILE C   OXT  sing N N 159 
ILE CB  CG1  sing N N 160 
ILE CB  CG2  sing N N 161 
ILE CB  HB   sing N N 162 
ILE CG1 CD1  sing N N 163 
ILE CG1 HG12 sing N N 164 
ILE CG1 HG13 sing N N 165 
ILE CG2 HG21 sing N N 166 
ILE CG2 HG22 sing N N 167 
ILE CG2 HG23 sing N N 168 
ILE CD1 HD11 sing N N 169 
ILE CD1 HD12 sing N N 170 
ILE CD1 HD13 sing N N 171 
ILE OXT HXT  sing N N 172 
LEU N   CA   sing N N 173 
LEU N   H    sing N N 174 
LEU N   H2   sing N N 175 
LEU CA  C    sing N N 176 
LEU CA  CB   sing N N 177 
LEU CA  HA   sing N N 178 
LEU C   O    doub N N 179 
LEU C   OXT  sing N N 180 
LEU CB  CG   sing N N 181 
LEU CB  HB2  sing N N 182 
LEU CB  HB3  sing N N 183 
LEU CG  CD1  sing N N 184 
LEU CG  CD2  sing N N 185 
LEU CG  HG   sing N N 186 
LEU CD1 HD11 sing N N 187 
LEU CD1 HD12 sing N N 188 
LEU CD1 HD13 sing N N 189 
LEU CD2 HD21 sing N N 190 
LEU CD2 HD22 sing N N 191 
LEU CD2 HD23 sing N N 192 
LEU OXT HXT  sing N N 193 
LYS N   CA   sing N N 194 
LYS N   H    sing N N 195 
LYS N   H2   sing N N 196 
LYS CA  C    sing N N 197 
LYS CA  CB   sing N N 198 
LYS CA  HA   sing N N 199 
LYS C   O    doub N N 200 
LYS C   OXT  sing N N 201 
LYS CB  CG   sing N N 202 
LYS CB  HB2  sing N N 203 
LYS CB  HB3  sing N N 204 
LYS CG  CD   sing N N 205 
LYS CG  HG2  sing N N 206 
LYS CG  HG3  sing N N 207 
LYS CD  CE   sing N N 208 
LYS CD  HD2  sing N N 209 
LYS CD  HD3  sing N N 210 
LYS CE  NZ   sing N N 211 
LYS CE  HE2  sing N N 212 
LYS CE  HE3  sing N N 213 
LYS NZ  HZ1  sing N N 214 
LYS NZ  HZ2  sing N N 215 
LYS NZ  HZ3  sing N N 216 
LYS OXT HXT  sing N N 217 
MET N   CA   sing N N 218 
MET N   H    sing N N 219 
MET N   H2   sing N N 220 
MET CA  C    sing N N 221 
MET CA  CB   sing N N 222 
MET CA  HA   sing N N 223 
MET C   O    doub N N 224 
MET C   OXT  sing N N 225 
MET CB  CG   sing N N 226 
MET CB  HB2  sing N N 227 
MET CB  HB3  sing N N 228 
MET CG  SD   sing N N 229 
MET CG  HG2  sing N N 230 
MET CG  HG3  sing N N 231 
MET SD  CE   sing N N 232 
MET CE  HE1  sing N N 233 
MET CE  HE2  sing N N 234 
MET CE  HE3  sing N N 235 
MET OXT HXT  sing N N 236 
PHE N   CA   sing N N 237 
PHE N   H    sing N N 238 
PHE N   H2   sing N N 239 
PHE CA  C    sing N N 240 
PHE CA  CB   sing N N 241 
PHE CA  HA   sing N N 242 
PHE C   O    doub N N 243 
PHE C   OXT  sing N N 244 
PHE CB  CG   sing N N 245 
PHE CB  HB2  sing N N 246 
PHE CB  HB3  sing N N 247 
PHE CG  CD1  doub Y N 248 
PHE CG  CD2  sing Y N 249 
PHE CD1 CE1  sing Y N 250 
PHE CD1 HD1  sing N N 251 
PHE CD2 CE2  doub Y N 252 
PHE CD2 HD2  sing N N 253 
PHE CE1 CZ   doub Y N 254 
PHE CE1 HE1  sing N N 255 
PHE CE2 CZ   sing Y N 256 
PHE CE2 HE2  sing N N 257 
PHE CZ  HZ   sing N N 258 
PHE OXT HXT  sing N N 259 
PRO N   CA   sing N N 260 
PRO N   CD   sing N N 261 
PRO N   H    sing N N 262 
PRO CA  C    sing N N 263 
PRO CA  CB   sing N N 264 
PRO CA  HA   sing N N 265 
PRO C   O    doub N N 266 
PRO C   OXT  sing N N 267 
PRO CB  CG   sing N N 268 
PRO CB  HB2  sing N N 269 
PRO CB  HB3  sing N N 270 
PRO CG  CD   sing N N 271 
PRO CG  HG2  sing N N 272 
PRO CG  HG3  sing N N 273 
PRO CD  HD2  sing N N 274 
PRO CD  HD3  sing N N 275 
PRO OXT HXT  sing N N 276 
SER N   CA   sing N N 277 
SER N   H    sing N N 278 
SER N   H2   sing N N 279 
SER CA  C    sing N N 280 
SER CA  CB   sing N N 281 
SER CA  HA   sing N N 282 
SER C   O    doub N N 283 
SER C   OXT  sing N N 284 
SER CB  OG   sing N N 285 
SER CB  HB2  sing N N 286 
SER CB  HB3  sing N N 287 
SER OG  HG   sing N N 288 
SER OXT HXT  sing N N 289 
THR N   CA   sing N N 290 
THR N   H    sing N N 291 
THR N   H2   sing N N 292 
THR CA  C    sing N N 293 
THR CA  CB   sing N N 294 
THR CA  HA   sing N N 295 
THR C   O    doub N N 296 
THR C   OXT  sing N N 297 
THR CB  OG1  sing N N 298 
THR CB  CG2  sing N N 299 
THR CB  HB   sing N N 300 
THR OG1 HG1  sing N N 301 
THR CG2 HG21 sing N N 302 
THR CG2 HG22 sing N N 303 
THR CG2 HG23 sing N N 304 
THR OXT HXT  sing N N 305 
TRP N   CA   sing N N 306 
TRP N   H    sing N N 307 
TRP N   H2   sing N N 308 
TRP CA  C    sing N N 309 
TRP CA  CB   sing N N 310 
TRP CA  HA   sing N N 311 
TRP C   O    doub N N 312 
TRP C   OXT  sing N N 313 
TRP CB  CG   sing N N 314 
TRP CB  HB2  sing N N 315 
TRP CB  HB3  sing N N 316 
TRP CG  CD1  doub Y N 317 
TRP CG  CD2  sing Y N 318 
TRP CD1 NE1  sing Y N 319 
TRP CD1 HD1  sing N N 320 
TRP CD2 CE2  doub Y N 321 
TRP CD2 CE3  sing Y N 322 
TRP NE1 CE2  sing Y N 323 
TRP NE1 HE1  sing N N 324 
TRP CE2 CZ2  sing Y N 325 
TRP CE3 CZ3  doub Y N 326 
TRP CE3 HE3  sing N N 327 
TRP CZ2 CH2  doub Y N 328 
TRP CZ2 HZ2  sing N N 329 
TRP CZ3 CH2  sing Y N 330 
TRP CZ3 HZ3  sing N N 331 
TRP CH2 HH2  sing N N 332 
TRP OXT HXT  sing N N 333 
TYR N   CA   sing N N 334 
TYR N   H    sing N N 335 
TYR N   H2   sing N N 336 
TYR CA  C    sing N N 337 
TYR CA  CB   sing N N 338 
TYR CA  HA   sing N N 339 
TYR C   O    doub N N 340 
TYR C   OXT  sing N N 341 
TYR CB  CG   sing N N 342 
TYR CB  HB2  sing N N 343 
TYR CB  HB3  sing N N 344 
TYR CG  CD1  doub Y N 345 
TYR CG  CD2  sing Y N 346 
TYR CD1 CE1  sing Y N 347 
TYR CD1 HD1  sing N N 348 
TYR CD2 CE2  doub Y N 349 
TYR CD2 HD2  sing N N 350 
TYR CE1 CZ   doub Y N 351 
TYR CE1 HE1  sing N N 352 
TYR CE2 CZ   sing Y N 353 
TYR CE2 HE2  sing N N 354 
TYR CZ  OH   sing N N 355 
TYR OH  HH   sing N N 356 
TYR OXT HXT  sing N N 357 
VAL N   CA   sing N N 358 
VAL N   H    sing N N 359 
VAL N   H2   sing N N 360 
VAL CA  C    sing N N 361 
VAL CA  CB   sing N N 362 
VAL CA  HA   sing N N 363 
VAL C   O    doub N N 364 
VAL C   OXT  sing N N 365 
VAL CB  CG1  sing N N 366 
VAL CB  CG2  sing N N 367 
VAL CB  HB   sing N N 368 
VAL CG1 HG11 sing N N 369 
VAL CG1 HG12 sing N N 370 
VAL CG1 HG13 sing N N 371 
VAL CG2 HG21 sing N N 372 
VAL CG2 HG22 sing N N 373 
VAL CG2 HG23 sing N N 374 
VAL OXT HXT  sing N N 375 
# 
loop_
_pdbx_audit_support.funding_organization 
_pdbx_audit_support.country 
_pdbx_audit_support.grant_number 
_pdbx_audit_support.ordinal 
? Japan 23121526 1 
? Japan 25121731 2 
# 
_pdbx_entity_nonpoly.entity_id   2 
_pdbx_entity_nonpoly.name        water 
_pdbx_entity_nonpoly.comp_id     HOH 
# 
_pdbx_initial_refinement_model.id               1 
_pdbx_initial_refinement_model.entity_id_list   ? 
_pdbx_initial_refinement_model.type             'experimental model' 
_pdbx_initial_refinement_model.source_name      PDB 
_pdbx_initial_refinement_model.accession_code   4WIP 
_pdbx_initial_refinement_model.details          ? 
# 
_pdbx_struct_assembly_auth_evidence.id                     1 
_pdbx_struct_assembly_auth_evidence.assembly_id            1 
_pdbx_struct_assembly_auth_evidence.experimental_support   none 
_pdbx_struct_assembly_auth_evidence.details                ? 
# 
_space_group.crystal_system   hexagonal 
_space_group.name_H-M_alt     'P 61' 
_space_group.IT_number        169 
_space_group.name_Hall        'P 61' 
_space_group.id               1 
# 
